data_5KSB
#
_entry.id   5KSB
#
_cell.length_a   115.890
_cell.length_b   125.050
_cell.length_c   165.630
_cell.angle_alpha   90.00
_cell.angle_beta   90.00
_cell.angle_gamma   90.00
#
_symmetry.space_group_name_H-M   'P 21 21 21'
#
loop_
_entity.id
_entity.type
_entity.pdbx_description
1 polymer 'HLA class II histocompatibility antigen, DQ alpha 1 chain'
2 polymer 'HLA class II histocompatibility antigen, DQ beta 1 chain'
3 polymer 'T15 TCR alpha TRAV20*02'
4 polymer 'T15 TCR beta TRBV9*01'
5 polymer 'DQ8.5-glia-gamma1 peptide'
6 branched 2-acetamido-2-deoxy-beta-D-glucopyranose-(1-4)-2-acetamido-2-deoxy-beta-D-glucopyranose
7 non-polymer 2-acetamido-2-deoxy-beta-D-glucopyranose
8 water water
#
loop_
_entity_poly.entity_id
_entity_poly.type
_entity_poly.pdbx_seq_one_letter_code
_entity_poly.pdbx_strand_id
1 'polypeptide(L)'
;EDIVADHVASYGVNLYQSYGPSGQYTHEFDGDEQFYVDLGRKETVWSLPVLRQFRFDPQFALTNIAVLKHNLNSLIKRSN
STAATNEVPEVTVFSKSPVTLGQPNILICLVDNIFPPVVNITWLSNGHSVTEGVSETSFLSKSDHSFFKISYLTLLPSAE
ESYDCKVEHWGLDKPLLKHWEPETSGDDDDK
;
A,C
2 'polypeptide(L)'
;QPQQSFPEQEGSGGSIEGRGGSGASRDSPEDFVYQFKGMCYFTNGTERVRLVTRYIYNREEYARFDSDVGVYRAVTPLGP
PAAEYWNSQKEVLERTRAELDTVCRHNYQLELRTTLQRRVEPTVTISPSRTEALNHHNLLVCSVTDFYPAQIKVRWFRND
QEETTGVVSTPLIRNGDWTFQILVMLEMTPQRGDVYTCHVEHPSLQNPIIVEWRAQSTGGDDDDK
;
B,D
3 'polypeptide(L)'
;MEDQVTQSPEALRLQEGESSSLNCSYTVSGLRGLFWYRQDPGKGPEFLFTLYSAGEEKEKERLKATLTKKESFLHITAPK
PEDSATYLCAVQASGGSYIPTFGRGTSLIVHPYIQNPDPAVYQLRDSKSSDKSVCLFTDFDSQTNVSQSKDSDVYITDKC
VLDMRSMDFKSNSAVAWSNKSDFACANAFNNSIIPEDTFFPSPESS
;
E,G
4 'polypeptide(L)'
;MGVTQTPKHLITATGQRVTLRCSPRSGDLSVYWYQQSLDQGLQFLIQYYNGEERAKGNILERFSAQQFPDLHSELNLSSL
ELGDSALYFCASSNRGLGTDTQYFGPGTRLTVLEDLKNVFPPEVAVFEPSEAEISHTQKATLVCLATGFFPDHVELSWWV
NGKEVHSGVCTDPQPLKEQPALNDSRYALSSRLRVSATFWQNPRNHFRCQVQFYGLSENDEWTQDRAKPVTQIVSAEAWG
RAD
;
F,H
5 'polypeptide(L)' GPQQSFPEQEA I,J
#
loop_
_chem_comp.id
_chem_comp.type
_chem_comp.name
_chem_comp.formula
NAG D-saccharide, beta linking 2-acetamido-2-deoxy-beta-D-glucopyranose 'C8 H15 N O6'
#
# COMPACT_ATOMS: atom_id res chain seq x y z
N ASP A 2 31.76 -2.19 28.54
CA ASP A 2 31.46 -3.40 27.76
C ASP A 2 30.43 -4.29 28.48
N ILE A 3 29.68 -5.11 27.69
CA ILE A 3 28.65 -6.02 28.20
C ILE A 3 29.31 -7.26 28.81
N VAL A 4 29.04 -7.51 30.11
CA VAL A 4 29.58 -8.67 30.83
C VAL A 4 28.56 -9.84 30.72
N ALA A 5 29.05 -11.00 30.24
CA ALA A 5 28.26 -12.22 30.05
C ALA A 5 29.13 -13.47 30.15
N ASP A 6 28.56 -14.59 30.65
CA ASP A 6 29.24 -15.87 30.75
C ASP A 6 29.71 -16.35 29.38
N HIS A 7 28.81 -16.28 28.37
CA HIS A 7 29.07 -16.65 26.98
C HIS A 7 28.59 -15.56 26.03
N VAL A 8 29.41 -15.28 25.01
CA VAL A 8 29.14 -14.29 23.96
C VAL A 8 29.21 -14.99 22.60
N ALA A 9 28.16 -14.82 21.77
CA ALA A 9 28.13 -15.45 20.45
C ALA A 9 27.61 -14.52 19.37
N SER A 10 28.17 -14.65 18.16
CA SER A 10 27.76 -13.91 16.96
C SER A 10 27.14 -14.87 15.97
N TYR A 11 25.85 -14.67 15.66
CA TYR A 11 25.12 -15.50 14.71
C TYR A 11 24.48 -14.64 13.61
N GLY A 12 25.28 -14.07 12.70
CA GLY A 12 26.73 -14.19 12.68
C GLY A 12 27.42 -12.88 12.38
N VAL A 13 28.68 -12.97 11.96
CA VAL A 13 29.48 -11.82 11.56
C VAL A 13 29.33 -11.69 10.06
N ASN A 14 28.61 -10.66 9.64
CA ASN A 14 28.35 -10.32 8.25
C ASN A 14 29.29 -9.21 7.83
N LEU A 15 30.05 -9.39 6.75
CA LEU A 15 31.03 -8.42 6.29
C LEU A 15 31.00 -8.24 4.77
N TYR A 16 31.10 -6.98 4.31
CA TYR A 16 31.13 -6.62 2.89
C TYR A 16 31.93 -5.34 2.69
N GLN A 17 32.82 -5.33 1.67
CA GLN A 17 33.67 -4.19 1.36
C GLN A 17 33.78 -3.91 -0.14
N SER A 18 34.03 -2.64 -0.50
CA SER A 18 34.19 -2.16 -1.87
C SER A 18 35.46 -2.70 -2.57
N TYR A 19 36.46 -3.18 -1.80
CA TYR A 19 37.68 -3.74 -2.38
C TYR A 19 37.42 -5.17 -2.89
N GLY A 20 37.33 -5.30 -4.20
CA GLY A 20 37.07 -6.57 -4.88
C GLY A 20 35.87 -6.54 -5.80
N PRO A 21 34.61 -6.50 -5.28
CA PRO A 21 34.20 -6.48 -3.87
C PRO A 21 34.35 -7.84 -3.22
N SER A 22 34.40 -7.87 -1.89
CA SER A 22 34.55 -9.11 -1.15
C SER A 22 33.57 -9.18 0.03
N GLY A 23 33.17 -10.40 0.37
CA GLY A 23 32.27 -10.66 1.48
C GLY A 23 32.79 -11.74 2.41
N GLN A 24 32.22 -11.81 3.63
CA GLN A 24 32.58 -12.84 4.59
C GLN A 24 31.42 -13.11 5.54
N TYR A 25 31.03 -14.37 5.64
CA TYR A 25 29.98 -14.77 6.59
C TYR A 25 30.57 -15.82 7.53
N THR A 26 30.51 -15.54 8.84
CA THR A 26 31.02 -16.42 9.90
C THR A 26 30.07 -16.45 11.11
N HIS A 27 30.23 -17.47 11.96
CA HIS A 27 29.54 -17.57 13.24
C HIS A 27 30.59 -17.73 14.31
N GLU A 28 30.44 -17.03 15.43
CA GLU A 28 31.43 -17.11 16.48
C GLU A 28 30.82 -17.52 17.80
N PHE A 29 31.59 -18.29 18.59
CA PHE A 29 31.19 -18.69 19.94
C PHE A 29 32.36 -18.56 20.88
N ASP A 30 32.26 -17.58 21.81
CA ASP A 30 33.24 -17.21 22.84
C ASP A 30 34.60 -16.85 22.21
N GLY A 31 34.54 -16.12 21.09
CA GLY A 31 35.71 -15.64 20.37
C GLY A 31 36.31 -16.62 19.37
N ASP A 32 35.68 -17.79 19.20
CA ASP A 32 36.15 -18.83 18.28
C ASP A 32 35.19 -18.96 17.11
N GLU A 33 35.75 -19.15 15.90
CA GLU A 33 35.00 -19.31 14.65
C GLU A 33 34.36 -20.70 14.61
N GLN A 34 33.02 -20.73 14.62
CA GLN A 34 32.21 -21.95 14.54
C GLN A 34 32.29 -22.49 13.13
N PHE A 35 32.15 -21.59 12.14
CA PHE A 35 32.21 -21.88 10.70
C PHE A 35 32.25 -20.59 9.88
N TYR A 36 32.53 -20.75 8.59
CA TYR A 36 32.49 -19.70 7.59
C TYR A 36 31.79 -20.24 6.36
N VAL A 37 31.34 -19.34 5.49
CA VAL A 37 30.73 -19.72 4.23
C VAL A 37 31.61 -19.21 3.09
N ASP A 38 32.15 -20.14 2.29
CA ASP A 38 32.96 -19.82 1.11
C ASP A 38 31.98 -19.37 0.04
N LEU A 39 31.84 -18.05 -0.13
CA LEU A 39 30.87 -17.43 -1.04
C LEU A 39 31.16 -17.74 -2.52
N GLY A 40 32.45 -17.84 -2.87
CA GLY A 40 32.89 -18.19 -4.21
C GLY A 40 32.58 -19.63 -4.55
N ARG A 41 32.90 -20.54 -3.60
CA ARG A 41 32.68 -21.99 -3.72
C ARG A 41 31.24 -22.44 -3.38
N LYS A 42 30.42 -21.53 -2.78
CA LYS A 42 29.04 -21.77 -2.32
C LYS A 42 29.01 -23.03 -1.38
N GLU A 43 29.84 -23.00 -0.32
CA GLU A 43 30.04 -24.09 0.63
C GLU A 43 30.22 -23.60 2.07
N THR A 44 29.65 -24.35 3.03
CA THR A 44 29.79 -24.04 4.44
C THR A 44 30.98 -24.86 4.97
N VAL A 45 31.97 -24.19 5.58
CA VAL A 45 33.18 -24.84 6.08
C VAL A 45 33.21 -24.77 7.60
N TRP A 46 33.17 -25.94 8.26
CA TRP A 46 33.17 -26.06 9.72
C TRP A 46 34.58 -26.08 10.32
N SER A 47 34.67 -25.68 11.57
CA SER A 47 35.92 -25.55 12.29
C SER A 47 35.93 -26.38 13.59
N LEU A 48 34.94 -27.22 13.78
CA LEU A 48 34.80 -28.19 14.86
C LEU A 48 34.13 -29.46 14.33
N PRO A 49 34.72 -30.64 14.56
CA PRO A 49 34.08 -31.88 14.04
C PRO A 49 32.66 -32.12 14.56
N VAL A 50 32.31 -31.63 15.78
CA VAL A 50 30.98 -31.81 16.38
C VAL A 50 29.92 -31.00 15.60
N LEU A 51 30.34 -29.83 15.09
CA LEU A 51 29.52 -28.87 14.37
C LEU A 51 29.26 -29.26 12.91
N ARG A 52 30.16 -30.09 12.33
CA ARG A 52 30.16 -30.48 10.93
C ARG A 52 28.87 -31.14 10.45
N GLN A 53 28.10 -31.76 11.36
CA GLN A 53 26.88 -32.44 10.94
C GLN A 53 25.68 -31.48 10.84
N PHE A 54 25.84 -30.21 11.26
CA PHE A 54 24.76 -29.23 11.13
C PHE A 54 24.58 -28.86 9.65
N ARG A 55 23.36 -28.52 9.28
CA ARG A 55 23.05 -28.18 7.90
C ARG A 55 22.80 -26.69 7.78
N PHE A 56 23.86 -25.93 7.47
CA PHE A 56 23.76 -24.51 7.24
C PHE A 56 23.94 -24.27 5.75
N ASP A 57 22.89 -23.78 5.10
CA ASP A 57 22.84 -23.54 3.66
C ASP A 57 23.71 -22.32 3.31
N PRO A 58 24.69 -22.50 2.40
CA PRO A 58 25.54 -21.37 1.98
C PRO A 58 24.74 -20.21 1.37
N GLN A 59 23.54 -20.49 0.79
CA GLN A 59 22.63 -19.51 0.20
C GLN A 59 22.26 -18.43 1.21
N PHE A 60 21.98 -18.83 2.47
CA PHE A 60 21.62 -17.97 3.61
C PHE A 60 22.71 -16.93 3.92
N ALA A 61 23.96 -17.20 3.53
CA ALA A 61 25.05 -16.25 3.71
C ALA A 61 25.04 -15.23 2.57
N LEU A 62 24.97 -15.73 1.31
CA LEU A 62 24.90 -14.95 0.07
C LEU A 62 23.69 -13.99 0.11
N THR A 63 22.60 -14.47 0.74
CA THR A 63 21.30 -13.84 0.89
C THR A 63 21.44 -12.61 1.84
N ASN A 64 22.21 -12.72 2.94
CA ASN A 64 22.41 -11.63 3.91
C ASN A 64 23.40 -10.61 3.39
N ILE A 65 24.54 -11.07 2.82
CA ILE A 65 25.58 -10.22 2.24
C ILE A 65 24.95 -9.27 1.19
N ALA A 66 23.91 -9.73 0.45
CA ALA A 66 23.19 -8.92 -0.55
C ALA A 66 22.56 -7.67 0.07
N VAL A 67 22.07 -7.76 1.32
CA VAL A 67 21.46 -6.64 2.06
C VAL A 67 22.60 -5.69 2.49
N LEU A 68 23.76 -6.26 2.87
CA LEU A 68 24.94 -5.47 3.26
C LEU A 68 25.50 -4.69 2.07
N LYS A 69 25.44 -5.30 0.86
CA LYS A 69 25.86 -4.67 -0.39
C LYS A 69 25.03 -3.40 -0.61
N HIS A 70 23.71 -3.49 -0.36
CA HIS A 70 22.76 -2.39 -0.49
C HIS A 70 23.01 -1.32 0.57
N ASN A 71 23.16 -1.74 1.84
CA ASN A 71 23.37 -0.88 3.00
C ASN A 71 24.65 -0.07 2.87
N LEU A 72 25.75 -0.68 2.36
CA LEU A 72 27.03 0.00 2.16
C LEU A 72 26.89 1.16 1.14
N ASN A 73 26.17 0.93 0.01
CA ASN A 73 25.90 1.93 -1.02
C ASN A 73 25.19 3.14 -0.42
N SER A 74 24.20 2.89 0.45
CA SER A 74 23.40 3.88 1.15
C SER A 74 24.23 4.71 2.13
N LEU A 75 25.21 4.06 2.81
CA LEU A 75 26.05 4.74 3.79
C LEU A 75 27.26 5.43 3.17
N ILE A 76 27.62 5.06 1.92
CA ILE A 76 28.66 5.76 1.16
C ILE A 76 28.05 7.11 0.77
N LYS A 77 26.74 7.11 0.42
CA LYS A 77 25.99 8.31 0.07
C LYS A 77 25.73 9.21 1.30
N ARG A 78 25.60 8.59 2.48
CA ARG A 78 25.29 9.25 3.76
C ARG A 78 26.53 9.91 4.38
N SER A 79 27.67 9.20 4.39
CA SER A 79 28.90 9.71 4.98
C SER A 79 29.62 10.72 4.08
N ASN A 80 29.04 11.04 2.89
CA ASN A 80 29.63 11.91 1.86
C ASN A 80 30.94 11.24 1.35
N SER A 81 30.87 9.89 1.19
CA SER A 81 31.89 8.95 0.76
C SER A 81 33.16 9.02 1.64
N THR A 82 33.04 8.51 2.89
CA THR A 82 34.12 8.49 3.87
C THR A 82 34.71 7.07 3.92
N ALA A 83 35.93 6.95 3.38
CA ALA A 83 36.67 5.70 3.31
C ALA A 83 37.15 5.26 4.70
N ALA A 84 37.38 3.95 4.84
CA ALA A 84 37.86 3.35 6.08
C ALA A 84 39.31 3.78 6.33
N THR A 85 39.65 3.98 7.61
CA THR A 85 41.00 4.35 8.01
C THR A 85 41.83 3.06 8.17
N ASN A 86 43.04 3.05 7.58
CA ASN A 86 43.95 1.91 7.69
C ASN A 86 44.56 1.92 9.10
N GLU A 87 44.60 0.74 9.75
CA GLU A 87 45.14 0.56 11.10
C GLU A 87 46.47 -0.17 11.06
N VAL A 88 47.29 0.00 12.10
CA VAL A 88 48.57 -0.67 12.22
C VAL A 88 48.34 -2.00 12.96
N PRO A 89 48.65 -3.15 12.33
CA PRO A 89 48.41 -4.44 13.00
C PRO A 89 49.53 -4.85 13.95
N GLU A 90 49.17 -5.57 15.03
CA GLU A 90 50.07 -6.10 16.05
C GLU A 90 50.34 -7.56 15.77
N VAL A 91 51.58 -7.90 15.38
CA VAL A 91 51.94 -9.27 15.02
C VAL A 91 52.74 -9.92 16.17
N THR A 92 52.30 -11.13 16.58
CA THR A 92 52.90 -11.93 17.64
C THR A 92 53.07 -13.36 17.14
N VAL A 93 54.29 -13.91 17.25
CA VAL A 93 54.59 -15.28 16.84
C VAL A 93 54.90 -16.09 18.11
N PHE A 94 54.27 -17.27 18.23
CA PHE A 94 54.44 -18.18 19.37
C PHE A 94 54.08 -19.62 18.98
N SER A 95 54.68 -20.62 19.65
CA SER A 95 54.43 -22.04 19.40
C SER A 95 53.14 -22.50 20.11
N LYS A 96 52.45 -23.52 19.54
CA LYS A 96 51.22 -24.08 20.10
C LYS A 96 51.46 -24.79 21.43
N SER A 97 52.56 -25.57 21.48
CA SER A 97 53.01 -26.37 22.62
C SER A 97 54.49 -26.05 22.95
N PRO A 98 55.04 -26.42 24.15
CA PRO A 98 56.45 -26.08 24.46
C PRO A 98 57.43 -26.69 23.44
N VAL A 99 58.44 -25.88 23.08
CA VAL A 99 59.48 -26.19 22.08
C VAL A 99 60.35 -27.37 22.54
N THR A 100 60.40 -28.42 21.69
CA THR A 100 61.19 -29.64 21.88
C THR A 100 61.71 -30.07 20.51
N LEU A 101 63.04 -30.16 20.36
CA LEU A 101 63.71 -30.51 19.10
C LEU A 101 63.37 -31.93 18.66
N GLY A 102 62.99 -32.06 17.39
CA GLY A 102 62.62 -33.34 16.78
C GLY A 102 61.23 -33.83 17.14
N GLN A 103 60.39 -32.95 17.71
CA GLN A 103 59.01 -33.26 18.09
C GLN A 103 58.04 -32.33 17.33
N PRO A 104 56.96 -32.87 16.72
CA PRO A 104 56.05 -32.01 15.95
C PRO A 104 55.43 -30.88 16.80
N ASN A 105 55.47 -29.66 16.26
CA ASN A 105 54.94 -28.45 16.88
C ASN A 105 54.35 -27.53 15.81
N ILE A 106 53.38 -26.68 16.18
CA ILE A 106 52.75 -25.74 15.24
C ILE A 106 53.10 -24.31 15.65
N LEU A 107 53.55 -23.50 14.66
CA LEU A 107 53.85 -22.09 14.86
C LEU A 107 52.59 -21.26 14.61
N ILE A 108 52.29 -20.32 15.52
CA ILE A 108 51.08 -19.51 15.41
C ILE A 108 51.44 -18.03 15.21
N CYS A 109 50.91 -17.44 14.13
CA CYS A 109 51.11 -16.03 13.85
C CYS A 109 49.79 -15.30 14.07
N LEU A 110 49.74 -14.49 15.12
CA LEU A 110 48.56 -13.71 15.49
C LEU A 110 48.71 -12.29 14.99
N VAL A 111 47.90 -11.92 14.00
CA VAL A 111 47.85 -10.59 13.40
C VAL A 111 46.62 -9.92 14.01
N ASP A 112 46.83 -9.07 15.03
CA ASP A 112 45.74 -8.39 15.72
C ASP A 112 45.60 -6.94 15.21
N ASN A 113 44.43 -6.31 15.48
CA ASN A 113 44.06 -4.95 15.11
C ASN A 113 44.14 -4.77 13.56
N ILE A 114 43.28 -5.53 12.85
CA ILE A 114 43.19 -5.52 11.40
C ILE A 114 42.01 -4.64 10.97
N PHE A 115 42.31 -3.63 10.14
CA PHE A 115 41.32 -2.74 9.55
C PHE A 115 41.95 -1.92 8.44
N PRO A 116 41.41 -2.03 7.19
CA PRO A 116 40.27 -2.85 6.77
C PRO A 116 40.59 -4.36 6.69
N PRO A 117 39.58 -5.26 6.70
CA PRO A 117 39.88 -6.70 6.66
C PRO A 117 40.32 -7.20 5.27
N VAL A 118 41.57 -6.87 4.91
CA VAL A 118 42.27 -7.24 3.67
C VAL A 118 43.77 -7.22 4.00
N VAL A 119 44.34 -8.42 4.23
CA VAL A 119 45.73 -8.58 4.65
C VAL A 119 46.35 -9.87 4.04
N ASN A 120 47.68 -9.85 3.85
CA ASN A 120 48.50 -10.96 3.36
C ASN A 120 49.39 -11.49 4.48
N ILE A 121 49.25 -12.77 4.85
CA ILE A 121 50.07 -13.39 5.90
C ILE A 121 50.78 -14.62 5.31
N THR A 122 52.05 -14.44 4.93
CA THR A 122 52.87 -15.52 4.36
C THR A 122 53.95 -15.91 5.36
N TRP A 123 54.45 -17.15 5.26
CA TRP A 123 55.48 -17.68 6.13
C TRP A 123 56.82 -17.84 5.41
N LEU A 124 57.91 -17.67 6.16
CA LEU A 124 59.28 -17.81 5.64
C LEU A 124 60.11 -18.75 6.50
N SER A 125 60.81 -19.70 5.93
CA SER A 125 61.78 -20.42 6.71
C SER A 125 63.13 -20.06 6.18
N ASN A 126 63.96 -19.46 7.02
CA ASN A 126 65.29 -19.12 6.57
C ASN A 126 65.23 -18.32 5.28
N GLY A 127 64.41 -17.29 5.25
CA GLY A 127 64.35 -16.43 4.10
C GLY A 127 63.49 -16.91 2.95
N HIS A 128 63.61 -18.15 2.51
CA HIS A 128 62.69 -18.58 1.44
C HIS A 128 61.24 -18.70 1.92
N SER A 129 60.29 -18.63 0.97
CA SER A 129 58.85 -18.72 1.19
C SER A 129 58.43 -20.15 1.58
N VAL A 130 57.30 -20.28 2.30
CA VAL A 130 56.75 -21.58 2.73
C VAL A 130 55.30 -21.69 2.27
N THR A 131 55.00 -22.77 1.52
CA THR A 131 53.66 -23.06 1.00
C THR A 131 53.07 -24.31 1.66
N GLU A 132 53.91 -25.33 1.94
CA GLU A 132 53.53 -26.60 2.56
C GLU A 132 53.33 -26.45 4.07
N GLY A 133 52.25 -27.06 4.57
CA GLY A 133 51.89 -27.06 5.99
C GLY A 133 51.36 -25.74 6.54
N VAL A 134 50.96 -24.82 5.63
CA VAL A 134 50.43 -23.51 6.00
C VAL A 134 48.92 -23.52 5.90
N SER A 135 48.26 -23.07 6.98
CA SER A 135 46.82 -22.92 7.09
C SER A 135 46.52 -21.62 7.83
N GLU A 136 45.30 -21.10 7.69
CA GLU A 136 44.90 -19.87 8.37
C GLU A 136 43.41 -19.90 8.74
N THR A 137 42.98 -18.95 9.59
CA THR A 137 41.59 -18.80 9.98
C THR A 137 40.97 -17.69 9.11
N SER A 138 39.79 -17.21 9.49
CA SER A 138 39.11 -16.12 8.81
C SER A 138 39.31 -14.85 9.63
N PHE A 139 38.68 -13.74 9.21
CA PHE A 139 38.75 -12.48 9.95
C PHE A 139 37.79 -12.59 11.11
N LEU A 140 38.35 -12.73 12.32
CA LEU A 140 37.57 -12.87 13.55
C LEU A 140 37.26 -11.49 14.13
N SER A 141 35.97 -11.27 14.49
CA SER A 141 35.45 -10.01 14.98
C SER A 141 35.96 -9.62 16.37
N LYS A 142 36.05 -8.31 16.59
CA LYS A 142 36.45 -7.65 17.84
C LYS A 142 35.39 -6.62 18.22
N SER A 143 35.22 -6.34 19.54
CA SER A 143 34.22 -5.38 20.04
C SER A 143 34.41 -3.98 19.44
N ASP A 144 35.68 -3.55 19.20
CA ASP A 144 36.07 -2.27 18.60
C ASP A 144 35.88 -2.26 17.06
N HIS A 145 35.26 -3.33 16.53
CA HIS A 145 34.84 -3.57 15.15
C HIS A 145 36.04 -3.66 14.18
N SER A 146 37.20 -4.02 14.74
CA SER A 146 38.42 -4.32 14.01
C SER A 146 38.50 -5.84 13.92
N PHE A 147 39.60 -6.37 13.39
CA PHE A 147 39.71 -7.82 13.23
C PHE A 147 41.04 -8.36 13.70
N PHE A 148 41.14 -9.71 13.67
CA PHE A 148 42.33 -10.48 13.94
C PHE A 148 42.20 -11.80 13.18
N LYS A 149 43.32 -12.24 12.59
CA LYS A 149 43.45 -13.46 11.80
C LYS A 149 44.67 -14.22 12.30
N ILE A 150 44.56 -15.56 12.42
CA ILE A 150 45.65 -16.41 12.90
C ILE A 150 46.09 -17.37 11.79
N SER A 151 47.42 -17.45 11.54
CA SER A 151 48.02 -18.33 10.56
C SER A 151 48.92 -19.37 11.25
N TYR A 152 48.75 -20.64 10.87
CA TYR A 152 49.43 -21.80 11.43
C TYR A 152 50.50 -22.32 10.49
N LEU A 153 51.47 -23.06 11.07
CA LEU A 153 52.58 -23.68 10.36
C LEU A 153 53.02 -24.97 11.07
N THR A 154 52.60 -26.12 10.53
CA THR A 154 52.95 -27.45 11.05
C THR A 154 54.34 -27.80 10.53
N LEU A 155 55.27 -27.96 11.50
CA LEU A 155 56.75 -28.09 11.36
C LEU A 155 57.48 -29.01 12.35
N LEU A 156 58.70 -29.40 12.03
CA LEU A 156 59.60 -30.04 12.99
C LEU A 156 60.76 -29.06 13.31
N PRO A 157 60.96 -28.72 14.60
CA PRO A 157 62.01 -27.74 14.92
C PRO A 157 63.42 -28.34 14.97
N SER A 158 64.37 -27.61 14.38
CA SER A 158 65.78 -27.95 14.32
C SER A 158 66.62 -26.87 15.03
N ALA A 159 67.86 -27.21 15.38
CA ALA A 159 68.81 -26.33 16.08
C ALA A 159 69.15 -25.07 15.28
N GLU A 160 69.13 -25.17 13.96
CA GLU A 160 69.46 -24.04 13.11
C GLU A 160 68.35 -23.51 12.23
N GLU A 161 67.15 -24.08 12.35
CA GLU A 161 65.98 -23.67 11.56
C GLU A 161 65.24 -22.47 12.19
N SER A 162 65.23 -21.35 11.48
CA SER A 162 64.59 -20.14 11.94
C SER A 162 63.37 -19.85 11.07
N TYR A 163 62.40 -19.14 11.62
CA TYR A 163 61.15 -18.88 10.90
C TYR A 163 60.69 -17.44 11.02
N ASP A 164 60.03 -16.93 9.96
CA ASP A 164 59.55 -15.55 9.90
C ASP A 164 58.09 -15.45 9.41
N CYS A 165 57.34 -14.52 10.00
CA CYS A 165 55.96 -14.25 9.63
C CYS A 165 55.90 -12.88 8.91
N LYS A 166 55.73 -12.90 7.57
CA LYS A 166 55.65 -11.71 6.73
C LYS A 166 54.19 -11.28 6.56
N VAL A 167 53.88 -10.07 7.05
CA VAL A 167 52.53 -9.50 7.01
C VAL A 167 52.53 -8.23 6.15
N GLU A 168 51.67 -8.20 5.12
CA GLU A 168 51.50 -7.06 4.22
C GLU A 168 50.13 -6.43 4.42
N HIS A 169 50.10 -5.16 4.88
CA HIS A 169 48.86 -4.41 5.11
C HIS A 169 49.05 -2.95 4.70
N TRP A 170 47.95 -2.27 4.33
CA TRP A 170 47.96 -0.87 3.88
C TRP A 170 48.35 0.08 5.01
N GLY A 171 48.06 -0.32 6.25
CA GLY A 171 48.43 0.43 7.45
C GLY A 171 49.92 0.40 7.74
N LEU A 172 50.67 -0.47 7.05
CA LEU A 172 52.13 -0.63 7.16
C LEU A 172 52.82 -0.07 5.93
N ASP A 173 53.91 0.71 6.12
CA ASP A 173 54.69 1.29 5.03
C ASP A 173 55.55 0.23 4.35
N LYS A 174 56.10 -0.71 5.15
CA LYS A 174 56.92 -1.83 4.73
C LYS A 174 56.32 -3.14 5.30
N PRO A 175 56.46 -4.30 4.61
CA PRO A 175 55.89 -5.55 5.17
C PRO A 175 56.52 -5.92 6.51
N LEU A 176 55.67 -6.12 7.55
CA LEU A 176 56.13 -6.43 8.90
C LEU A 176 56.58 -7.88 9.02
N LEU A 177 57.74 -8.09 9.65
CA LEU A 177 58.34 -9.39 9.87
C LEU A 177 58.57 -9.66 11.35
N LYS A 178 57.91 -10.70 11.88
CA LYS A 178 58.05 -11.13 13.26
C LYS A 178 58.80 -12.46 13.27
N HIS A 179 60.09 -12.38 13.63
CA HIS A 179 61.02 -13.51 13.67
C HIS A 179 60.75 -14.46 14.83
N TRP A 180 61.07 -15.75 14.62
CA TRP A 180 60.96 -16.83 15.59
C TRP A 180 62.17 -17.77 15.48
N GLU A 181 62.66 -18.25 16.63
CA GLU A 181 63.77 -19.20 16.70
C GLU A 181 63.67 -20.04 17.99
N PRO A 182 64.08 -21.34 17.97
CA PRO A 182 64.01 -22.16 19.20
C PRO A 182 65.11 -21.80 20.21
N ASP B 27 50.84 4.16 -2.40
CA ASP B 27 49.43 4.51 -2.54
C ASP B 27 48.56 3.69 -1.58
N SER B 28 47.45 4.30 -1.11
CA SER B 28 46.51 3.65 -0.20
C SER B 28 45.18 3.34 -0.95
N PRO B 29 44.87 2.03 -1.17
CA PRO B 29 43.64 1.70 -1.91
C PRO B 29 42.36 2.08 -1.15
N GLU B 30 41.43 2.73 -1.86
CA GLU B 30 40.15 3.22 -1.34
C GLU B 30 39.23 2.04 -0.96
N ASP B 31 38.80 2.00 0.31
CA ASP B 31 37.93 0.92 0.78
C ASP B 31 36.85 1.43 1.73
N PHE B 32 35.62 0.97 1.49
CA PHE B 32 34.44 1.25 2.30
C PHE B 32 33.96 -0.05 2.89
N VAL B 33 33.89 -0.14 4.23
CA VAL B 33 33.50 -1.38 4.90
C VAL B 33 32.13 -1.24 5.57
N TYR B 34 31.34 -2.33 5.55
CA TYR B 34 30.05 -2.46 6.22
C TYR B 34 30.02 -3.77 6.98
N GLN B 35 29.64 -3.73 8.26
CA GLN B 35 29.56 -4.89 9.14
C GLN B 35 28.21 -5.00 9.84
N PHE B 36 27.67 -6.23 9.94
CA PHE B 36 26.46 -6.52 10.69
C PHE B 36 26.74 -7.72 11.60
N LYS B 37 26.52 -7.53 12.92
CA LYS B 37 26.79 -8.57 13.93
C LYS B 37 25.52 -8.88 14.76
N GLY B 38 25.10 -10.15 14.75
CA GLY B 38 23.95 -10.62 15.52
C GLY B 38 24.46 -11.24 16.81
N MET B 39 24.61 -10.42 17.85
CA MET B 39 25.23 -10.83 19.09
C MET B 39 24.28 -11.23 20.22
N CYS B 40 24.46 -12.46 20.71
CA CYS B 40 23.72 -13.02 21.84
C CYS B 40 24.65 -13.14 23.06
N TYR B 41 24.18 -12.63 24.20
CA TYR B 41 24.92 -12.65 25.47
C TYR B 41 24.18 -13.56 26.46
N PHE B 42 24.81 -14.68 26.82
CA PHE B 42 24.25 -15.68 27.74
C PHE B 42 24.92 -15.61 29.12
N THR B 43 24.11 -15.53 30.17
CA THR B 43 24.57 -15.49 31.57
C THR B 43 23.65 -16.40 32.41
N ASN B 44 24.21 -17.09 33.43
CA ASN B 44 23.55 -18.05 34.34
C ASN B 44 22.73 -19.07 33.55
N GLY B 45 23.33 -19.59 32.49
CA GLY B 45 22.70 -20.55 31.59
C GLY B 45 21.62 -19.95 30.73
N THR B 46 20.40 -20.51 30.86
CA THR B 46 19.22 -20.11 30.08
C THR B 46 18.49 -18.90 30.62
N GLU B 47 18.71 -18.55 31.91
CA GLU B 47 18.02 -17.45 32.59
C GLU B 47 18.21 -16.09 31.91
N ARG B 48 19.43 -15.52 31.99
CA ARG B 48 19.75 -14.22 31.41
C ARG B 48 20.15 -14.34 29.91
N VAL B 49 19.33 -13.74 29.02
CA VAL B 49 19.54 -13.72 27.55
C VAL B 49 19.31 -12.31 27.03
N ARG B 50 20.23 -11.85 26.16
CA ARG B 50 20.21 -10.54 25.54
C ARG B 50 20.64 -10.66 24.07
N LEU B 51 19.93 -9.95 23.18
CA LEU B 51 20.22 -9.88 21.75
C LEU B 51 20.61 -8.46 21.41
N VAL B 52 21.75 -8.30 20.72
CA VAL B 52 22.25 -7.00 20.26
C VAL B 52 22.67 -7.15 18.80
N THR B 53 21.93 -6.50 17.88
CA THR B 53 22.25 -6.52 16.46
C THR B 53 22.91 -5.18 16.15
N ARG B 54 24.20 -5.21 15.79
CA ARG B 54 24.98 -4.00 15.52
C ARG B 54 25.11 -3.74 14.02
N TYR B 55 24.82 -2.50 13.60
CA TYR B 55 24.94 -2.04 12.21
C TYR B 55 26.13 -1.07 12.15
N ILE B 56 27.22 -1.51 11.50
CA ILE B 56 28.50 -0.80 11.48
C ILE B 56 28.93 -0.37 10.08
N TYR B 57 29.32 0.92 9.96
CA TYR B 57 29.92 1.49 8.76
C TYR B 57 31.39 1.77 9.11
N ASN B 58 32.31 1.02 8.46
CA ASN B 58 33.76 0.99 8.68
C ASN B 58 33.97 0.45 10.09
N ARG B 59 34.38 1.29 11.06
CA ARG B 59 34.57 0.87 12.45
C ARG B 59 33.58 1.64 13.35
N GLU B 60 32.68 2.40 12.71
CA GLU B 60 31.69 3.21 13.39
C GLU B 60 30.34 2.49 13.40
N GLU B 61 29.94 2.01 14.60
CA GLU B 61 28.63 1.40 14.84
C GLU B 61 27.67 2.56 14.94
N TYR B 62 26.76 2.69 13.96
CA TYR B 62 25.86 3.82 13.89
C TYR B 62 24.45 3.50 14.42
N ALA B 63 24.04 2.23 14.41
CA ALA B 63 22.72 1.83 14.91
C ALA B 63 22.75 0.42 15.49
N ARG B 64 21.97 0.18 16.56
CA ARG B 64 21.88 -1.14 17.17
C ARG B 64 20.52 -1.40 17.80
N PHE B 65 20.07 -2.65 17.73
CA PHE B 65 18.87 -3.07 18.43
C PHE B 65 19.34 -3.78 19.68
N ASP B 66 18.71 -3.49 20.81
CA ASP B 66 19.02 -4.15 22.07
C ASP B 66 17.70 -4.67 22.64
N SER B 67 17.64 -5.97 22.89
CA SER B 67 16.46 -6.67 23.42
C SER B 67 16.01 -6.09 24.76
N ASP B 68 16.98 -5.65 25.58
CA ASP B 68 16.73 -5.03 26.89
C ASP B 68 16.12 -3.65 26.73
N VAL B 69 16.43 -2.94 25.61
CA VAL B 69 15.95 -1.59 25.27
C VAL B 69 14.56 -1.69 24.61
N GLY B 70 14.42 -2.57 23.60
CA GLY B 70 13.16 -2.84 22.92
C GLY B 70 12.95 -2.25 21.54
N VAL B 71 13.81 -1.30 21.15
CA VAL B 71 13.77 -0.64 19.85
C VAL B 71 15.19 -0.43 19.31
N TYR B 72 15.29 -0.07 18.02
CA TYR B 72 16.55 0.29 17.38
C TYR B 72 16.98 1.65 17.91
N ARG B 73 18.29 1.87 18.06
CA ARG B 73 18.76 3.17 18.53
C ARG B 73 19.88 3.72 17.66
N ALA B 74 20.00 5.06 17.62
CA ALA B 74 21.02 5.76 16.85
C ALA B 74 22.22 6.03 17.75
N VAL B 75 23.34 5.36 17.46
CA VAL B 75 24.60 5.45 18.22
C VAL B 75 25.38 6.72 17.82
N THR B 76 25.38 7.07 16.51
CA THR B 76 26.10 8.20 15.93
C THR B 76 25.16 9.05 15.02
N PRO B 77 25.55 10.28 14.56
CA PRO B 77 24.64 11.07 13.69
C PRO B 77 24.29 10.44 12.34
N LEU B 78 24.85 9.25 12.04
CA LEU B 78 24.57 8.47 10.83
C LEU B 78 23.53 7.39 11.13
N GLY B 79 23.00 7.39 12.35
CA GLY B 79 22.04 6.42 12.85
C GLY B 79 20.57 6.73 12.66
N PRO B 80 20.08 7.99 12.87
CA PRO B 80 18.63 8.27 12.73
C PRO B 80 17.98 7.87 11.38
N PRO B 81 18.59 8.04 10.16
CA PRO B 81 17.88 7.60 8.94
C PRO B 81 17.58 6.10 8.91
N ALA B 82 18.38 5.30 9.64
CA ALA B 82 18.21 3.85 9.74
C ALA B 82 17.32 3.49 10.94
N ALA B 83 17.68 3.96 12.17
CA ALA B 83 16.96 3.67 13.41
C ALA B 83 15.48 4.06 13.34
N GLU B 84 15.15 5.31 12.92
CA GLU B 84 13.77 5.80 12.82
C GLU B 84 12.94 5.00 11.82
N TYR B 85 13.54 4.68 10.66
CA TYR B 85 12.90 3.94 9.58
C TYR B 85 12.48 2.56 10.05
N TRP B 86 13.36 1.87 10.79
CA TRP B 86 13.07 0.52 11.30
C TRP B 86 12.13 0.57 12.52
N ASN B 87 12.01 1.73 13.16
CA ASN B 87 11.14 1.90 14.32
C ASN B 87 9.72 2.24 13.90
N SER B 88 9.55 2.83 12.70
CA SER B 88 8.24 3.23 12.20
C SER B 88 7.31 2.04 11.91
N GLN B 89 7.86 0.88 11.49
CA GLN B 89 7.07 -0.31 11.12
C GLN B 89 7.03 -1.34 12.25
N LYS B 90 5.82 -1.71 12.73
CA LYS B 90 5.67 -2.69 13.81
C LYS B 90 6.14 -4.09 13.38
N GLU B 91 5.99 -4.45 12.10
CA GLU B 91 6.42 -5.75 11.59
C GLU B 91 7.95 -5.87 11.61
N VAL B 92 8.69 -4.74 11.50
CA VAL B 92 10.17 -4.75 11.57
C VAL B 92 10.56 -4.97 13.03
N LEU B 93 9.89 -4.27 13.96
CA LEU B 93 10.13 -4.38 15.40
C LEU B 93 9.81 -5.80 15.88
N GLU B 94 8.64 -6.34 15.50
CA GLU B 94 8.20 -7.69 15.87
C GLU B 94 9.18 -8.76 15.37
N ARG B 95 9.59 -8.71 14.08
CA ARG B 95 10.52 -9.70 13.48
C ARG B 95 11.93 -9.63 14.11
N THR B 96 12.36 -8.42 14.58
CA THR B 96 13.66 -8.25 15.24
C THR B 96 13.58 -8.78 16.65
N ARG B 97 12.54 -8.34 17.41
CA ARG B 97 12.27 -8.73 18.80
C ARG B 97 12.17 -10.25 18.96
N ALA B 98 11.68 -10.94 17.91
CA ALA B 98 11.52 -12.41 17.85
C ALA B 98 12.87 -13.15 17.86
N GLU B 99 13.97 -12.50 17.39
CA GLU B 99 15.29 -13.13 17.29
C GLU B 99 15.90 -13.43 18.67
N LEU B 100 15.35 -12.86 19.78
CA LEU B 100 15.84 -13.18 21.12
C LEU B 100 15.53 -14.67 21.44
N ASP B 101 14.50 -15.21 20.76
CA ASP B 101 14.07 -16.60 20.93
C ASP B 101 14.43 -17.44 19.73
N THR B 102 14.18 -16.93 18.51
CA THR B 102 14.41 -17.67 17.25
C THR B 102 15.90 -17.77 16.89
N VAL B 103 16.78 -16.94 17.48
CA VAL B 103 18.21 -16.98 17.16
C VAL B 103 19.01 -17.28 18.41
N CYS B 104 18.85 -16.50 19.50
CA CYS B 104 19.65 -16.70 20.72
C CYS B 104 19.31 -18.01 21.45
N ARG B 105 18.08 -18.14 22.00
CA ARG B 105 17.63 -19.31 22.75
C ARG B 105 17.63 -20.58 21.90
N HIS B 106 17.32 -20.46 20.60
CA HIS B 106 17.35 -21.57 19.64
C HIS B 106 18.75 -22.12 19.54
N ASN B 107 19.72 -21.26 19.18
CA ASN B 107 21.12 -21.65 18.98
C ASN B 107 21.80 -22.10 20.26
N TYR B 108 21.41 -21.56 21.44
CA TYR B 108 21.98 -21.98 22.73
C TYR B 108 21.71 -23.47 23.00
N GLN B 109 20.56 -23.98 22.54
CA GLN B 109 20.19 -25.39 22.69
C GLN B 109 21.13 -26.27 21.90
N LEU B 110 21.68 -25.75 20.79
CA LEU B 110 22.65 -26.45 19.95
C LEU B 110 24.03 -26.34 20.59
N GLU B 111 24.31 -25.20 21.23
CA GLU B 111 25.58 -24.98 21.92
C GLU B 111 25.73 -25.92 23.12
N LEU B 112 24.64 -26.15 23.88
CA LEU B 112 24.58 -27.06 25.04
C LEU B 112 24.98 -28.48 24.69
N ARG B 113 24.72 -28.91 23.43
CA ARG B 113 25.02 -30.24 22.93
C ARG B 113 26.40 -30.33 22.23
N THR B 114 26.93 -29.21 21.71
CA THR B 114 28.18 -29.23 20.97
C THR B 114 29.32 -28.50 21.69
N THR B 115 29.43 -27.19 21.48
CA THR B 115 30.50 -26.32 21.97
C THR B 115 30.55 -26.23 23.52
N LEU B 116 29.41 -26.34 24.23
CA LEU B 116 29.42 -26.24 25.70
C LEU B 116 29.82 -27.58 26.34
N GLN B 117 29.78 -28.70 25.60
CA GLN B 117 30.19 -30.02 26.10
C GLN B 117 31.68 -30.24 25.94
N ARG B 118 32.31 -29.52 24.98
CA ARG B 118 33.74 -29.59 24.66
C ARG B 118 34.64 -29.42 25.89
N ARG B 119 35.30 -30.51 26.28
CA ARG B 119 36.24 -30.58 27.38
C ARG B 119 37.56 -31.15 26.89
N VAL B 120 38.56 -30.27 26.76
CA VAL B 120 39.91 -30.62 26.35
C VAL B 120 40.79 -30.36 27.57
N GLU B 121 41.46 -31.42 28.06
CA GLU B 121 42.32 -31.39 29.25
C GLU B 121 43.72 -30.82 28.90
N PRO B 122 44.34 -30.03 29.81
CA PRO B 122 45.63 -29.41 29.49
C PRO B 122 46.86 -30.29 29.72
N THR B 123 48.00 -29.86 29.15
CA THR B 123 49.32 -30.49 29.27
C THR B 123 50.18 -29.57 30.14
N VAL B 124 50.58 -30.04 31.35
CA VAL B 124 51.35 -29.21 32.28
C VAL B 124 52.81 -29.66 32.28
N THR B 125 53.73 -28.73 31.97
CA THR B 125 55.17 -28.98 31.91
C THR B 125 55.95 -27.85 32.60
N ILE B 126 57.05 -28.20 33.26
CA ILE B 126 57.94 -27.25 33.91
C ILE B 126 59.28 -27.28 33.15
N SER B 127 59.75 -26.10 32.70
CA SER B 127 61.01 -25.93 31.96
C SER B 127 61.74 -24.65 32.37
N PRO B 128 63.09 -24.65 32.50
CA PRO B 128 63.79 -23.40 32.88
C PRO B 128 64.00 -22.49 31.68
N LEU B 139 62.87 -17.67 35.53
CA LEU B 139 63.73 -18.74 36.04
C LEU B 139 63.09 -20.11 35.79
N LEU B 140 61.84 -20.31 36.24
CA LEU B 140 61.07 -21.55 36.08
C LEU B 140 59.70 -21.21 35.50
N VAL B 141 59.27 -21.90 34.43
CA VAL B 141 57.97 -21.60 33.82
C VAL B 141 57.08 -22.85 33.69
N CYS B 142 55.82 -22.70 34.12
CA CYS B 142 54.77 -23.71 34.05
C CYS B 142 53.96 -23.49 32.77
N SER B 143 54.21 -24.33 31.76
CA SER B 143 53.54 -24.25 30.47
C SER B 143 52.28 -25.11 30.47
N VAL B 144 51.10 -24.47 30.46
CA VAL B 144 49.80 -25.13 30.45
C VAL B 144 49.32 -25.04 29.00
N THR B 145 49.39 -26.19 28.28
CA THR B 145 49.16 -26.26 26.86
C THR B 145 47.85 -26.98 26.45
N ASP B 146 47.18 -26.38 25.43
CA ASP B 146 45.98 -26.81 24.69
C ASP B 146 44.83 -27.36 25.54
N PHE B 147 43.92 -26.46 25.95
CA PHE B 147 42.75 -26.81 26.78
C PHE B 147 41.48 -26.04 26.37
N TYR B 148 40.30 -26.59 26.75
CA TYR B 148 38.97 -26.01 26.54
C TYR B 148 38.02 -26.45 27.66
N PRO B 149 37.25 -25.55 28.30
CA PRO B 149 37.08 -24.10 28.03
C PRO B 149 38.25 -23.23 28.52
N ALA B 150 38.05 -21.90 28.46
CA ALA B 150 39.03 -20.88 28.84
C ALA B 150 39.35 -20.87 30.35
N GLN B 151 38.37 -21.13 31.17
CA GLN B 151 38.56 -21.15 32.59
C GLN B 151 39.71 -21.99 33.08
N ILE B 152 40.62 -21.38 33.82
CA ILE B 152 41.81 -22.05 34.36
C ILE B 152 42.28 -21.35 35.65
N LYS B 153 43.07 -22.07 36.47
CA LYS B 153 43.64 -21.56 37.72
C LYS B 153 45.00 -22.24 37.95
N VAL B 154 46.08 -21.50 37.64
CA VAL B 154 47.47 -21.96 37.83
C VAL B 154 48.00 -21.37 39.15
N ARG B 155 48.63 -22.21 39.99
CA ARG B 155 49.19 -21.82 41.29
C ARG B 155 50.53 -22.50 41.56
N TRP B 156 51.51 -21.76 42.04
CA TRP B 156 52.76 -22.37 42.41
C TRP B 156 52.76 -22.66 43.89
N PHE B 157 53.38 -23.75 44.30
CA PHE B 157 53.52 -24.02 45.71
C PHE B 157 54.99 -24.23 46.09
N ARG B 158 55.46 -23.45 47.05
CA ARG B 158 56.71 -23.76 47.71
C ARG B 158 56.37 -24.73 48.81
N ASN B 159 56.79 -25.96 48.63
CA ASN B 159 56.82 -26.89 49.74
C ASN B 159 55.57 -27.01 50.57
N ASP B 160 54.43 -27.20 49.92
CA ASP B 160 53.13 -27.19 50.58
C ASP B 160 52.83 -25.81 51.09
N GLN B 161 53.53 -24.85 50.52
CA GLN B 161 53.40 -23.46 50.84
C GLN B 161 53.16 -22.77 49.54
N GLU B 162 52.33 -21.74 49.58
CA GLU B 162 52.05 -21.00 48.38
C GLU B 162 53.31 -20.30 47.94
N GLU B 163 53.23 -19.62 46.83
CA GLU B 163 54.24 -18.66 46.39
C GLU B 163 53.54 -17.59 45.55
N THR B 164 53.33 -16.40 46.15
CA THR B 164 52.63 -15.26 45.52
C THR B 164 53.55 -14.40 44.66
N THR B 165 54.79 -14.18 45.14
CA THR B 165 55.81 -13.38 44.46
C THR B 165 57.14 -14.14 44.46
N GLY B 166 57.91 -14.11 43.36
CA GLY B 166 57.63 -13.37 42.13
C GLY B 166 56.99 -14.24 41.07
N VAL B 167 55.69 -14.00 40.81
CA VAL B 167 54.92 -14.75 39.82
C VAL B 167 54.51 -13.80 38.68
N VAL B 168 54.98 -14.09 37.44
CA VAL B 168 54.68 -13.30 36.25
C VAL B 168 53.89 -14.16 35.24
N SER B 169 52.57 -14.19 35.39
CA SER B 169 51.68 -14.97 34.52
C SER B 169 51.36 -14.21 33.24
N THR B 170 51.43 -14.90 32.10
CA THR B 170 51.09 -14.33 30.80
C THR B 170 49.57 -14.28 30.70
N PRO B 171 48.96 -13.40 29.86
CA PRO B 171 47.49 -13.43 29.73
C PRO B 171 47.04 -14.74 29.07
N LEU B 172 45.73 -15.04 29.12
CA LEU B 172 45.22 -16.26 28.51
C LEU B 172 45.37 -16.17 26.99
N ILE B 173 46.27 -16.99 26.44
CA ILE B 173 46.58 -17.02 25.02
C ILE B 173 45.55 -17.88 24.30
N ARG B 174 44.91 -17.31 23.27
CA ARG B 174 43.94 -17.96 22.39
C ARG B 174 44.69 -18.45 21.17
N ASN B 175 44.64 -19.76 20.91
CA ASN B 175 45.32 -20.40 19.77
C ASN B 175 44.46 -20.37 18.50
N GLY B 176 43.16 -20.12 18.65
CA GLY B 176 42.21 -20.03 17.53
C GLY B 176 41.75 -21.36 16.97
N ASP B 177 42.32 -22.48 17.44
CA ASP B 177 41.93 -23.82 17.00
C ASP B 177 41.13 -24.50 18.13
N TRP B 178 40.31 -23.67 18.84
CA TRP B 178 39.43 -24.04 19.94
C TRP B 178 40.21 -24.63 21.15
N THR B 179 41.46 -24.17 21.32
CA THR B 179 42.33 -24.53 22.45
C THR B 179 42.94 -23.27 23.04
N PHE B 180 43.30 -23.30 24.32
CA PHE B 180 43.91 -22.17 25.00
C PHE B 180 45.29 -22.55 25.56
N GLN B 181 46.10 -21.54 25.87
CA GLN B 181 47.46 -21.67 26.38
C GLN B 181 47.73 -20.60 27.46
N ILE B 182 48.48 -20.92 28.52
CA ILE B 182 48.83 -19.96 29.58
C ILE B 182 50.18 -20.36 30.20
N LEU B 183 51.13 -19.40 30.23
CA LEU B 183 52.48 -19.58 30.76
C LEU B 183 52.65 -18.76 32.04
N VAL B 184 53.15 -19.39 33.11
CA VAL B 184 53.34 -18.71 34.40
C VAL B 184 54.81 -18.83 34.82
N MET B 185 55.53 -17.69 34.83
CA MET B 185 56.95 -17.59 35.20
C MET B 185 57.09 -17.36 36.70
N LEU B 186 57.99 -18.12 37.35
CA LEU B 186 58.25 -18.04 38.79
C LEU B 186 59.73 -17.78 39.09
N GLU B 187 60.00 -16.73 39.88
CA GLU B 187 61.35 -16.37 40.34
C GLU B 187 61.62 -17.13 41.62
N MET B 188 62.57 -18.05 41.54
CA MET B 188 62.90 -18.95 42.60
C MET B 188 64.35 -18.77 43.01
N THR B 189 64.71 -19.41 44.11
CA THR B 189 66.09 -19.55 44.53
C THR B 189 66.29 -21.02 44.75
N PRO B 190 67.32 -21.65 44.04
CA PRO B 190 67.37 -23.10 44.27
C PRO B 190 68.06 -23.37 45.58
N GLN B 191 67.32 -24.00 46.48
CA GLN B 191 67.76 -24.21 47.82
C GLN B 191 67.65 -25.67 48.09
N ARG B 192 68.41 -26.14 49.06
CA ARG B 192 68.40 -27.54 49.37
C ARG B 192 67.02 -27.89 49.89
N GLY B 193 66.59 -29.13 49.61
CA GLY B 193 65.40 -29.71 50.18
C GLY B 193 64.06 -29.02 50.02
N ASP B 194 63.81 -28.41 48.86
CA ASP B 194 62.47 -27.92 48.60
C ASP B 194 61.93 -28.44 47.31
N VAL B 195 60.70 -28.92 47.33
CA VAL B 195 60.02 -29.34 46.11
C VAL B 195 59.06 -28.26 45.61
N TYR B 196 59.26 -27.89 44.35
CA TYR B 196 58.44 -26.91 43.66
C TYR B 196 57.40 -27.63 42.79
N THR B 197 56.13 -27.32 43.04
CA THR B 197 55.04 -27.89 42.29
C THR B 197 54.10 -26.86 41.72
N CYS B 198 53.62 -27.17 40.53
CA CYS B 198 52.68 -26.32 39.80
C CYS B 198 51.30 -26.97 39.83
N HIS B 199 50.36 -26.31 40.53
CA HIS B 199 48.99 -26.78 40.69
C HIS B 199 48.08 -26.09 39.68
N VAL B 200 47.45 -26.88 38.80
CA VAL B 200 46.60 -26.35 37.73
C VAL B 200 45.19 -26.95 37.85
N GLU B 201 44.17 -26.07 37.95
CA GLU B 201 42.74 -26.42 38.06
C GLU B 201 42.01 -26.05 36.77
N HIS B 202 41.12 -26.95 36.29
CA HIS B 202 40.35 -26.79 35.04
C HIS B 202 39.04 -27.64 35.09
N PRO B 203 37.91 -27.20 34.45
CA PRO B 203 36.66 -27.98 34.53
C PRO B 203 36.69 -29.38 33.88
N SER B 204 37.70 -29.67 33.05
CA SER B 204 37.86 -31.00 32.42
C SER B 204 38.45 -32.03 33.40
N LEU B 205 39.06 -31.55 34.50
CA LEU B 205 39.70 -32.37 35.52
C LEU B 205 38.83 -32.50 36.78
N GLN B 206 38.70 -33.74 37.29
CA GLN B 206 37.95 -34.07 38.51
C GLN B 206 38.75 -33.64 39.75
N ASN B 207 40.09 -33.65 39.63
CA ASN B 207 41.05 -33.26 40.65
C ASN B 207 42.17 -32.42 40.00
N PRO B 208 42.80 -31.46 40.73
CA PRO B 208 43.84 -30.62 40.09
C PRO B 208 45.06 -31.41 39.62
N ILE B 209 45.62 -30.99 38.48
CA ILE B 209 46.80 -31.61 37.87
C ILE B 209 48.04 -30.98 38.52
N ILE B 210 48.91 -31.82 39.13
CA ILE B 210 50.13 -31.37 39.82
C ILE B 210 51.37 -31.96 39.14
N VAL B 211 52.34 -31.09 38.82
CA VAL B 211 53.63 -31.41 38.21
C VAL B 211 54.70 -30.79 39.09
N GLU B 212 55.68 -31.61 39.52
CA GLU B 212 56.76 -31.17 40.42
C GLU B 212 58.11 -31.04 39.73
N TRP B 213 59.00 -30.23 40.34
CA TRP B 213 60.36 -29.95 39.88
C TRP B 213 61.31 -29.88 41.07
N ARG B 214 62.52 -30.43 40.92
CA ARG B 214 63.56 -30.43 41.96
C ARG B 214 64.89 -29.88 41.46
N ALA B 215 65.69 -29.29 42.38
CA ALA B 215 67.00 -28.70 42.09
C ALA B 215 68.06 -29.77 41.82
N ASP C 2 -15.69 9.22 -37.52
CA ASP C 2 -16.20 10.51 -37.08
C ASP C 2 -17.60 10.35 -36.45
N ILE C 3 -17.71 10.63 -35.12
CA ILE C 3 -18.94 10.51 -34.33
C ILE C 3 -19.93 11.61 -34.75
N VAL C 4 -21.14 11.20 -35.17
CA VAL C 4 -22.21 12.13 -35.56
C VAL C 4 -23.11 12.37 -34.31
N ALA C 5 -23.31 13.65 -33.97
CA ALA C 5 -24.12 14.09 -32.82
C ALA C 5 -24.69 15.47 -33.07
N ASP C 6 -25.85 15.78 -32.46
CA ASP C 6 -26.50 17.09 -32.58
C ASP C 6 -25.58 18.20 -32.09
N HIS C 7 -24.88 17.98 -30.96
CA HIS C 7 -23.93 18.94 -30.37
C HIS C 7 -22.64 18.26 -29.91
N VAL C 8 -21.49 18.90 -30.18
CA VAL C 8 -20.16 18.40 -29.79
C VAL C 8 -19.42 19.49 -29.01
N ALA C 9 -19.12 19.18 -27.76
CA ALA C 9 -18.41 20.08 -26.88
C ALA C 9 -17.15 19.42 -26.38
N SER C 10 -16.13 20.24 -26.09
CA SER C 10 -14.85 19.81 -25.57
C SER C 10 -14.59 20.59 -24.26
N TYR C 11 -14.63 19.88 -23.10
CA TYR C 11 -14.40 20.43 -21.77
C TYR C 11 -13.21 19.74 -21.10
N GLY C 12 -11.98 20.06 -21.49
CA GLY C 12 -11.64 21.02 -22.53
C GLY C 12 -10.46 20.59 -23.37
N VAL C 13 -10.03 21.50 -24.26
CA VAL C 13 -8.88 21.22 -25.12
C VAL C 13 -7.62 21.54 -24.29
N ASN C 14 -6.98 20.50 -23.78
CA ASN C 14 -5.76 20.56 -22.98
C ASN C 14 -4.56 20.34 -23.89
N LEU C 15 -3.63 21.30 -23.93
CA LEU C 15 -2.47 21.20 -24.81
C LEU C 15 -1.16 21.65 -24.13
N TYR C 16 -0.07 20.89 -24.36
CA TYR C 16 1.26 21.20 -23.85
C TYR C 16 2.33 20.81 -24.87
N GLN C 17 3.29 21.72 -25.12
CA GLN C 17 4.39 21.48 -26.06
C GLN C 17 5.75 21.94 -25.49
N SER C 18 6.81 21.23 -25.91
CA SER C 18 8.20 21.47 -25.49
C SER C 18 8.77 22.79 -26.03
N TYR C 19 8.18 23.35 -27.11
CA TYR C 19 8.63 24.63 -27.65
C TYR C 19 8.10 25.75 -26.77
N GLY C 20 9.03 26.42 -26.07
CA GLY C 20 8.72 27.49 -25.14
C GLY C 20 9.29 27.25 -23.75
N PRO C 21 8.72 26.31 -22.95
CA PRO C 21 7.55 25.47 -23.21
C PRO C 21 6.26 26.27 -23.08
N SER C 22 5.23 25.87 -23.83
CA SER C 22 3.95 26.56 -23.81
C SER C 22 2.79 25.57 -23.71
N GLY C 23 1.73 26.02 -23.07
CA GLY C 23 0.51 25.26 -22.90
C GLY C 23 -0.74 26.06 -23.20
N GLN C 24 -1.87 25.37 -23.41
CA GLN C 24 -3.16 26.02 -23.66
C GLN C 24 -4.30 25.25 -23.03
N TYR C 25 -5.25 25.98 -22.46
CA TYR C 25 -6.47 25.43 -21.88
C TYR C 25 -7.68 26.20 -22.39
N THR C 26 -8.53 25.51 -23.16
CA THR C 26 -9.75 26.08 -23.72
C THR C 26 -10.91 25.11 -23.51
N HIS C 27 -12.14 25.61 -23.72
CA HIS C 27 -13.38 24.86 -23.67
C HIS C 27 -14.14 25.17 -24.91
N GLU C 28 -14.50 24.16 -25.68
CA GLU C 28 -15.21 24.41 -26.93
C GLU C 28 -16.62 23.87 -26.88
N PHE C 29 -17.52 24.59 -27.55
CA PHE C 29 -18.91 24.21 -27.73
C PHE C 29 -19.28 24.45 -29.18
N ASP C 30 -19.67 23.36 -29.88
CA ASP C 30 -20.09 23.31 -31.28
C ASP C 30 -19.10 24.02 -32.22
N GLY C 31 -17.82 23.81 -31.98
CA GLY C 31 -16.75 24.36 -32.82
C GLY C 31 -16.20 25.69 -32.39
N ASP C 32 -16.99 26.48 -31.63
CA ASP C 32 -16.59 27.81 -31.18
C ASP C 32 -15.97 27.76 -29.78
N GLU C 33 -15.00 28.66 -29.54
CA GLU C 33 -14.27 28.79 -28.28
C GLU C 33 -15.15 29.48 -27.23
N GLN C 34 -15.30 28.83 -26.08
CA GLN C 34 -16.08 29.38 -24.97
C GLN C 34 -15.21 30.35 -24.17
N PHE C 35 -14.01 29.90 -23.76
CA PHE C 35 -13.02 30.66 -23.00
C PHE C 35 -11.62 30.04 -23.11
N TYR C 36 -10.60 30.82 -22.75
CA TYR C 36 -9.20 30.38 -22.66
C TYR C 36 -8.66 30.86 -21.33
N VAL C 37 -7.76 30.06 -20.73
CA VAL C 37 -7.12 30.42 -19.46
C VAL C 37 -5.71 30.94 -19.74
N ASP C 38 -5.48 32.24 -19.45
CA ASP C 38 -4.17 32.88 -19.59
C ASP C 38 -3.29 32.33 -18.48
N LEU C 39 -2.39 31.40 -18.82
CA LEU C 39 -1.55 30.71 -17.83
C LEU C 39 -0.44 31.62 -17.28
N GLY C 40 -0.05 32.63 -18.06
CA GLY C 40 0.95 33.61 -17.66
C GLY C 40 0.38 34.62 -16.68
N ARG C 41 -0.81 35.15 -17.01
CA ARG C 41 -1.54 36.14 -16.22
C ARG C 41 -2.43 35.53 -15.13
N LYS C 42 -2.68 34.19 -15.19
CA LYS C 42 -3.56 33.41 -14.30
C LYS C 42 -4.95 34.07 -14.30
N GLU C 43 -5.67 33.97 -15.44
CA GLU C 43 -6.97 34.61 -15.68
C GLU C 43 -7.79 33.92 -16.78
N THR C 44 -9.12 33.78 -16.55
CA THR C 44 -10.05 33.20 -17.52
C THR C 44 -10.59 34.32 -18.45
N VAL C 45 -10.57 34.07 -19.77
CA VAL C 45 -11.00 35.06 -20.77
C VAL C 45 -12.15 34.48 -21.61
N TRP C 46 -13.37 34.88 -21.28
CA TRP C 46 -14.59 34.45 -21.95
C TRP C 46 -14.73 35.10 -23.33
N SER C 47 -15.27 34.35 -24.27
CA SER C 47 -15.45 34.76 -25.64
C SER C 47 -16.92 34.97 -26.02
N LEU C 48 -17.78 34.87 -25.03
CA LEU C 48 -19.23 35.05 -25.09
C LEU C 48 -19.69 35.83 -23.83
N PRO C 49 -20.52 36.89 -23.96
CA PRO C 49 -20.88 37.67 -22.76
C PRO C 49 -21.80 36.93 -21.78
N VAL C 50 -22.74 36.10 -22.26
CA VAL C 50 -23.67 35.32 -21.40
C VAL C 50 -22.91 34.32 -20.52
N LEU C 51 -21.68 34.00 -20.90
CA LEU C 51 -20.77 33.06 -20.24
C LEU C 51 -19.90 33.70 -19.15
N ARG C 52 -19.67 35.03 -19.24
CA ARG C 52 -18.75 35.81 -18.41
C ARG C 52 -19.03 35.76 -16.89
N GLN C 53 -20.26 35.41 -16.47
CA GLN C 53 -20.51 35.39 -15.03
C GLN C 53 -20.25 33.99 -14.40
N PHE C 54 -19.74 33.05 -15.19
CA PHE C 54 -19.41 31.74 -14.69
C PHE C 54 -18.10 31.82 -13.92
N ARG C 55 -17.95 30.99 -12.90
CA ARG C 55 -16.76 31.02 -12.07
C ARG C 55 -15.86 29.85 -12.43
N PHE C 56 -14.90 30.09 -13.34
CA PHE C 56 -13.95 29.04 -13.69
C PHE C 56 -12.57 29.49 -13.23
N ASP C 57 -12.06 28.82 -12.20
CA ASP C 57 -10.78 29.13 -11.58
C ASP C 57 -9.63 28.83 -12.57
N PRO C 58 -8.68 29.78 -12.79
CA PRO C 58 -7.56 29.51 -13.71
C PRO C 58 -6.66 28.38 -13.21
N GLN C 59 -6.52 28.22 -11.86
CA GLN C 59 -5.71 27.18 -11.22
C GLN C 59 -6.08 25.79 -11.71
N PHE C 60 -7.38 25.58 -12.06
CA PHE C 60 -7.90 24.32 -12.57
C PHE C 60 -7.25 23.95 -13.91
N ALA C 61 -6.87 24.98 -14.72
CA ALA C 61 -6.16 24.76 -15.98
C ALA C 61 -4.71 24.33 -15.71
N LEU C 62 -4.00 25.08 -14.81
CA LEU C 62 -2.62 24.82 -14.38
C LEU C 62 -2.47 23.39 -13.85
N THR C 63 -3.45 22.97 -13.01
CA THR C 63 -3.60 21.67 -12.36
C THR C 63 -3.66 20.56 -13.44
N ASN C 64 -4.41 20.78 -14.54
CA ASN C 64 -4.53 19.82 -15.63
C ASN C 64 -3.25 19.78 -16.48
N ILE C 65 -2.70 20.96 -16.85
CA ILE C 65 -1.48 21.07 -17.66
C ILE C 65 -0.28 20.36 -16.96
N ALA C 66 -0.20 20.42 -15.61
CA ALA C 66 0.83 19.75 -14.80
C ALA C 66 0.89 18.25 -15.11
N VAL C 67 -0.28 17.60 -15.30
CA VAL C 67 -0.43 16.19 -15.65
C VAL C 67 0.09 15.98 -17.08
N LEU C 68 -0.30 16.86 -18.02
CA LEU C 68 0.10 16.81 -19.44
C LEU C 68 1.63 16.95 -19.60
N LYS C 69 2.27 17.85 -18.81
CA LYS C 69 3.71 18.07 -18.81
C LYS C 69 4.42 16.77 -18.48
N HIS C 70 3.90 16.01 -17.49
CA HIS C 70 4.41 14.71 -17.05
C HIS C 70 4.14 13.65 -18.13
N ASN C 71 2.88 13.56 -18.60
CA ASN C 71 2.45 12.61 -19.63
C ASN C 71 3.24 12.76 -20.93
N LEU C 72 3.67 14.00 -21.27
CA LEU C 72 4.46 14.27 -22.48
C LEU C 72 5.86 13.67 -22.33
N ASN C 73 6.56 13.96 -21.20
CA ASN C 73 7.90 13.44 -20.92
C ASN C 73 7.90 11.91 -20.99
N SER C 74 6.80 11.28 -20.51
CA SER C 74 6.59 9.84 -20.52
C SER C 74 6.45 9.32 -21.94
N LEU C 75 5.77 10.09 -22.81
CA LEU C 75 5.55 9.65 -24.18
C LEU C 75 6.71 10.00 -25.11
N ILE C 76 7.55 11.01 -24.75
CA ILE C 76 8.75 11.35 -25.53
C ILE C 76 9.67 10.11 -25.49
N LYS C 77 9.85 9.52 -24.29
CA LYS C 77 10.68 8.34 -24.09
C LYS C 77 10.04 7.07 -24.72
N ARG C 78 8.69 6.95 -24.67
CA ARG C 78 7.95 5.81 -25.21
C ARG C 78 7.94 5.82 -26.75
N SER C 79 7.74 7.00 -27.36
CA SER C 79 7.72 7.18 -28.81
C SER C 79 9.11 7.02 -29.43
N ASN C 80 10.14 6.72 -28.59
CA ASN C 80 11.55 6.56 -28.99
C ASN C 80 12.01 7.94 -29.53
N SER C 81 11.46 9.01 -28.91
CA SER C 81 11.63 10.44 -29.15
C SER C 81 11.28 10.82 -30.60
N THR C 82 9.98 10.83 -30.91
CA THR C 82 9.46 11.17 -32.23
C THR C 82 8.88 12.59 -32.16
N ALA C 83 9.43 13.49 -32.97
CA ALA C 83 9.01 14.90 -33.04
C ALA C 83 7.78 15.07 -33.95
N ALA C 84 7.04 16.17 -33.72
CA ALA C 84 5.84 16.50 -34.48
C ALA C 84 6.20 16.89 -35.92
N THR C 85 5.40 16.40 -36.89
CA THR C 85 5.58 16.69 -38.31
C THR C 85 4.95 18.04 -38.63
N ASN C 86 5.75 18.97 -39.19
CA ASN C 86 5.29 20.31 -39.58
C ASN C 86 4.32 20.19 -40.76
N GLU C 87 3.07 20.67 -40.56
CA GLU C 87 2.02 20.60 -41.56
C GLU C 87 1.87 21.91 -42.30
N VAL C 88 1.49 21.84 -43.58
CA VAL C 88 1.28 23.02 -44.42
C VAL C 88 -0.09 23.67 -44.05
N PRO C 89 -0.09 24.94 -43.62
CA PRO C 89 -1.35 25.60 -43.25
C PRO C 89 -2.11 26.15 -44.45
N GLU C 90 -3.46 26.19 -44.34
CA GLU C 90 -4.39 26.72 -45.34
C GLU C 90 -4.86 28.10 -44.91
N VAL C 91 -4.70 29.13 -45.76
CA VAL C 91 -5.12 30.49 -45.39
C VAL C 91 -6.25 30.96 -46.32
N THR C 92 -7.33 31.49 -45.71
CA THR C 92 -8.50 32.01 -46.41
C THR C 92 -8.81 33.40 -45.86
N VAL C 93 -8.84 34.42 -46.73
CA VAL C 93 -9.15 35.79 -46.33
C VAL C 93 -10.52 36.14 -46.91
N PHE C 94 -11.41 36.63 -46.03
CA PHE C 94 -12.79 37.01 -46.37
C PHE C 94 -13.33 38.04 -45.38
N SER C 95 -14.32 38.85 -45.80
CA SER C 95 -14.94 39.89 -44.94
C SER C 95 -16.01 39.27 -44.02
N LYS C 96 -16.39 39.99 -42.95
CA LYS C 96 -17.41 39.52 -42.00
C LYS C 96 -18.81 39.70 -42.60
N SER C 97 -19.03 40.85 -43.25
CA SER C 97 -20.27 41.27 -43.90
C SER C 97 -19.99 41.68 -45.37
N PRO C 98 -21.01 41.78 -46.28
CA PRO C 98 -20.70 42.21 -47.65
C PRO C 98 -20.07 43.60 -47.69
N VAL C 99 -19.04 43.76 -48.56
CA VAL C 99 -18.23 44.96 -48.72
C VAL C 99 -19.08 46.13 -49.26
N THR C 100 -18.98 47.28 -48.57
CA THR C 100 -19.63 48.56 -48.92
C THR C 100 -18.63 49.67 -48.55
N LEU C 101 -18.17 50.44 -49.56
CA LEU C 101 -17.19 51.50 -49.41
C LEU C 101 -17.75 52.66 -48.56
N GLY C 102 -17.21 52.79 -47.35
CA GLY C 102 -17.60 53.82 -46.40
C GLY C 102 -18.29 53.29 -45.16
N GLN C 103 -18.78 52.03 -45.21
CA GLN C 103 -19.46 51.35 -44.11
C GLN C 103 -18.47 50.40 -43.41
N PRO C 104 -18.32 50.48 -42.06
CA PRO C 104 -17.33 49.63 -41.37
C PRO C 104 -17.52 48.13 -41.56
N ASN C 105 -16.39 47.40 -41.54
CA ASN C 105 -16.34 45.94 -41.70
C ASN C 105 -15.15 45.34 -40.95
N ILE C 106 -15.10 44.00 -40.89
CA ILE C 106 -14.03 43.24 -40.25
C ILE C 106 -13.50 42.22 -41.26
N LEU C 107 -12.18 42.23 -41.48
CA LEU C 107 -11.50 41.27 -42.33
C LEU C 107 -11.15 40.04 -41.50
N ILE C 108 -11.42 38.84 -42.01
CA ILE C 108 -11.18 37.60 -41.29
C ILE C 108 -10.14 36.76 -42.01
N CYS C 109 -9.12 36.29 -41.26
CA CYS C 109 -8.04 35.43 -41.75
C CYS C 109 -8.16 34.06 -41.07
N LEU C 110 -8.54 33.02 -41.84
CA LEU C 110 -8.70 31.65 -41.34
C LEU C 110 -7.47 30.81 -41.65
N VAL C 111 -6.65 30.55 -40.62
CA VAL C 111 -5.45 29.73 -40.75
C VAL C 111 -5.83 28.35 -40.25
N ASP C 112 -6.01 27.42 -41.20
CA ASP C 112 -6.43 26.05 -40.97
C ASP C 112 -5.24 25.10 -41.17
N ASN C 113 -5.34 23.87 -40.63
CA ASN C 113 -4.34 22.79 -40.69
C ASN C 113 -2.99 23.23 -40.04
N ILE C 114 -3.08 23.95 -38.91
CA ILE C 114 -1.91 24.40 -38.14
C ILE C 114 -1.41 23.25 -37.28
N PHE C 115 -0.18 22.79 -37.55
CA PHE C 115 0.46 21.77 -36.74
C PHE C 115 1.97 21.82 -36.90
N PRO C 116 2.73 22.03 -35.81
CA PRO C 116 2.29 22.19 -34.41
C PRO C 116 1.66 23.56 -34.10
N PRO C 117 0.97 23.75 -32.95
CA PRO C 117 0.32 25.04 -32.68
C PRO C 117 1.32 26.14 -32.25
N VAL C 118 2.14 26.59 -33.22
CA VAL C 118 3.14 27.66 -33.12
C VAL C 118 3.06 28.43 -34.45
N VAL C 119 2.35 29.56 -34.44
CA VAL C 119 2.14 30.38 -35.63
C VAL C 119 2.12 31.89 -35.28
N ASN C 120 2.41 32.74 -36.28
CA ASN C 120 2.41 34.20 -36.21
C ASN C 120 1.49 34.77 -37.27
N ILE C 121 0.39 35.44 -36.87
CA ILE C 121 -0.52 36.02 -37.84
C ILE C 121 -0.46 37.54 -37.69
N THR C 122 0.11 38.18 -38.71
CA THR C 122 0.30 39.62 -38.84
C THR C 122 -0.53 40.12 -40.01
N TRP C 123 -0.98 41.39 -39.95
CA TRP C 123 -1.75 42.02 -41.02
C TRP C 123 -0.93 43.11 -41.70
N LEU C 124 -1.20 43.38 -42.98
CA LEU C 124 -0.49 44.38 -43.77
C LEU C 124 -1.44 45.26 -44.59
N SER C 125 -1.46 46.55 -44.28
CA SER C 125 -2.22 47.48 -45.09
C SER C 125 -1.31 48.16 -46.09
N ASN C 126 -1.51 47.83 -47.35
CA ASN C 126 -0.81 48.49 -48.42
C ASN C 126 0.67 48.40 -48.16
N GLY C 127 1.08 47.28 -47.63
CA GLY C 127 2.46 46.90 -47.58
C GLY C 127 3.26 47.19 -46.34
N HIS C 128 2.83 48.14 -45.52
CA HIS C 128 3.29 48.14 -44.12
C HIS C 128 2.38 47.37 -43.16
N SER C 129 2.92 47.01 -41.98
CA SER C 129 2.26 46.25 -40.92
C SER C 129 1.22 47.09 -40.16
N VAL C 130 0.20 46.40 -39.60
CA VAL C 130 -0.89 47.01 -38.84
C VAL C 130 -0.96 46.36 -37.45
N THR C 131 -1.05 47.22 -36.41
CA THR C 131 -1.14 46.81 -35.00
C THR C 131 -2.55 47.12 -34.46
N GLU C 132 -3.12 48.29 -34.82
CA GLU C 132 -4.43 48.77 -34.37
C GLU C 132 -5.58 48.01 -35.06
N GLY C 133 -6.52 47.56 -34.24
CA GLY C 133 -7.70 46.83 -34.70
C GLY C 133 -7.44 45.37 -35.03
N VAL C 134 -6.41 44.78 -34.41
CA VAL C 134 -6.02 43.39 -34.63
C VAL C 134 -6.32 42.57 -33.37
N SER C 135 -7.07 41.48 -33.55
CA SER C 135 -7.43 40.51 -32.51
C SER C 135 -7.36 39.11 -33.11
N GLU C 136 -7.23 38.07 -32.27
CA GLU C 136 -7.18 36.68 -32.76
C GLU C 136 -7.65 35.69 -31.69
N THR C 137 -8.38 34.64 -32.14
CA THR C 137 -8.89 33.57 -31.28
C THR C 137 -7.75 32.66 -30.80
N SER C 138 -8.03 31.74 -29.86
CA SER C 138 -7.04 30.77 -29.39
C SER C 138 -6.89 29.66 -30.44
N PHE C 139 -6.01 28.68 -30.18
CA PHE C 139 -5.85 27.54 -31.08
C PHE C 139 -7.06 26.63 -30.90
N LEU C 140 -7.95 26.64 -31.89
CA LEU C 140 -9.17 25.83 -31.89
C LEU C 140 -8.86 24.44 -32.41
N SER C 141 -9.38 23.41 -31.74
CA SER C 141 -9.10 22.01 -32.05
C SER C 141 -9.86 21.49 -33.25
N LYS C 142 -9.27 20.49 -33.92
CA LYS C 142 -9.81 19.79 -35.08
C LYS C 142 -9.87 18.29 -34.78
N SER C 143 -10.81 17.56 -35.43
CA SER C 143 -11.01 16.11 -35.27
C SER C 143 -9.74 15.31 -35.63
N ASP C 144 -8.95 15.80 -36.60
CA ASP C 144 -7.69 15.22 -37.06
C ASP C 144 -6.52 15.59 -36.11
N HIS C 145 -6.85 16.12 -34.91
CA HIS C 145 -5.97 16.50 -33.80
C HIS C 145 -4.96 17.59 -34.17
N SER C 146 -5.28 18.37 -35.23
CA SER C 146 -4.51 19.53 -35.64
C SER C 146 -5.25 20.76 -35.12
N PHE C 147 -4.81 21.97 -35.49
CA PHE C 147 -5.48 23.16 -34.99
C PHE C 147 -5.76 24.17 -36.10
N PHE C 148 -6.59 25.16 -35.77
CA PHE C 148 -6.91 26.29 -36.62
C PHE C 148 -7.07 27.51 -35.71
N LYS C 149 -6.72 28.68 -36.25
CA LYS C 149 -6.80 29.95 -35.55
C LYS C 149 -7.39 30.97 -36.50
N ILE C 150 -8.20 31.91 -35.96
CA ILE C 150 -8.84 32.97 -36.75
C ILE C 150 -8.41 34.33 -36.21
N SER C 151 -8.03 35.25 -37.13
CA SER C 151 -7.60 36.62 -36.83
C SER C 151 -8.61 37.62 -37.40
N TYR C 152 -8.68 38.82 -36.80
CA TYR C 152 -9.63 39.86 -37.19
C TYR C 152 -8.94 41.19 -37.43
N LEU C 153 -9.56 42.03 -38.28
CA LEU C 153 -9.08 43.36 -38.63
C LEU C 153 -10.24 44.31 -38.90
N THR C 154 -10.55 45.18 -37.91
CA THR C 154 -11.60 46.20 -37.99
C THR C 154 -11.09 47.33 -38.88
N LEU C 155 -11.86 47.61 -39.96
CA LEU C 155 -11.51 48.54 -41.05
C LEU C 155 -12.69 49.21 -41.80
N LEU C 156 -12.39 50.25 -42.58
CA LEU C 156 -13.38 50.86 -43.46
C LEU C 156 -12.94 50.65 -44.93
N PRO C 157 -13.75 49.90 -45.74
CA PRO C 157 -13.35 49.62 -47.13
C PRO C 157 -13.22 50.87 -47.99
N SER C 158 -12.09 50.97 -48.71
CA SER C 158 -11.74 52.06 -49.61
C SER C 158 -11.08 51.53 -50.88
N ALA C 159 -11.25 52.25 -52.02
CA ALA C 159 -10.69 51.90 -53.33
C ALA C 159 -9.16 51.91 -53.32
N GLU C 160 -8.56 52.73 -52.49
CA GLU C 160 -7.11 52.71 -52.39
C GLU C 160 -6.52 51.87 -51.24
N GLU C 161 -7.35 51.40 -50.31
CA GLU C 161 -6.85 50.59 -49.21
C GLU C 161 -6.95 49.10 -49.46
N SER C 162 -5.80 48.47 -49.59
CA SER C 162 -5.65 47.08 -49.92
C SER C 162 -4.95 46.34 -48.80
N TYR C 163 -5.27 45.08 -48.59
CA TYR C 163 -4.82 44.38 -47.39
C TYR C 163 -4.21 43.00 -47.67
N ASP C 164 -3.31 42.56 -46.78
CA ASP C 164 -2.62 41.27 -46.88
C ASP C 164 -2.48 40.61 -45.50
N CYS C 165 -2.68 39.28 -45.45
CA CYS C 165 -2.55 38.49 -44.23
C CYS C 165 -1.22 37.73 -44.30
N LYS C 166 -0.28 38.03 -43.37
CA LYS C 166 1.05 37.42 -43.31
C LYS C 166 1.09 36.33 -42.23
N VAL C 167 1.30 35.08 -42.67
CA VAL C 167 1.36 33.92 -41.79
C VAL C 167 2.78 33.32 -41.79
N GLU C 168 3.37 33.17 -40.60
CA GLU C 168 4.69 32.58 -40.38
C GLU C 168 4.54 31.21 -39.68
N HIS C 169 4.94 30.12 -40.36
CA HIS C 169 4.84 28.75 -39.83
C HIS C 169 6.02 27.91 -40.31
N TRP C 170 6.47 26.95 -39.48
CA TRP C 170 7.61 26.07 -39.76
C TRP C 170 7.35 25.16 -40.98
N GLY C 171 6.08 24.85 -41.23
CA GLY C 171 5.64 24.06 -42.38
C GLY C 171 5.62 24.86 -43.67
N LEU C 172 6.20 26.09 -43.64
CA LEU C 172 6.33 27.02 -44.75
C LEU C 172 7.76 27.55 -44.84
N ASP C 173 8.41 27.35 -46.00
CA ASP C 173 9.79 27.80 -46.26
C ASP C 173 9.85 29.33 -46.40
N LYS C 174 8.81 29.91 -47.03
CA LYS C 174 8.64 31.35 -47.22
C LYS C 174 7.36 31.82 -46.52
N PRO C 175 7.32 33.05 -45.92
CA PRO C 175 6.08 33.50 -45.27
C PRO C 175 4.93 33.61 -46.27
N LEU C 176 3.77 33.01 -45.91
CA LEU C 176 2.60 32.99 -46.79
C LEU C 176 1.81 34.29 -46.67
N LEU C 177 1.60 34.96 -47.81
CA LEU C 177 0.85 36.20 -47.92
C LEU C 177 -0.41 35.97 -48.73
N LYS C 178 -1.58 36.10 -48.07
CA LYS C 178 -2.87 35.90 -48.73
C LYS C 178 -3.50 37.25 -48.96
N HIS C 179 -3.46 37.69 -50.23
CA HIS C 179 -3.93 38.99 -50.70
C HIS C 179 -5.45 39.17 -50.57
N TRP C 180 -5.87 40.43 -50.42
CA TRP C 180 -7.27 40.87 -50.34
C TRP C 180 -7.40 42.30 -50.88
N GLU C 181 -8.51 42.56 -51.60
CA GLU C 181 -8.87 43.87 -52.14
C GLU C 181 -10.36 43.93 -52.50
N PRO C 182 -11.04 45.09 -52.30
CA PRO C 182 -12.47 45.16 -52.64
C PRO C 182 -12.69 45.27 -54.15
N ASP D 27 16.53 25.31 -40.72
CA ASP D 27 16.16 24.13 -39.93
C ASP D 27 15.08 24.47 -38.90
N SER D 28 13.94 23.75 -38.95
CA SER D 28 12.80 23.95 -38.05
C SER D 28 13.12 23.46 -36.62
N PRO D 29 12.68 24.18 -35.56
CA PRO D 29 13.00 23.74 -34.19
C PRO D 29 12.25 22.47 -33.78
N GLU D 30 12.90 21.66 -32.93
CA GLU D 30 12.39 20.40 -32.40
C GLU D 30 11.16 20.66 -31.51
N ASP D 31 10.07 19.90 -31.74
CA ASP D 31 8.86 20.09 -30.94
C ASP D 31 8.09 18.79 -30.72
N PHE D 32 7.76 18.52 -29.45
CA PHE D 32 6.97 17.39 -29.00
C PHE D 32 5.69 17.93 -28.42
N VAL D 33 4.55 17.50 -28.96
CA VAL D 33 3.22 17.98 -28.58
C VAL D 33 2.42 16.87 -27.86
N TYR D 34 1.56 17.28 -26.91
CA TYR D 34 0.65 16.41 -26.17
C TYR D 34 -0.73 17.07 -26.06
N GLN D 35 -1.81 16.30 -26.25
CA GLN D 35 -3.18 16.80 -26.21
C GLN D 35 -4.13 15.89 -25.44
N PHE D 36 -5.09 16.50 -24.72
CA PHE D 36 -6.14 15.80 -24.00
C PHE D 36 -7.48 16.53 -24.19
N LYS D 37 -8.54 15.76 -24.51
CA LYS D 37 -9.94 16.15 -24.74
C LYS D 37 -10.79 14.97 -24.21
N GLY D 38 -11.85 15.10 -23.40
CA GLY D 38 -12.57 16.28 -22.97
C GLY D 38 -13.90 16.38 -23.68
N MET D 39 -14.08 15.53 -24.71
CA MET D 39 -15.21 15.57 -25.63
C MET D 39 -16.50 14.87 -25.15
N CYS D 40 -17.60 15.65 -25.20
CA CYS D 40 -18.97 15.27 -24.90
C CYS D 40 -19.80 15.33 -26.20
N TYR D 41 -20.67 14.33 -26.43
CA TYR D 41 -21.50 14.22 -27.62
C TYR D 41 -22.98 14.11 -27.23
N PHE D 42 -23.78 15.14 -27.59
CA PHE D 42 -25.20 15.23 -27.26
C PHE D 42 -26.11 15.02 -28.48
N THR D 43 -27.20 14.24 -28.31
CA THR D 43 -28.18 13.89 -29.36
C THR D 43 -29.60 13.83 -28.74
N ASN D 44 -30.61 14.35 -29.46
CA ASN D 44 -32.03 14.44 -29.07
C ASN D 44 -32.16 14.99 -27.66
N GLY D 45 -31.49 16.13 -27.44
CA GLY D 45 -31.45 16.80 -26.15
C GLY D 45 -30.65 16.06 -25.11
N THR D 46 -31.34 15.59 -24.07
CA THR D 46 -30.77 14.92 -22.90
C THR D 46 -30.86 13.38 -22.94
N GLU D 47 -31.35 12.81 -24.05
CA GLU D 47 -31.56 11.37 -24.15
C GLU D 47 -30.31 10.57 -24.59
N ARG D 48 -29.36 11.21 -25.29
CA ARG D 48 -28.13 10.52 -25.75
C ARG D 48 -26.90 11.35 -25.37
N VAL D 49 -26.12 10.81 -24.42
CA VAL D 49 -24.89 11.44 -23.92
C VAL D 49 -23.74 10.46 -24.06
N ARG D 50 -22.62 10.94 -24.61
CA ARG D 50 -21.41 10.15 -24.81
C ARG D 50 -20.18 10.95 -24.42
N LEU D 51 -19.33 10.36 -23.58
CA LEU D 51 -18.08 10.97 -23.15
C LEU D 51 -16.94 10.20 -23.81
N VAL D 52 -16.03 10.94 -24.46
CA VAL D 52 -14.86 10.40 -25.13
C VAL D 52 -13.63 11.20 -24.66
N THR D 53 -12.69 10.55 -23.96
CA THR D 53 -11.49 11.23 -23.49
C THR D 53 -10.29 10.68 -24.27
N ARG D 54 -9.87 11.44 -25.29
CA ARG D 54 -8.76 11.21 -26.21
C ARG D 54 -7.42 11.67 -25.62
N TYR D 55 -6.39 10.82 -25.71
CA TYR D 55 -5.03 11.11 -25.25
C TYR D 55 -4.18 11.09 -26.51
N ILE D 56 -3.68 12.27 -26.91
CA ILE D 56 -2.96 12.44 -28.17
C ILE D 56 -1.50 12.86 -27.97
N TYR D 57 -0.58 12.17 -28.65
CA TYR D 57 0.85 12.50 -28.72
C TYR D 57 1.08 13.00 -30.15
N ASN D 58 1.48 14.29 -30.30
CA ASN D 58 1.61 14.98 -31.58
C ASN D 58 0.21 14.94 -32.22
N ARG D 59 -0.02 14.12 -33.27
CA ARG D 59 -1.35 13.99 -33.89
C ARG D 59 -1.86 12.55 -33.75
N GLU D 60 -1.08 11.71 -33.06
CA GLU D 60 -1.38 10.31 -32.84
C GLU D 60 -2.18 10.14 -31.55
N GLU D 61 -3.49 9.85 -31.67
CA GLU D 61 -4.37 9.58 -30.54
C GLU D 61 -4.05 8.14 -30.10
N TYR D 62 -3.18 7.99 -29.09
CA TYR D 62 -2.70 6.67 -28.66
C TYR D 62 -3.69 5.92 -27.75
N ALA D 63 -4.54 6.64 -27.00
CA ALA D 63 -5.49 6.00 -26.09
C ALA D 63 -6.75 6.86 -25.88
N ARG D 64 -7.89 6.19 -25.63
CA ARG D 64 -9.14 6.89 -25.35
C ARG D 64 -10.06 6.08 -24.46
N PHE D 65 -10.94 6.79 -23.76
CA PHE D 65 -12.02 6.23 -22.99
C PHE D 65 -13.30 6.65 -23.69
N ASP D 66 -14.18 5.71 -23.96
CA ASP D 66 -15.50 5.92 -24.57
C ASP D 66 -16.52 5.42 -23.56
N SER D 67 -17.49 6.26 -23.20
CA SER D 67 -18.51 5.88 -22.20
C SER D 67 -19.34 4.67 -22.69
N ASP D 68 -19.46 4.49 -24.03
CA ASP D 68 -20.17 3.39 -24.66
C ASP D 68 -19.37 2.10 -24.61
N VAL D 69 -18.02 2.18 -24.61
CA VAL D 69 -17.14 1.00 -24.50
C VAL D 69 -17.05 0.61 -23.01
N GLY D 70 -16.86 1.61 -22.15
CA GLY D 70 -16.79 1.45 -20.71
C GLY D 70 -15.40 1.35 -20.11
N VAL D 71 -14.38 1.18 -20.96
CA VAL D 71 -12.99 1.06 -20.52
C VAL D 71 -12.05 1.88 -21.41
N TYR D 72 -10.80 2.03 -20.95
CA TYR D 72 -9.75 2.67 -21.70
C TYR D 72 -9.32 1.73 -22.82
N ARG D 73 -8.85 2.27 -23.95
CA ARG D 73 -8.44 1.43 -25.07
C ARG D 73 -7.15 1.90 -25.73
N ALA D 74 -6.39 0.95 -26.29
CA ALA D 74 -5.16 1.23 -27.01
C ALA D 74 -5.49 1.41 -28.49
N VAL D 75 -5.34 2.65 -28.98
CA VAL D 75 -5.66 2.96 -30.37
C VAL D 75 -4.43 2.64 -31.27
N THR D 76 -3.22 2.86 -30.72
CA THR D 76 -1.94 2.66 -31.41
C THR D 76 -0.97 1.86 -30.51
N PRO D 77 0.16 1.30 -31.03
CA PRO D 77 1.09 0.55 -30.16
C PRO D 77 1.70 1.33 -28.97
N LEU D 78 1.51 2.66 -28.93
CA LEU D 78 1.96 3.54 -27.85
C LEU D 78 0.93 3.57 -26.69
N GLY D 79 -0.28 3.06 -26.96
CA GLY D 79 -1.42 3.01 -26.04
C GLY D 79 -1.43 1.97 -24.93
N PRO D 80 -1.05 0.68 -25.16
CA PRO D 80 -1.11 -0.32 -24.09
C PRO D 80 -0.40 0.08 -22.77
N PRO D 81 0.83 0.68 -22.71
CA PRO D 81 1.37 1.07 -21.39
C PRO D 81 0.43 1.99 -20.59
N ALA D 82 -0.37 2.83 -21.29
CA ALA D 82 -1.31 3.75 -20.67
C ALA D 82 -2.66 3.09 -20.37
N ALA D 83 -3.30 2.44 -21.38
CA ALA D 83 -4.61 1.81 -21.25
C ALA D 83 -4.63 0.73 -20.17
N GLU D 84 -3.68 -0.23 -20.21
CA GLU D 84 -3.58 -1.34 -19.24
C GLU D 84 -3.37 -0.84 -17.79
N TYR D 85 -2.53 0.20 -17.61
CA TYR D 85 -2.23 0.78 -16.30
C TYR D 85 -3.50 1.39 -15.71
N TRP D 86 -4.26 2.17 -16.51
CA TRP D 86 -5.48 2.81 -16.07
C TRP D 86 -6.65 1.80 -15.91
N ASN D 87 -6.70 0.73 -16.75
CA ASN D 87 -7.75 -0.29 -16.69
C ASN D 87 -7.67 -1.19 -15.43
N SER D 88 -6.45 -1.40 -14.89
CA SER D 88 -6.20 -2.24 -13.71
C SER D 88 -6.82 -1.67 -12.42
N GLN D 89 -6.87 -0.33 -12.30
CA GLN D 89 -7.39 0.37 -11.12
C GLN D 89 -8.90 0.63 -11.23
N LYS D 90 -9.70 0.05 -10.29
CA LYS D 90 -11.15 0.22 -10.22
C LYS D 90 -11.50 1.69 -10.02
N GLU D 91 -10.70 2.38 -9.19
CA GLU D 91 -10.79 3.80 -8.84
C GLU D 91 -10.73 4.66 -10.10
N VAL D 92 -9.78 4.36 -11.01
CA VAL D 92 -9.59 5.09 -12.27
C VAL D 92 -10.80 4.89 -13.18
N LEU D 93 -11.34 3.66 -13.26
CA LEU D 93 -12.51 3.42 -14.09
C LEU D 93 -13.73 4.10 -13.48
N GLU D 94 -13.99 3.95 -12.16
CA GLU D 94 -15.10 4.59 -11.46
C GLU D 94 -15.11 6.14 -11.63
N ARG D 95 -13.95 6.82 -11.46
CA ARG D 95 -13.82 8.28 -11.59
C ARG D 95 -14.00 8.73 -13.04
N THR D 96 -13.49 7.94 -14.03
CA THR D 96 -13.62 8.27 -15.47
C THR D 96 -15.06 8.07 -15.94
N ARG D 97 -15.67 6.94 -15.54
CA ARG D 97 -17.05 6.59 -15.86
C ARG D 97 -18.04 7.63 -15.32
N ALA D 98 -17.71 8.24 -14.16
CA ALA D 98 -18.53 9.26 -13.49
C ALA D 98 -18.60 10.56 -14.27
N GLU D 99 -17.60 10.88 -15.12
CA GLU D 99 -17.49 12.12 -15.90
C GLU D 99 -18.63 12.29 -16.94
N LEU D 100 -19.32 11.18 -17.29
CA LEU D 100 -20.48 11.25 -18.18
C LEU D 100 -21.58 12.10 -17.54
N ASP D 101 -21.75 11.96 -16.22
CA ASP D 101 -22.74 12.70 -15.47
C ASP D 101 -22.18 14.00 -14.92
N THR D 102 -21.00 13.96 -14.27
CA THR D 102 -20.36 15.11 -13.63
C THR D 102 -19.82 16.16 -14.62
N VAL D 103 -19.52 15.80 -15.88
CA VAL D 103 -19.01 16.78 -16.84
C VAL D 103 -20.01 16.98 -17.98
N CYS D 104 -20.31 15.93 -18.76
CA CYS D 104 -21.21 16.01 -19.92
C CYS D 104 -22.63 16.42 -19.54
N ARG D 105 -23.29 15.65 -18.65
CA ARG D 105 -24.67 15.94 -18.26
C ARG D 105 -24.77 17.25 -17.46
N HIS D 106 -23.75 17.55 -16.60
CA HIS D 106 -23.69 18.77 -15.79
C HIS D 106 -23.63 20.01 -16.67
N ASN D 107 -22.65 20.07 -17.59
CA ASN D 107 -22.45 21.20 -18.50
C ASN D 107 -23.60 21.39 -19.50
N TYR D 108 -24.32 20.31 -19.91
CA TYR D 108 -25.46 20.47 -20.81
C TYR D 108 -26.54 21.36 -20.20
N GLN D 109 -26.72 21.26 -18.88
CA GLN D 109 -27.69 22.09 -18.15
C GLN D 109 -27.29 23.54 -18.20
N LEU D 110 -25.96 23.80 -18.25
CA LEU D 110 -25.43 25.16 -18.35
C LEU D 110 -25.65 25.66 -19.78
N GLU D 111 -25.27 24.85 -20.80
CA GLU D 111 -25.44 25.16 -22.24
C GLU D 111 -26.90 25.51 -22.56
N LEU D 112 -27.87 24.77 -21.99
CA LEU D 112 -29.32 24.97 -22.17
C LEU D 112 -29.76 26.37 -21.78
N ARG D 113 -29.07 26.98 -20.80
CA ARG D 113 -29.35 28.31 -20.27
C ARG D 113 -28.46 29.40 -20.88
N THR D 114 -27.40 29.00 -21.60
CA THR D 114 -26.49 29.99 -22.19
C THR D 114 -26.37 29.81 -23.75
N THR D 115 -25.48 28.92 -24.24
CA THR D 115 -25.17 28.71 -25.66
C THR D 115 -26.37 28.22 -26.49
N LEU D 116 -27.18 27.28 -25.96
CA LEU D 116 -28.33 26.73 -26.69
C LEU D 116 -29.50 27.72 -26.78
N GLN D 117 -29.49 28.78 -25.93
CA GLN D 117 -30.53 29.81 -25.96
C GLN D 117 -30.14 30.94 -26.90
N ARG D 118 -28.85 31.01 -27.32
CA ARG D 118 -28.34 32.04 -28.23
C ARG D 118 -29.05 31.97 -29.58
N ARG D 119 -29.57 33.13 -30.04
CA ARG D 119 -30.26 33.28 -31.31
C ARG D 119 -29.90 34.63 -31.95
N VAL D 120 -29.16 34.58 -33.07
CA VAL D 120 -28.73 35.76 -33.82
C VAL D 120 -29.32 35.67 -35.23
N GLU D 121 -30.19 36.63 -35.57
CA GLU D 121 -30.90 36.71 -36.85
C GLU D 121 -29.94 37.08 -38.01
N PRO D 122 -30.10 36.43 -39.20
CA PRO D 122 -29.19 36.74 -40.31
C PRO D 122 -29.57 38.02 -41.07
N THR D 123 -28.57 38.66 -41.70
CA THR D 123 -28.75 39.86 -42.52
C THR D 123 -28.60 39.41 -43.96
N VAL D 124 -29.73 39.34 -44.67
CA VAL D 124 -29.81 38.88 -46.05
C VAL D 124 -29.82 40.05 -47.02
N THR D 125 -28.86 40.06 -47.97
CA THR D 125 -28.69 41.07 -49.02
C THR D 125 -28.35 40.42 -50.36
N ILE D 126 -28.77 41.04 -51.46
CA ILE D 126 -28.46 40.58 -52.81
C ILE D 126 -27.62 41.65 -53.51
N SER D 127 -26.55 41.23 -54.21
CA SER D 127 -25.64 42.10 -54.93
C SER D 127 -25.13 41.42 -56.23
N PRO D 128 -25.07 42.13 -57.38
CA PRO D 128 -24.61 41.48 -58.61
C PRO D 128 -23.08 41.47 -58.71
N LEU D 139 -24.21 35.20 -61.39
CA LEU D 139 -24.35 36.62 -61.71
C LEU D 139 -24.87 37.40 -60.48
N LEU D 140 -25.89 36.86 -59.78
CA LEU D 140 -26.49 37.47 -58.58
C LEU D 140 -26.26 36.54 -57.36
N VAL D 141 -25.71 37.09 -56.27
CA VAL D 141 -25.40 36.32 -55.05
C VAL D 141 -26.24 36.81 -53.85
N CYS D 142 -26.67 35.86 -53.02
CA CYS D 142 -27.42 36.10 -51.79
C CYS D 142 -26.47 35.98 -50.59
N SER D 143 -26.17 37.11 -49.93
CA SER D 143 -25.28 37.17 -48.78
C SER D 143 -26.05 37.04 -47.48
N VAL D 144 -25.95 35.86 -46.84
CA VAL D 144 -26.60 35.55 -45.55
C VAL D 144 -25.49 35.71 -44.48
N THR D 145 -25.44 36.91 -43.89
CA THR D 145 -24.40 37.34 -42.98
C THR D 145 -24.84 37.33 -41.51
N ASP D 146 -23.88 36.93 -40.62
CA ASP D 146 -23.90 36.90 -39.16
C ASP D 146 -25.16 36.26 -38.55
N PHE D 147 -25.11 34.95 -38.29
CA PHE D 147 -26.23 34.22 -37.69
C PHE D 147 -25.76 33.07 -36.78
N TYR D 148 -26.59 32.70 -35.78
CA TYR D 148 -26.36 31.62 -34.82
C TYR D 148 -27.71 31.10 -34.30
N PRO D 149 -27.99 29.77 -34.27
CA PRO D 149 -27.12 28.62 -34.60
C PRO D 149 -26.84 28.42 -36.09
N ALA D 150 -26.12 27.34 -36.41
CA ALA D 150 -25.67 26.94 -37.74
C ALA D 150 -26.81 26.58 -38.72
N GLN D 151 -27.88 25.96 -38.24
CA GLN D 151 -28.99 25.57 -39.07
C GLN D 151 -29.51 26.66 -39.97
N ILE D 152 -29.44 26.45 -41.26
CA ILE D 152 -29.86 27.43 -42.26
C ILE D 152 -30.34 26.72 -43.53
N LYS D 153 -31.30 27.33 -44.22
CA LYS D 153 -31.88 26.88 -45.49
C LYS D 153 -32.12 28.10 -46.36
N VAL D 154 -31.41 28.17 -47.51
CA VAL D 154 -31.51 29.27 -48.47
C VAL D 154 -32.03 28.71 -49.81
N ARG D 155 -33.09 29.33 -50.37
CA ARG D 155 -33.72 28.93 -51.63
C ARG D 155 -33.94 30.12 -52.56
N TRP D 156 -33.44 30.02 -53.81
CA TRP D 156 -33.59 31.05 -54.84
C TRP D 156 -34.89 30.82 -55.62
N PHE D 157 -35.69 31.88 -55.85
CA PHE D 157 -36.95 31.78 -56.59
C PHE D 157 -37.00 32.76 -57.76
N ARG D 158 -37.40 32.23 -58.90
CA ARG D 158 -37.77 32.98 -60.06
C ARG D 158 -39.27 33.00 -59.98
N ASN D 159 -39.80 34.11 -59.52
CA ASN D 159 -41.25 34.30 -59.53
C ASN D 159 -42.07 33.19 -58.92
N ASP D 160 -41.73 32.76 -57.73
CA ASP D 160 -42.49 31.75 -57.02
C ASP D 160 -42.30 30.38 -57.61
N GLN D 161 -41.30 30.30 -58.46
CA GLN D 161 -40.83 29.04 -59.02
C GLN D 161 -39.36 28.89 -58.66
N GLU D 162 -39.03 27.89 -57.82
CA GLU D 162 -37.64 27.66 -57.37
C GLU D 162 -36.74 27.27 -58.54
N GLU D 163 -35.47 27.72 -58.51
CA GLU D 163 -34.47 27.42 -59.51
C GLU D 163 -33.35 26.58 -58.90
N THR D 164 -33.38 25.25 -59.16
CA THR D 164 -32.41 24.28 -58.68
C THR D 164 -31.14 24.28 -59.56
N THR D 165 -31.26 24.85 -60.77
CA THR D 165 -30.16 24.94 -61.74
C THR D 165 -29.56 26.36 -61.71
N GLY D 166 -28.24 26.42 -61.57
CA GLY D 166 -27.49 27.68 -61.52
C GLY D 166 -27.04 28.09 -60.13
N VAL D 167 -27.57 27.44 -59.08
CA VAL D 167 -27.22 27.73 -57.70
C VAL D 167 -25.88 27.10 -57.32
N VAL D 168 -25.01 27.89 -56.68
CA VAL D 168 -23.69 27.42 -56.25
C VAL D 168 -23.41 27.96 -54.85
N SER D 169 -24.09 27.38 -53.84
CA SER D 169 -23.96 27.78 -52.45
C SER D 169 -22.60 27.41 -51.90
N THR D 170 -21.94 28.38 -51.25
CA THR D 170 -20.64 28.16 -50.62
C THR D 170 -20.87 27.34 -49.36
N PRO D 171 -19.93 26.50 -48.89
CA PRO D 171 -20.18 25.80 -47.61
C PRO D 171 -20.35 26.79 -46.46
N LEU D 172 -20.95 26.36 -45.35
CA LEU D 172 -21.17 27.21 -44.17
C LEU D 172 -19.83 27.75 -43.66
N ILE D 173 -19.72 29.09 -43.59
CA ILE D 173 -18.51 29.77 -43.15
C ILE D 173 -18.62 30.14 -41.68
N ARG D 174 -17.71 29.60 -40.85
CA ARG D 174 -17.62 29.90 -39.42
C ARG D 174 -16.72 31.12 -39.25
N ASN D 175 -17.21 32.17 -38.56
CA ASN D 175 -16.47 33.42 -38.36
C ASN D 175 -15.58 33.37 -37.12
N GLY D 176 -15.93 32.51 -36.15
CA GLY D 176 -15.16 32.34 -34.93
C GLY D 176 -15.54 33.27 -33.80
N ASP D 177 -16.54 34.14 -34.05
CA ASP D 177 -17.05 35.05 -33.03
C ASP D 177 -18.53 34.70 -32.74
N TRP D 178 -18.82 33.38 -32.76
CA TRP D 178 -20.12 32.76 -32.49
C TRP D 178 -21.21 33.27 -33.48
N THR D 179 -20.80 33.47 -34.74
CA THR D 179 -21.64 33.88 -35.89
C THR D 179 -21.20 33.09 -37.11
N PHE D 180 -22.15 32.82 -38.02
CA PHE D 180 -21.92 32.11 -39.26
C PHE D 180 -22.21 33.00 -40.46
N GLN D 181 -21.76 32.55 -41.64
CA GLN D 181 -21.85 33.23 -42.93
C GLN D 181 -22.07 32.20 -44.05
N ILE D 182 -22.90 32.54 -45.06
CA ILE D 182 -23.15 31.66 -46.21
C ILE D 182 -23.56 32.53 -47.41
N LEU D 183 -22.97 32.24 -48.58
CA LEU D 183 -23.21 32.95 -49.83
C LEU D 183 -23.74 31.98 -50.89
N VAL D 184 -24.91 32.29 -51.48
CA VAL D 184 -25.53 31.43 -52.49
C VAL D 184 -25.61 32.20 -53.82
N MET D 185 -24.80 31.75 -54.80
CA MET D 185 -24.73 32.35 -56.14
C MET D 185 -25.86 31.81 -57.03
N LEU D 186 -26.19 32.54 -58.11
CA LEU D 186 -27.27 32.15 -59.03
C LEU D 186 -27.00 32.63 -60.47
N GLU D 187 -27.18 31.72 -61.45
CA GLU D 187 -27.08 31.99 -62.89
C GLU D 187 -28.42 32.55 -63.34
N MET D 188 -28.45 33.83 -63.75
CA MET D 188 -29.70 34.47 -64.13
C MET D 188 -29.73 34.96 -65.59
N THR D 189 -30.96 35.04 -66.16
CA THR D 189 -31.30 35.55 -67.48
C THR D 189 -32.29 36.69 -67.22
N PRO D 190 -31.86 37.95 -67.17
CA PRO D 190 -32.76 39.01 -66.72
C PRO D 190 -33.80 39.56 -67.72
N GLN D 191 -35.05 39.65 -67.26
CA GLN D 191 -36.15 40.26 -68.01
C GLN D 191 -36.59 41.48 -67.23
N ARG D 192 -36.64 42.62 -67.91
CA ARG D 192 -36.80 43.89 -67.25
C ARG D 192 -38.09 43.84 -66.47
N GLY D 193 -38.04 44.32 -65.23
CA GLY D 193 -39.20 44.39 -64.36
C GLY D 193 -39.52 43.09 -63.66
N ASP D 194 -38.71 42.06 -63.89
CA ASP D 194 -38.89 40.75 -63.26
C ASP D 194 -38.50 40.69 -61.79
N VAL D 195 -39.12 39.78 -61.05
CA VAL D 195 -38.85 39.65 -59.63
C VAL D 195 -38.24 38.32 -59.22
N TYR D 196 -37.10 38.43 -58.57
CA TYR D 196 -36.40 37.28 -58.02
C TYR D 196 -36.30 37.37 -56.50
N THR D 197 -36.62 36.28 -55.82
CA THR D 197 -36.52 36.26 -54.37
C THR D 197 -35.39 35.42 -53.84
N CYS D 198 -34.97 35.76 -52.63
CA CYS D 198 -34.11 34.90 -51.82
C CYS D 198 -34.85 34.52 -50.54
N HIS D 199 -35.16 33.22 -50.38
CA HIS D 199 -35.91 32.67 -49.25
C HIS D 199 -34.96 32.02 -48.23
N VAL D 200 -34.81 32.67 -47.05
CA VAL D 200 -33.87 32.23 -46.01
C VAL D 200 -34.61 31.90 -44.68
N GLU D 201 -34.42 30.66 -44.19
CA GLU D 201 -35.00 30.15 -42.94
C GLU D 201 -33.90 29.92 -41.89
N HIS D 202 -34.20 30.26 -40.63
CA HIS D 202 -33.29 30.15 -39.49
C HIS D 202 -34.10 29.94 -38.18
N PRO D 203 -33.55 29.23 -37.14
CA PRO D 203 -34.33 29.02 -35.90
C PRO D 203 -34.63 30.30 -35.11
N SER D 204 -33.99 31.42 -35.45
CA SER D 204 -34.23 32.72 -34.80
C SER D 204 -35.38 33.48 -35.49
N LEU D 205 -35.92 32.95 -36.61
CA LEU D 205 -37.01 33.58 -37.38
C LEU D 205 -38.29 32.76 -37.37
N GLN D 206 -39.41 33.38 -36.94
CA GLN D 206 -40.74 32.78 -36.86
C GLN D 206 -41.30 32.46 -38.26
N ASN D 207 -40.90 33.27 -39.27
CA ASN D 207 -41.27 33.12 -40.68
C ASN D 207 -40.03 33.39 -41.55
N PRO D 208 -39.88 32.76 -42.74
CA PRO D 208 -38.67 33.00 -43.55
C PRO D 208 -38.46 34.46 -43.95
N ILE D 209 -37.20 34.88 -44.04
CA ILE D 209 -36.84 36.24 -44.44
C ILE D 209 -36.67 36.23 -45.97
N ILE D 210 -37.62 36.87 -46.67
CA ILE D 210 -37.67 36.94 -48.14
C ILE D 210 -37.14 38.31 -48.59
N VAL D 211 -36.06 38.31 -49.40
CA VAL D 211 -35.45 39.52 -49.93
C VAL D 211 -35.54 39.46 -51.45
N GLU D 212 -36.07 40.51 -52.09
CA GLU D 212 -36.23 40.49 -53.54
C GLU D 212 -35.28 41.39 -54.29
N TRP D 213 -35.09 41.10 -55.56
CA TRP D 213 -34.20 41.91 -56.37
C TRP D 213 -34.75 42.29 -57.72
N ARG D 214 -34.66 43.57 -58.04
CA ARG D 214 -35.13 44.07 -59.32
C ARG D 214 -34.04 44.92 -59.97
N ASP E 3 -18.84 27.00 1.85
CA ASP E 3 -17.88 26.00 1.39
C ASP E 3 -17.45 25.09 2.57
N GLN E 4 -18.40 24.79 3.48
CA GLN E 4 -18.15 24.02 4.71
C GLN E 4 -18.80 22.63 4.74
N VAL E 5 -18.26 21.79 5.66
CA VAL E 5 -18.65 20.41 5.95
C VAL E 5 -19.14 20.34 7.40
N THR E 6 -20.31 19.73 7.64
CA THR E 6 -20.93 19.59 8.95
C THR E 6 -21.26 18.13 9.21
N GLN E 7 -20.71 17.56 10.30
CA GLN E 7 -20.93 16.17 10.67
C GLN E 7 -21.81 16.07 11.91
N SER E 8 -22.99 15.43 11.78
CA SER E 8 -23.91 15.25 12.89
C SER E 8 -24.17 13.76 13.17
N PRO E 9 -24.07 13.30 14.44
CA PRO E 9 -23.68 14.05 15.65
C PRO E 9 -22.16 14.11 15.82
N GLU E 10 -21.67 14.87 16.81
CA GLU E 10 -20.23 14.98 17.07
C GLU E 10 -19.76 13.72 17.82
N ALA E 11 -20.67 13.09 18.57
CA ALA E 11 -20.46 11.87 19.34
C ALA E 11 -21.70 10.98 19.29
N LEU E 12 -21.47 9.66 19.16
CA LEU E 12 -22.54 8.67 19.11
C LEU E 12 -22.21 7.47 19.99
N ARG E 13 -23.19 7.09 20.84
CA ARG E 13 -23.13 5.95 21.75
C ARG E 13 -24.19 4.96 21.34
N LEU E 14 -23.77 3.77 20.90
CA LEU E 14 -24.71 2.74 20.46
C LEU E 14 -24.52 1.45 21.21
N GLN E 15 -25.62 0.70 21.35
CA GLN E 15 -25.68 -0.61 21.98
C GLN E 15 -25.43 -1.65 20.86
N GLU E 16 -24.73 -2.78 21.16
CA GLU E 16 -24.42 -3.81 20.16
C GLU E 16 -25.66 -4.18 19.34
N GLY E 17 -25.62 -3.95 18.04
CA GLY E 17 -26.72 -4.25 17.13
C GLY E 17 -27.68 -3.10 16.84
N GLU E 18 -27.57 -1.99 17.60
CA GLU E 18 -28.42 -0.81 17.43
C GLU E 18 -28.00 -0.04 16.16
N SER E 19 -28.56 -0.44 15.01
CA SER E 19 -28.25 0.16 13.70
C SER E 19 -28.62 1.65 13.68
N SER E 20 -27.64 2.50 13.36
CA SER E 20 -27.81 3.95 13.26
C SER E 20 -27.13 4.49 11.98
N SER E 21 -27.33 5.79 11.69
CA SER E 21 -26.78 6.46 10.51
C SER E 21 -25.99 7.70 10.91
N LEU E 22 -24.87 7.95 10.20
CA LEU E 22 -24.00 9.11 10.39
C LEU E 22 -24.24 10.11 9.26
N ASN E 23 -24.44 11.39 9.60
CA ASN E 23 -24.73 12.41 8.60
C ASN E 23 -23.53 13.33 8.38
N CYS E 24 -23.32 13.72 7.12
CA CYS E 24 -22.29 14.66 6.69
C CYS E 24 -22.88 15.62 5.66
N SER E 25 -23.38 16.78 6.14
CA SER E 25 -23.99 17.83 5.33
C SER E 25 -22.94 18.79 4.79
N TYR E 26 -23.02 19.12 3.51
CA TYR E 26 -22.08 20.00 2.82
C TYR E 26 -22.84 21.04 2.05
N THR E 27 -22.26 22.23 1.96
CA THR E 27 -22.92 23.31 1.24
C THR E 27 -21.89 24.04 0.35
N VAL E 28 -20.94 23.27 -0.18
CA VAL E 28 -19.93 23.76 -1.11
C VAL E 28 -20.54 23.64 -2.53
N SER E 29 -19.93 24.31 -3.53
CA SER E 29 -20.41 24.24 -4.91
C SER E 29 -19.42 23.46 -5.80
N GLY E 30 -19.96 22.72 -6.75
CA GLY E 30 -19.17 21.95 -7.71
C GLY E 30 -18.43 20.76 -7.14
N LEU E 31 -19.13 19.90 -6.38
CA LEU E 31 -18.54 18.70 -5.79
C LEU E 31 -18.08 17.74 -6.90
N ARG E 32 -16.87 17.19 -6.75
CA ARG E 32 -16.30 16.23 -7.69
C ARG E 32 -15.82 14.96 -6.94
N GLY E 33 -16.09 14.91 -5.63
CA GLY E 33 -15.72 13.79 -4.79
C GLY E 33 -16.03 14.02 -3.33
N LEU E 34 -16.65 13.01 -2.68
CA LEU E 34 -16.93 12.96 -1.25
C LEU E 34 -16.28 11.69 -0.71
N PHE E 35 -15.63 11.80 0.45
CA PHE E 35 -14.88 10.68 1.00
C PHE E 35 -15.30 10.34 2.42
N TRP E 36 -15.12 9.07 2.79
CA TRP E 36 -15.41 8.57 4.12
C TRP E 36 -14.20 7.83 4.66
N TYR E 37 -13.79 8.19 5.87
CA TYR E 37 -12.64 7.60 6.56
C TYR E 37 -12.99 7.18 7.97
N ARG E 38 -12.32 6.14 8.47
CA ARG E 38 -12.46 5.74 9.87
C ARG E 38 -11.08 5.92 10.47
N GLN E 39 -11.01 6.60 11.61
CA GLN E 39 -9.76 6.86 12.27
C GLN E 39 -9.82 6.31 13.69
N ASP E 40 -8.82 5.51 14.06
CA ASP E 40 -8.70 4.95 15.41
C ASP E 40 -7.82 5.89 16.26
N PRO E 41 -8.15 6.09 17.57
CA PRO E 41 -7.35 6.99 18.43
C PRO E 41 -5.84 6.93 18.21
N GLY E 42 -5.27 8.05 17.77
CA GLY E 42 -3.84 8.21 17.53
C GLY E 42 -3.30 7.74 16.19
N LYS E 43 -3.97 6.75 15.57
CA LYS E 43 -3.58 6.15 14.28
C LYS E 43 -4.06 7.00 13.09
N GLY E 44 -3.56 6.67 11.90
CA GLY E 44 -3.89 7.36 10.66
C GLY E 44 -5.29 7.06 10.15
N PRO E 45 -5.92 8.02 9.40
CA PRO E 45 -7.29 7.79 8.88
C PRO E 45 -7.34 6.78 7.73
N GLU E 46 -7.98 5.63 8.01
CA GLU E 46 -8.19 4.52 7.08
C GLU E 46 -9.34 4.88 6.13
N PHE E 47 -9.11 4.74 4.81
CA PHE E 47 -10.10 5.05 3.77
C PHE E 47 -11.21 4.01 3.73
N LEU E 48 -12.46 4.48 3.47
CA LEU E 48 -13.65 3.64 3.38
C LEU E 48 -14.32 3.76 2.01
N PHE E 49 -14.87 4.95 1.67
CA PHE E 49 -15.61 5.15 0.42
C PHE E 49 -15.29 6.46 -0.29
N THR E 50 -15.47 6.44 -1.61
CA THR E 50 -15.36 7.59 -2.51
C THR E 50 -16.65 7.63 -3.31
N LEU E 51 -17.32 8.80 -3.30
CA LEU E 51 -18.56 9.02 -4.03
C LEU E 51 -18.36 10.23 -4.93
N TYR E 52 -18.53 10.03 -6.25
CA TYR E 52 -18.28 11.05 -7.25
C TYR E 52 -19.48 11.93 -7.64
N SER E 53 -20.74 11.47 -7.48
CA SER E 53 -21.91 12.27 -7.85
C SER E 53 -23.15 11.89 -7.03
N ALA E 54 -24.13 12.82 -6.95
CA ALA E 54 -25.38 12.64 -6.22
C ALA E 54 -26.19 11.45 -6.76
N GLY E 55 -26.68 10.62 -5.84
CA GLY E 55 -27.49 9.44 -6.16
C GLY E 55 -26.70 8.14 -6.14
N GLU E 56 -25.38 8.25 -5.99
CA GLU E 56 -24.49 7.10 -5.92
C GLU E 56 -24.55 6.47 -4.52
N GLU E 57 -24.17 5.19 -4.43
CA GLU E 57 -24.11 4.43 -3.20
C GLU E 57 -23.01 3.38 -3.31
N LYS E 58 -22.27 3.22 -2.22
CA LYS E 58 -21.18 2.26 -2.11
C LYS E 58 -21.42 1.42 -0.87
N GLU E 59 -21.04 0.14 -0.91
CA GLU E 59 -21.25 -0.80 0.18
C GLU E 59 -20.01 -1.66 0.41
N LYS E 60 -19.64 -1.87 1.69
CA LYS E 60 -18.48 -2.67 2.11
C LYS E 60 -18.81 -3.28 3.46
N GLU E 61 -19.10 -4.60 3.48
CA GLU E 61 -19.54 -5.37 4.66
C GLU E 61 -20.79 -4.69 5.26
N ARG E 62 -20.78 -4.32 6.57
CA ARG E 62 -21.91 -3.68 7.27
C ARG E 62 -22.00 -2.15 7.13
N LEU E 63 -21.21 -1.56 6.21
CA LEU E 63 -21.22 -0.12 5.96
C LEU E 63 -21.85 0.22 4.61
N LYS E 64 -22.57 1.34 4.55
CA LYS E 64 -23.19 1.81 3.31
C LYS E 64 -23.21 3.33 3.29
N ALA E 65 -22.54 3.90 2.29
CA ALA E 65 -22.46 5.33 2.09
C ALA E 65 -23.41 5.75 0.96
N THR E 66 -24.17 6.81 1.21
CA THR E 66 -25.12 7.42 0.28
C THR E 66 -24.66 8.83 -0.01
N LEU E 67 -24.94 9.35 -1.21
CA LEU E 67 -24.64 10.74 -1.54
C LEU E 67 -25.87 11.37 -2.19
N THR E 68 -26.29 12.51 -1.62
CA THR E 68 -27.42 13.34 -2.06
C THR E 68 -26.83 14.71 -2.47
N LYS E 69 -27.67 15.61 -2.99
CA LYS E 69 -27.25 16.92 -3.45
C LYS E 69 -26.83 17.86 -2.29
N LYS E 70 -27.15 17.51 -1.02
CA LYS E 70 -26.86 18.35 0.16
C LYS E 70 -26.17 17.60 1.32
N GLU E 71 -26.10 16.26 1.26
CA GLU E 71 -25.52 15.47 2.35
C GLU E 71 -25.08 14.07 1.91
N SER E 72 -24.39 13.38 2.83
CA SER E 72 -23.93 12.00 2.70
C SER E 72 -24.17 11.28 4.00
N PHE E 73 -24.79 10.08 3.93
CA PHE E 73 -25.08 9.25 5.09
C PHE E 73 -24.19 8.02 5.12
N LEU E 74 -23.77 7.62 6.32
CA LEU E 74 -22.99 6.41 6.49
C LEU E 74 -23.77 5.47 7.38
N HIS E 75 -24.61 4.63 6.74
CA HIS E 75 -25.46 3.66 7.42
C HIS E 75 -24.62 2.49 7.85
N ILE E 76 -24.49 2.33 9.16
CA ILE E 76 -23.76 1.21 9.77
C ILE E 76 -24.83 0.30 10.41
N THR E 77 -25.12 -0.82 9.74
CA THR E 77 -26.14 -1.79 10.17
C THR E 77 -25.50 -2.85 11.06
N ALA E 78 -26.13 -3.08 12.23
CA ALA E 78 -25.72 -4.00 13.30
C ALA E 78 -24.27 -3.68 13.73
N PRO E 79 -24.03 -2.53 14.41
CA PRO E 79 -22.66 -2.20 14.79
C PRO E 79 -22.16 -3.11 15.89
N LYS E 80 -20.87 -3.40 15.85
CA LYS E 80 -20.16 -4.24 16.81
C LYS E 80 -19.11 -3.37 17.49
N PRO E 81 -18.60 -3.70 18.71
CA PRO E 81 -17.61 -2.81 19.36
C PRO E 81 -16.37 -2.54 18.52
N GLU E 82 -16.13 -3.37 17.48
CA GLU E 82 -15.04 -3.26 16.51
C GLU E 82 -15.18 -1.99 15.66
N ASP E 83 -16.43 -1.57 15.37
CA ASP E 83 -16.72 -0.37 14.57
C ASP E 83 -16.57 0.92 15.37
N SER E 84 -16.07 0.85 16.62
CA SER E 84 -15.85 2.04 17.44
C SER E 84 -14.59 2.73 16.97
N ALA E 85 -14.76 3.95 16.45
CA ALA E 85 -13.71 4.83 15.93
C ALA E 85 -14.29 6.22 15.66
N THR E 86 -13.49 7.13 15.09
CA THR E 86 -13.93 8.47 14.68
C THR E 86 -14.16 8.40 13.18
N TYR E 87 -15.37 8.73 12.71
CA TYR E 87 -15.69 8.64 11.29
C TYR E 87 -15.63 10.00 10.65
N LEU E 88 -14.64 10.17 9.77
CA LEU E 88 -14.33 11.41 9.07
C LEU E 88 -14.91 11.44 7.66
N CYS E 89 -15.34 12.63 7.25
CA CYS E 89 -15.97 12.96 5.97
C CYS E 89 -15.20 14.12 5.32
N ALA E 90 -14.88 14.03 4.02
CA ALA E 90 -14.14 15.10 3.33
C ALA E 90 -14.70 15.41 1.95
N VAL E 91 -14.63 16.69 1.53
CA VAL E 91 -15.13 17.07 0.21
C VAL E 91 -14.03 17.69 -0.67
N GLN E 92 -14.10 17.41 -1.98
CA GLN E 92 -13.23 17.98 -3.02
C GLN E 92 -14.16 18.63 -4.05
N ALA E 93 -14.18 19.98 -4.12
CA ALA E 93 -15.10 20.76 -4.96
C ALA E 93 -14.52 22.08 -5.48
N SER E 94 -15.03 22.55 -6.65
CA SER E 94 -14.64 23.78 -7.34
C SER E 94 -14.67 25.00 -6.42
N GLY E 95 -15.72 25.09 -5.60
CA GLY E 95 -15.95 26.14 -4.61
C GLY E 95 -14.84 26.23 -3.59
N GLY E 96 -14.35 25.06 -3.17
CA GLY E 96 -13.26 24.94 -2.20
C GLY E 96 -11.89 24.76 -2.83
N SER E 97 -11.75 25.07 -4.15
CA SER E 97 -10.53 24.96 -4.97
C SER E 97 -9.99 23.52 -5.05
N TYR E 98 -10.86 22.52 -4.76
CA TYR E 98 -10.65 21.06 -4.74
C TYR E 98 -9.71 20.59 -3.59
N ILE E 99 -9.13 21.52 -2.77
CA ILE E 99 -8.29 21.14 -1.61
C ILE E 99 -9.20 20.44 -0.57
N PRO E 100 -8.86 19.21 -0.13
CA PRO E 100 -9.77 18.47 0.78
C PRO E 100 -10.21 19.25 2.02
N THR E 101 -11.56 19.39 2.17
CA THR E 101 -12.20 20.05 3.31
C THR E 101 -12.82 18.98 4.19
N PHE E 102 -12.22 18.77 5.36
CA PHE E 102 -12.62 17.73 6.32
C PHE E 102 -13.60 18.19 7.37
N GLY E 103 -14.51 17.28 7.74
CA GLY E 103 -15.45 17.45 8.84
C GLY E 103 -14.72 17.19 10.14
N ARG E 104 -15.32 17.58 11.27
CA ARG E 104 -14.66 17.40 12.57
C ARG E 104 -14.85 15.97 13.15
N GLY E 105 -15.46 15.08 12.34
CA GLY E 105 -15.69 13.69 12.69
C GLY E 105 -16.91 13.38 13.55
N THR E 106 -17.20 12.07 13.68
CA THR E 106 -18.25 11.50 14.51
C THR E 106 -17.59 10.42 15.35
N SER E 107 -17.45 10.65 16.65
CA SER E 107 -16.83 9.65 17.52
C SER E 107 -17.89 8.60 17.85
N LEU E 108 -17.78 7.45 17.20
CA LEU E 108 -18.70 6.35 17.40
C LEU E 108 -18.13 5.39 18.41
N ILE E 109 -18.95 5.02 19.40
CA ILE E 109 -18.61 4.04 20.41
C ILE E 109 -19.80 3.09 20.52
N VAL E 110 -19.52 1.81 20.24
CA VAL E 110 -20.46 0.70 20.27
C VAL E 110 -20.14 -0.14 21.50
N HIS E 111 -21.10 -0.22 22.43
CA HIS E 111 -20.96 -0.96 23.68
C HIS E 111 -21.34 -2.41 23.44
N PRO E 112 -20.66 -3.38 24.12
CA PRO E 112 -20.98 -4.79 23.87
C PRO E 112 -22.33 -5.23 24.44
N TYR E 113 -22.62 -6.53 24.31
CA TYR E 113 -23.82 -7.14 24.83
C TYR E 113 -23.39 -8.11 25.91
N ILE E 114 -23.78 -7.84 27.15
CA ILE E 114 -23.44 -8.72 28.26
C ILE E 114 -24.65 -9.64 28.51
N GLN E 115 -24.55 -10.89 27.99
CA GLN E 115 -25.55 -11.94 28.07
C GLN E 115 -25.91 -12.25 29.53
N ASN E 116 -24.90 -12.43 30.39
CA ASN E 116 -25.12 -12.74 31.80
C ASN E 116 -24.30 -11.80 32.70
N PRO E 117 -24.84 -10.62 33.09
CA PRO E 117 -24.08 -9.74 33.98
C PRO E 117 -24.06 -10.28 35.41
N ASP E 118 -22.90 -10.13 36.07
CA ASP E 118 -22.64 -10.54 37.45
C ASP E 118 -21.80 -9.41 38.12
N PRO E 119 -22.35 -8.16 38.27
CA PRO E 119 -21.55 -7.06 38.83
C PRO E 119 -20.96 -7.37 40.20
N ALA E 120 -19.72 -6.92 40.42
CA ALA E 120 -18.97 -7.14 41.65
C ALA E 120 -17.73 -6.25 41.75
N VAL E 121 -17.32 -5.93 42.99
CA VAL E 121 -16.11 -5.15 43.28
C VAL E 121 -15.19 -6.05 44.11
N TYR E 122 -13.98 -6.33 43.59
CA TYR E 122 -13.03 -7.23 44.26
C TYR E 122 -11.75 -6.52 44.71
N GLN E 123 -11.13 -7.01 45.80
CA GLN E 123 -9.87 -6.50 46.33
C GLN E 123 -8.73 -7.42 45.90
N LEU E 124 -7.91 -6.95 44.95
CA LEU E 124 -6.76 -7.68 44.41
C LEU E 124 -5.62 -7.76 45.44
N ARG E 125 -4.76 -8.78 45.32
CA ARG E 125 -3.63 -9.02 46.21
C ARG E 125 -2.61 -7.91 46.05
N ASP E 126 -2.30 -7.22 47.17
CA ASP E 126 -1.36 -6.09 47.24
C ASP E 126 0.06 -6.53 46.84
N SER E 127 0.60 -5.92 45.77
CA SER E 127 1.95 -6.18 45.24
C SER E 127 3.01 -5.80 46.30
N LYS E 128 3.96 -6.73 46.59
CA LYS E 128 5.02 -6.56 47.59
C LYS E 128 6.03 -5.47 47.17
N SER E 129 6.03 -5.09 45.87
CA SER E 129 6.89 -4.05 45.32
C SER E 129 6.06 -2.79 44.90
N SER E 130 4.89 -2.57 45.56
CA SER E 130 4.02 -1.43 45.25
C SER E 130 3.28 -0.89 46.47
N ASP E 131 3.21 0.44 46.49
CA ASP E 131 2.58 1.33 47.48
C ASP E 131 1.03 1.36 47.29
N LYS E 132 0.56 1.05 46.07
CA LYS E 132 -0.86 1.07 45.68
C LYS E 132 -1.67 -0.16 46.13
N SER E 133 -2.99 0.04 46.21
CA SER E 133 -4.03 -0.95 46.50
C SER E 133 -5.04 -0.89 45.37
N VAL E 134 -5.34 -2.02 44.71
CA VAL E 134 -6.25 -2.03 43.56
C VAL E 134 -7.58 -2.77 43.88
N CYS E 135 -8.70 -2.15 43.46
CA CYS E 135 -10.06 -2.68 43.51
C CYS E 135 -10.56 -2.77 42.06
N LEU E 136 -11.19 -3.90 41.68
CA LEU E 136 -11.69 -4.08 40.32
C LEU E 136 -13.21 -4.28 40.32
N PHE E 137 -13.89 -3.45 39.52
CA PHE E 137 -15.34 -3.51 39.31
C PHE E 137 -15.55 -4.24 37.99
N THR E 138 -16.06 -5.47 38.02
CA THR E 138 -16.20 -6.24 36.78
C THR E 138 -17.57 -6.91 36.61
N ASP E 139 -17.79 -7.46 35.39
CA ASP E 139 -18.94 -8.22 34.91
C ASP E 139 -20.27 -7.45 35.01
N PHE E 140 -20.24 -6.14 34.76
CA PHE E 140 -21.44 -5.32 34.75
C PHE E 140 -21.95 -5.16 33.31
N ASP E 141 -23.26 -4.87 33.14
CA ASP E 141 -23.87 -4.67 31.83
C ASP E 141 -23.40 -3.33 31.23
N SER E 142 -23.49 -3.19 29.90
CA SER E 142 -23.01 -2.02 29.17
C SER E 142 -23.83 -0.74 29.41
N GLN E 143 -25.03 -0.87 29.99
CA GLN E 143 -25.92 0.27 30.27
C GLN E 143 -25.38 1.15 31.40
N THR E 144 -24.64 0.59 32.38
CA THR E 144 -24.10 1.34 33.53
C THR E 144 -22.87 2.19 33.14
N ASN E 145 -22.80 3.42 33.68
CA ASN E 145 -21.71 4.37 33.43
C ASN E 145 -20.87 4.62 34.68
N VAL E 146 -19.54 4.55 34.51
CA VAL E 146 -18.52 4.71 35.57
C VAL E 146 -17.87 6.11 35.43
N SER E 147 -17.79 6.84 36.56
CA SER E 147 -17.19 8.18 36.61
C SER E 147 -16.06 8.24 37.63
N GLN E 148 -15.07 9.12 37.36
CA GLN E 148 -13.87 9.37 38.16
C GLN E 148 -14.18 9.67 39.61
N SER E 149 -13.31 9.22 40.52
CA SER E 149 -13.47 9.42 41.97
C SER E 149 -13.43 10.90 42.36
N LYS E 150 -14.13 11.26 43.44
CA LYS E 150 -14.13 12.63 43.97
C LYS E 150 -13.24 12.66 45.23
N ASP E 151 -12.53 11.54 45.50
CA ASP E 151 -11.65 11.37 46.65
C ASP E 151 -10.19 11.60 46.29
N SER E 152 -9.50 12.44 47.10
CA SER E 152 -8.09 12.78 46.94
C SER E 152 -7.22 11.52 46.94
N ASP E 153 -6.25 11.47 46.00
CA ASP E 153 -5.27 10.39 45.77
C ASP E 153 -5.92 9.03 45.37
N VAL E 154 -7.18 9.05 44.87
CA VAL E 154 -7.90 7.87 44.37
C VAL E 154 -8.06 8.03 42.85
N TYR E 155 -7.81 6.96 42.07
CA TYR E 155 -7.90 7.01 40.62
C TYR E 155 -8.77 5.91 40.09
N ILE E 156 -9.78 6.28 39.27
CA ILE E 156 -10.69 5.32 38.65
C ILE E 156 -10.61 5.47 37.13
N THR E 157 -10.48 4.35 36.42
CA THR E 157 -10.39 4.30 34.96
C THR E 157 -11.76 3.97 34.35
N ASP E 158 -11.97 4.36 33.08
CA ASP E 158 -13.23 4.11 32.36
C ASP E 158 -13.39 2.61 32.04
N LYS E 159 -14.62 2.17 31.73
CA LYS E 159 -14.92 0.75 31.41
C LYS E 159 -14.17 0.32 30.17
N CYS E 160 -13.65 -0.90 30.21
CA CYS E 160 -12.90 -1.48 29.11
C CYS E 160 -13.34 -2.93 28.95
N VAL E 161 -13.62 -3.31 27.68
CA VAL E 161 -14.11 -4.63 27.30
C VAL E 161 -12.95 -5.56 26.95
N LEU E 162 -12.94 -6.74 27.55
CA LEU E 162 -11.96 -7.79 27.29
C LEU E 162 -12.68 -9.02 26.72
N ASP E 163 -12.07 -9.66 25.71
CA ASP E 163 -12.69 -10.80 25.05
C ASP E 163 -11.98 -12.10 25.35
N MET E 164 -12.71 -13.02 25.98
CA MET E 164 -12.24 -14.37 26.27
C MET E 164 -12.97 -15.29 25.31
N ARG E 165 -12.75 -15.07 24.00
CA ARG E 165 -13.38 -15.77 22.87
C ARG E 165 -13.20 -17.29 22.90
N SER E 166 -12.26 -17.81 23.71
CA SER E 166 -12.04 -19.26 23.90
C SER E 166 -13.27 -19.88 24.59
N MET E 167 -14.01 -19.08 25.37
CA MET E 167 -15.21 -19.43 26.11
C MET E 167 -16.45 -18.62 25.64
N ASP E 168 -16.31 -17.89 24.49
CA ASP E 168 -17.32 -17.00 23.87
C ASP E 168 -17.90 -16.01 24.92
N PHE E 169 -17.01 -15.48 25.78
CA PHE E 169 -17.31 -14.62 26.92
C PHE E 169 -16.73 -13.21 26.76
N LYS E 170 -17.52 -12.20 27.16
CA LYS E 170 -17.17 -10.78 27.17
C LYS E 170 -17.46 -10.19 28.53
N SER E 171 -16.61 -9.26 29.01
CA SER E 171 -16.84 -8.61 30.30
C SER E 171 -16.32 -7.18 30.30
N ASN E 172 -16.95 -6.33 31.12
CA ASN E 172 -16.58 -4.93 31.32
C ASN E 172 -15.87 -4.80 32.66
N SER E 173 -14.95 -3.83 32.81
CA SER E 173 -14.24 -3.60 34.07
C SER E 173 -13.68 -2.18 34.20
N ALA E 174 -13.66 -1.70 35.44
CA ALA E 174 -13.08 -0.42 35.83
C ALA E 174 -12.14 -0.71 36.99
N VAL E 175 -10.97 -0.05 36.97
CA VAL E 175 -9.92 -0.25 37.97
C VAL E 175 -9.83 1.01 38.83
N ALA E 176 -9.82 0.82 40.16
CA ALA E 176 -9.68 1.89 41.16
C ALA E 176 -8.45 1.64 42.01
N TRP E 177 -7.55 2.63 42.12
CA TRP E 177 -6.37 2.49 42.97
C TRP E 177 -6.07 3.77 43.74
N SER E 178 -5.48 3.60 44.94
CA SER E 178 -5.10 4.67 45.85
C SER E 178 -4.03 4.19 46.85
N ASN E 179 -3.12 5.10 47.26
CA ASN E 179 -2.08 4.79 48.23
C ASN E 179 -2.56 5.09 49.66
N LYS E 180 -3.77 5.70 49.79
CA LYS E 180 -4.43 6.04 51.06
C LYS E 180 -4.72 4.77 51.89
N SER E 181 -4.43 4.84 53.20
CA SER E 181 -4.61 3.75 54.17
C SER E 181 -6.10 3.40 54.34
N ASP E 182 -6.96 4.44 54.35
CA ASP E 182 -8.42 4.39 54.52
C ASP E 182 -9.16 3.91 53.25
N PHE E 183 -8.45 3.77 52.12
CA PHE E 183 -9.04 3.38 50.84
C PHE E 183 -9.54 1.92 50.85
N ALA E 184 -10.89 1.79 50.86
CA ALA E 184 -11.63 0.52 50.84
C ALA E 184 -12.49 0.43 49.59
N CYS E 185 -12.61 -0.78 49.04
CA CYS E 185 -13.38 -1.07 47.82
C CYS E 185 -14.88 -0.85 48.04
N ALA E 186 -15.37 -1.15 49.26
CA ALA E 186 -16.76 -1.04 49.73
C ALA E 186 -17.45 0.28 49.33
N ASN E 187 -16.68 1.38 49.26
CA ASN E 187 -17.20 2.68 48.86
C ASN E 187 -16.24 3.39 47.88
N ALA E 188 -15.46 2.61 47.11
CA ALA E 188 -14.51 3.12 46.12
C ALA E 188 -15.24 3.65 44.89
N PHE E 189 -16.34 2.98 44.49
CA PHE E 189 -17.15 3.38 43.34
C PHE E 189 -18.43 4.11 43.79
N ASN E 190 -18.26 5.03 44.75
CA ASN E 190 -19.33 5.83 45.33
C ASN E 190 -19.89 6.83 44.29
N ASN E 191 -19.00 7.53 43.56
CA ASN E 191 -19.38 8.53 42.57
C ASN E 191 -20.08 7.92 41.34
N SER E 192 -19.77 6.66 41.02
CA SER E 192 -20.39 5.98 39.89
C SER E 192 -21.71 5.36 40.34
N ILE E 193 -22.73 5.36 39.45
CA ILE E 193 -24.03 4.75 39.73
C ILE E 193 -23.86 3.25 39.44
N ILE E 194 -23.98 2.44 40.50
CA ILE E 194 -23.78 1.00 40.48
C ILE E 194 -25.14 0.28 40.55
N PRO E 195 -25.35 -0.85 39.81
CA PRO E 195 -26.65 -1.56 39.90
C PRO E 195 -26.92 -2.08 41.31
N GLU E 196 -28.18 -1.95 41.79
CA GLU E 196 -28.66 -2.34 43.13
C GLU E 196 -28.11 -3.70 43.59
N ASP E 197 -28.30 -4.75 42.78
CA ASP E 197 -27.83 -6.10 43.08
C ASP E 197 -26.43 -6.32 42.50
N THR E 198 -25.43 -5.79 43.23
CA THR E 198 -24.00 -5.85 42.94
C THR E 198 -23.31 -6.63 44.07
N PHE E 199 -22.36 -7.49 43.74
CA PHE E 199 -21.69 -8.32 44.73
C PHE E 199 -20.54 -7.58 45.41
N PHE E 200 -20.42 -7.76 46.74
CA PHE E 200 -19.38 -7.21 47.58
C PHE E 200 -18.92 -8.30 48.57
N PRO E 201 -17.74 -8.92 48.33
CA PRO E 201 -17.30 -10.03 49.20
C PRO E 201 -16.79 -9.59 50.57
N SER E 202 -16.80 -10.49 51.52
CA SER E 202 -16.39 -10.18 52.86
C SER E 202 -15.01 -10.71 53.18
N GLY F 2 0.73 1.64 2.13
CA GLY F 2 1.23 2.41 1.01
C GLY F 2 2.04 3.62 1.44
N VAL F 3 1.33 4.63 2.01
CA VAL F 3 1.92 5.87 2.53
C VAL F 3 2.57 5.56 3.87
N THR F 4 3.86 5.91 4.02
CA THR F 4 4.63 5.67 5.23
C THR F 4 5.21 6.98 5.78
N GLN F 5 5.34 7.06 7.12
CA GLN F 5 5.83 8.24 7.82
C GLN F 5 6.81 7.91 8.95
N THR F 6 8.01 8.54 8.90
CA THR F 6 9.08 8.44 9.88
C THR F 6 9.39 9.84 10.47
N PRO F 7 9.65 10.02 11.78
CA PRO F 7 9.61 9.01 12.86
C PRO F 7 8.18 8.74 13.32
N LYS F 8 7.91 7.63 14.02
CA LYS F 8 6.58 7.36 14.54
C LYS F 8 6.34 8.23 15.79
N HIS F 9 7.33 8.26 16.70
CA HIS F 9 7.33 9.02 17.95
C HIS F 9 8.44 10.06 17.99
N LEU F 10 8.11 11.28 18.43
CA LEU F 10 9.10 12.33 18.54
C LEU F 10 8.84 13.16 19.80
N ILE F 11 9.85 13.19 20.68
CA ILE F 11 9.85 13.92 21.93
C ILE F 11 10.99 14.93 21.81
N THR F 12 10.70 16.23 21.99
CA THR F 12 11.72 17.26 21.85
C THR F 12 11.45 18.44 22.81
N ALA F 13 12.41 19.38 22.89
CA ALA F 13 12.31 20.58 23.73
C ALA F 13 11.81 21.78 22.90
N THR F 14 11.38 22.87 23.58
CA THR F 14 10.92 24.08 22.91
C THR F 14 12.14 24.84 22.37
N GLY F 15 12.02 25.34 21.13
CA GLY F 15 13.09 26.06 20.46
C GLY F 15 13.93 25.18 19.55
N GLN F 16 13.60 23.88 19.50
CA GLN F 16 14.30 22.90 18.67
C GLN F 16 13.78 22.93 17.24
N ARG F 17 14.38 22.11 16.37
CA ARG F 17 14.02 21.97 14.96
C ARG F 17 13.88 20.49 14.66
N VAL F 18 12.73 20.08 14.13
CA VAL F 18 12.52 18.68 13.78
C VAL F 18 12.24 18.57 12.29
N THR F 19 12.59 17.42 11.70
CA THR F 19 12.37 17.13 10.28
C THR F 19 11.58 15.82 10.20
N LEU F 20 10.36 15.90 9.68
CA LEU F 20 9.46 14.75 9.52
C LEU F 20 9.47 14.33 8.07
N ARG F 21 9.34 13.02 7.82
CA ARG F 21 9.38 12.48 6.47
C ARG F 21 8.15 11.66 6.13
N CYS F 22 7.89 11.54 4.83
CA CYS F 22 6.76 10.82 4.28
C CYS F 22 7.09 10.27 2.91
N SER F 23 6.78 8.99 2.70
CA SER F 23 6.95 8.36 1.41
C SER F 23 5.56 8.01 0.87
N PRO F 24 5.14 8.61 -0.26
CA PRO F 24 3.79 8.34 -0.79
C PRO F 24 3.65 6.96 -1.42
N ARG F 25 2.43 6.61 -1.86
CA ARG F 25 2.17 5.37 -2.58
C ARG F 25 2.86 5.42 -3.95
N SER F 26 3.30 4.24 -4.42
CA SER F 26 3.92 4.10 -5.73
C SER F 26 2.89 4.48 -6.80
N GLY F 27 3.24 5.45 -7.65
CA GLY F 27 2.34 5.96 -8.68
C GLY F 27 1.62 7.24 -8.30
N ASP F 28 1.75 7.64 -7.02
CA ASP F 28 1.16 8.86 -6.50
C ASP F 28 2.22 9.97 -6.57
N LEU F 29 1.93 11.04 -7.34
CA LEU F 29 2.84 12.16 -7.58
C LEU F 29 2.53 13.40 -6.73
N SER F 30 1.41 13.39 -5.99
CA SER F 30 1.01 14.51 -5.15
C SER F 30 1.02 14.13 -3.66
N VAL F 31 1.64 14.98 -2.83
CA VAL F 31 1.69 14.77 -1.38
C VAL F 31 1.07 15.97 -0.66
N TYR F 32 0.47 15.70 0.50
CA TYR F 32 -0.22 16.66 1.36
C TYR F 32 0.28 16.50 2.76
N TRP F 33 0.29 17.59 3.54
CA TRP F 33 0.71 17.56 4.93
C TRP F 33 -0.39 18.15 5.80
N TYR F 34 -0.79 17.41 6.85
CA TYR F 34 -1.84 17.81 7.78
C TYR F 34 -1.38 17.83 9.23
N GLN F 35 -1.98 18.70 10.05
CA GLN F 35 -1.72 18.76 11.49
C GLN F 35 -3.03 18.51 12.22
N GLN F 36 -3.09 17.42 12.97
CA GLN F 36 -4.25 17.06 13.76
C GLN F 36 -3.96 17.29 15.26
N SER F 37 -4.77 18.17 15.85
CA SER F 37 -4.77 18.57 17.26
C SER F 37 -6.19 18.36 17.82
N LEU F 38 -6.30 18.17 19.14
CA LEU F 38 -7.56 17.96 19.85
C LEU F 38 -8.59 19.12 19.63
N ASP F 39 -8.09 20.37 19.54
CA ASP F 39 -8.89 21.60 19.41
C ASP F 39 -9.21 22.07 17.97
N GLN F 40 -8.44 21.62 16.96
CA GLN F 40 -8.65 22.10 15.59
C GLN F 40 -8.97 20.99 14.57
N GLY F 41 -8.75 19.74 14.96
CA GLY F 41 -9.00 18.61 14.07
C GLY F 41 -7.96 18.53 12.98
N LEU F 42 -8.31 17.89 11.85
CA LEU F 42 -7.38 17.73 10.73
C LEU F 42 -7.27 19.02 9.91
N GLN F 43 -6.11 19.71 10.08
CA GLN F 43 -5.84 20.98 9.41
C GLN F 43 -4.75 20.86 8.35
N PHE F 44 -5.11 21.17 7.09
CA PHE F 44 -4.22 21.15 5.92
C PHE F 44 -3.15 22.20 6.06
N LEU F 45 -1.90 21.79 5.82
CA LEU F 45 -0.74 22.69 5.93
C LEU F 45 -0.20 23.08 4.55
N ILE F 46 0.16 22.09 3.70
CA ILE F 46 0.76 22.31 2.38
C ILE F 46 0.56 21.06 1.48
N GLN F 47 0.58 21.27 0.16
CA GLN F 47 0.46 20.26 -0.88
C GLN F 47 1.55 20.45 -1.93
N TYR F 48 2.18 19.34 -2.32
CA TYR F 48 3.21 19.27 -3.34
C TYR F 48 2.75 18.39 -4.49
N TYR F 49 3.23 18.70 -5.71
CA TYR F 49 2.98 17.89 -6.88
C TYR F 49 4.23 17.85 -7.75
N ASN F 50 4.81 16.64 -7.85
CA ASN F 50 6.01 16.30 -8.62
C ASN F 50 7.20 17.26 -8.32
N GLY F 51 7.50 17.43 -7.03
CA GLY F 51 8.60 18.26 -6.54
C GLY F 51 8.28 19.73 -6.38
N GLU F 52 7.19 20.19 -7.01
CA GLU F 52 6.75 21.59 -7.00
C GLU F 52 5.65 21.82 -5.98
N GLU F 53 5.58 23.04 -5.40
CA GLU F 53 4.54 23.41 -4.44
C GLU F 53 3.23 23.66 -5.20
N ARG F 54 2.13 23.01 -4.78
CA ARG F 54 0.84 23.15 -5.44
C ARG F 54 -0.09 24.06 -4.63
N ALA F 55 -0.35 23.74 -3.36
CA ALA F 55 -1.24 24.54 -2.54
C ALA F 55 -0.68 24.72 -1.14
N LYS F 56 -0.94 25.87 -0.54
CA LYS F 56 -0.48 26.25 0.79
C LYS F 56 -1.69 26.61 1.64
N GLY F 57 -1.83 25.96 2.78
CA GLY F 57 -2.89 26.24 3.75
C GLY F 57 -2.40 27.24 4.76
N ASN F 58 -3.09 27.33 5.92
CA ASN F 58 -2.69 28.25 7.00
C ASN F 58 -1.52 27.59 7.74
N ILE F 59 -0.31 27.90 7.25
CA ILE F 59 0.95 27.35 7.74
C ILE F 59 1.86 28.50 8.17
N LEU F 60 2.57 28.27 9.29
CA LEU F 60 3.51 29.23 9.90
C LEU F 60 4.78 29.37 9.06
N GLU F 61 5.51 30.48 9.24
CA GLU F 61 6.77 30.75 8.51
C GLU F 61 7.87 29.76 8.95
N ARG F 62 7.89 29.37 10.24
CA ARG F 62 8.85 28.43 10.82
C ARG F 62 8.58 26.99 10.34
N PHE F 63 7.42 26.77 9.72
CA PHE F 63 7.06 25.47 9.12
C PHE F 63 7.40 25.53 7.64
N SER F 64 8.29 24.65 7.18
CA SER F 64 8.71 24.63 5.77
C SER F 64 8.79 23.19 5.27
N ALA F 65 8.20 22.94 4.10
CA ALA F 65 8.22 21.62 3.50
C ALA F 65 8.96 21.63 2.16
N GLN F 66 9.11 20.44 1.56
CA GLN F 66 9.79 20.20 0.29
C GLN F 66 9.47 18.81 -0.22
N GLN F 67 9.42 18.63 -1.54
CA GLN F 67 9.21 17.32 -2.16
C GLN F 67 10.40 17.05 -3.08
N PHE F 68 11.02 15.88 -2.91
CA PHE F 68 12.24 15.47 -3.60
C PHE F 68 11.97 14.73 -4.92
N PRO F 69 12.96 14.62 -5.85
CA PRO F 69 12.71 13.97 -7.15
C PRO F 69 12.21 12.52 -7.07
N ASP F 70 12.57 11.80 -5.99
CA ASP F 70 12.09 10.43 -5.74
C ASP F 70 10.66 10.46 -5.16
N LEU F 71 9.99 11.64 -5.26
CA LEU F 71 8.64 11.99 -4.87
C LEU F 71 8.36 11.89 -3.35
N HIS F 72 9.39 11.69 -2.52
CA HIS F 72 9.15 11.68 -1.07
C HIS F 72 9.13 13.14 -0.57
N SER F 73 8.45 13.38 0.57
CA SER F 73 8.33 14.73 1.13
C SER F 73 8.88 14.82 2.54
N GLU F 74 9.42 16.00 2.88
CA GLU F 74 9.97 16.32 4.19
C GLU F 74 9.35 17.60 4.74
N LEU F 75 8.96 17.59 6.01
CA LEU F 75 8.40 18.76 6.68
C LEU F 75 9.33 19.18 7.81
N ASN F 76 9.75 20.44 7.81
CA ASN F 76 10.70 20.95 8.79
C ASN F 76 10.02 21.94 9.72
N LEU F 77 9.74 21.50 10.95
CA LEU F 77 9.09 22.33 11.97
C LEU F 77 10.18 22.89 12.87
N SER F 78 10.67 24.10 12.55
CA SER F 78 11.72 24.77 13.30
C SER F 78 11.14 25.67 14.40
N SER F 79 11.99 26.12 15.35
CA SER F 79 11.68 26.98 16.51
C SER F 79 10.32 26.58 17.11
N LEU F 80 10.30 25.35 17.62
CA LEU F 80 9.13 24.68 18.19
C LEU F 80 8.60 25.36 19.43
N GLU F 81 7.28 25.23 19.62
CA GLU F 81 6.51 25.74 20.75
C GLU F 81 5.70 24.59 21.33
N LEU F 82 5.22 24.71 22.58
CA LEU F 82 4.41 23.67 23.25
C LEU F 82 3.14 23.32 22.47
N GLY F 83 2.58 24.31 21.76
CA GLY F 83 1.37 24.16 20.96
C GLY F 83 1.54 23.35 19.70
N ASP F 84 2.79 23.09 19.27
CA ASP F 84 3.11 22.29 18.09
C ASP F 84 2.98 20.79 18.41
N SER F 85 2.71 20.46 19.68
CA SER F 85 2.47 19.09 20.11
C SER F 85 1.16 18.64 19.50
N ALA F 86 1.25 17.83 18.42
CA ALA F 86 0.10 17.34 17.66
C ALA F 86 0.45 16.05 16.91
N LEU F 87 -0.49 15.59 16.07
CA LEU F 87 -0.33 14.44 15.20
C LEU F 87 -0.15 14.96 13.79
N TYR F 88 1.00 14.74 13.19
CA TYR F 88 1.23 15.24 11.85
C TYR F 88 1.07 14.10 10.87
N PHE F 89 0.02 14.16 10.06
CA PHE F 89 -0.26 13.14 9.08
C PHE F 89 0.18 13.61 7.72
N CYS F 90 0.44 12.64 6.85
CA CYS F 90 0.81 12.84 5.47
C CYS F 90 -0.14 12.04 4.64
N ALA F 91 -0.51 12.60 3.50
CA ALA F 91 -1.44 11.97 2.57
C ALA F 91 -0.91 12.10 1.17
N SER F 92 -1.34 11.19 0.29
CA SER F 92 -0.91 11.23 -1.10
C SER F 92 -2.06 10.90 -2.05
N SER F 93 -2.18 11.66 -3.14
CA SER F 93 -3.17 11.41 -4.20
C SER F 93 -2.41 11.13 -5.51
N ASN F 94 -3.07 10.49 -6.49
CA ASN F 94 -2.44 10.11 -7.76
C ASN F 94 -1.90 11.34 -8.55
N ARG F 95 -2.75 12.36 -8.83
CA ARG F 95 -2.36 13.54 -9.64
C ARG F 95 -2.60 14.91 -8.95
N GLY F 96 -3.33 14.92 -7.83
CA GLY F 96 -3.68 16.14 -7.12
C GLY F 96 -4.84 16.88 -7.76
N LEU F 97 -5.68 16.15 -8.51
CA LEU F 97 -6.86 16.63 -9.23
C LEU F 97 -8.14 16.37 -8.43
N GLY F 98 -9.25 16.94 -8.88
CA GLY F 98 -10.56 16.86 -8.23
C GLY F 98 -11.12 15.51 -7.88
N THR F 99 -10.98 14.51 -8.79
CA THR F 99 -11.53 13.16 -8.62
C THR F 99 -10.68 12.25 -7.73
N ASP F 100 -9.35 12.49 -7.64
CA ASP F 100 -8.36 11.68 -6.88
C ASP F 100 -8.75 11.40 -5.44
N THR F 101 -8.41 10.20 -4.95
CA THR F 101 -8.70 9.80 -3.57
C THR F 101 -7.42 9.86 -2.73
N GLN F 102 -7.49 10.61 -1.62
CA GLN F 102 -6.37 10.77 -0.70
C GLN F 102 -6.13 9.52 0.07
N TYR F 103 -4.87 9.20 0.33
CA TYR F 103 -4.51 8.02 1.10
C TYR F 103 -3.53 8.43 2.16
N PHE F 104 -3.92 8.23 3.42
CA PHE F 104 -3.14 8.68 4.55
C PHE F 104 -2.07 7.73 5.01
N GLY F 105 -1.14 8.29 5.77
CA GLY F 105 -0.03 7.60 6.39
C GLY F 105 -0.28 7.43 7.88
N PRO F 106 0.61 6.71 8.62
CA PRO F 106 0.37 6.49 10.05
C PRO F 106 0.56 7.75 10.91
N GLY F 107 1.39 8.68 10.46
CA GLY F 107 1.60 9.94 11.16
C GLY F 107 2.77 10.00 12.11
N THR F 108 3.22 11.22 12.40
CA THR F 108 4.28 11.45 13.35
C THR F 108 3.67 12.11 14.59
N ARG F 109 3.79 11.44 15.76
CA ARG F 109 3.29 11.96 17.01
C ARG F 109 4.40 12.76 17.68
N LEU F 110 4.35 14.09 17.51
CA LEU F 110 5.33 15.02 18.06
C LEU F 110 4.82 15.57 19.37
N THR F 111 5.71 15.59 20.37
CA THR F 111 5.46 16.14 21.71
C THR F 111 6.58 17.13 22.00
N VAL F 112 6.21 18.40 22.21
CA VAL F 112 7.15 19.47 22.52
C VAL F 112 7.03 19.79 24.01
N LEU F 113 8.15 19.67 24.74
CA LEU F 113 8.21 19.95 26.19
C LEU F 113 9.01 21.22 26.44
N GLU F 114 8.83 21.86 27.61
CA GLU F 114 9.59 23.05 27.95
C GLU F 114 11.05 22.63 28.11
N ASP F 115 11.35 21.87 29.17
CA ASP F 115 12.68 21.29 29.39
C ASP F 115 12.52 19.79 29.39
N LEU F 116 13.59 19.05 29.07
CA LEU F 116 13.52 17.59 29.01
C LEU F 116 13.74 16.98 30.43
N LYS F 117 13.74 17.84 31.45
CA LYS F 117 13.93 17.48 32.87
C LYS F 117 12.68 16.81 33.46
N ASN F 118 11.50 17.24 33.01
CA ASN F 118 10.20 16.76 33.50
C ASN F 118 9.81 15.36 32.99
N VAL F 119 10.68 14.73 32.16
CA VAL F 119 10.51 13.38 31.59
C VAL F 119 10.77 12.35 32.69
N PHE F 120 9.83 11.38 32.85
CA PHE F 120 9.93 10.29 33.83
C PHE F 120 9.47 8.99 33.23
N PRO F 121 10.18 7.85 33.46
CA PRO F 121 9.70 6.57 32.93
C PRO F 121 8.56 5.99 33.79
N PRO F 122 7.87 4.90 33.39
CA PRO F 122 6.78 4.40 34.24
C PRO F 122 7.25 3.51 35.37
N GLU F 123 6.40 3.38 36.39
CA GLU F 123 6.57 2.44 37.50
C GLU F 123 5.57 1.32 37.26
N VAL F 124 6.06 0.11 36.93
CA VAL F 124 5.17 -1.00 36.60
C VAL F 124 4.93 -1.87 37.84
N ALA F 125 3.65 -2.18 38.09
CA ALA F 125 3.20 -3.05 39.18
C ALA F 125 2.11 -4.00 38.68
N VAL F 126 2.23 -5.28 39.04
CA VAL F 126 1.28 -6.35 38.71
C VAL F 126 0.54 -6.71 39.99
N PHE F 127 -0.79 -6.84 39.92
CA PHE F 127 -1.63 -7.20 41.07
C PHE F 127 -2.37 -8.50 40.77
N GLU F 128 -2.14 -9.50 41.61
CA GLU F 128 -2.70 -10.85 41.50
C GLU F 128 -4.21 -10.85 41.77
N PRO F 129 -4.97 -11.79 41.15
CA PRO F 129 -6.43 -11.78 41.32
C PRO F 129 -6.92 -12.04 42.75
N SER F 130 -8.14 -11.59 43.02
CA SER F 130 -8.84 -11.79 44.28
C SER F 130 -9.25 -13.26 44.40
N GLU F 131 -9.19 -13.82 45.62
CA GLU F 131 -9.62 -15.19 45.89
C GLU F 131 -11.14 -15.28 45.78
N ALA F 132 -11.83 -14.14 46.00
CA ALA F 132 -13.27 -13.99 45.91
C ALA F 132 -13.74 -14.06 44.46
N GLU F 133 -12.99 -13.42 43.52
CA GLU F 133 -13.31 -13.42 42.09
C GLU F 133 -13.25 -14.85 41.54
N ILE F 134 -12.18 -15.58 41.87
CA ILE F 134 -11.94 -16.97 41.48
C ILE F 134 -13.11 -17.85 41.95
N SER F 135 -13.46 -17.78 43.24
CA SER F 135 -14.53 -18.58 43.86
C SER F 135 -15.97 -18.18 43.43
N HIS F 136 -16.14 -17.04 42.73
CA HIS F 136 -17.47 -16.57 42.33
C HIS F 136 -17.75 -16.70 40.82
N THR F 137 -16.75 -16.40 39.97
CA THR F 137 -16.90 -16.41 38.51
C THR F 137 -16.10 -17.53 37.84
N GLN F 138 -15.19 -18.19 38.58
CA GLN F 138 -14.25 -19.25 38.14
C GLN F 138 -13.28 -18.70 37.07
N LYS F 139 -13.10 -17.37 37.09
CA LYS F 139 -12.20 -16.57 36.27
C LYS F 139 -11.26 -15.81 37.20
N ALA F 140 -10.13 -15.30 36.67
CA ALA F 140 -9.13 -14.56 37.45
C ALA F 140 -8.57 -13.40 36.66
N THR F 141 -8.71 -12.17 37.20
CA THR F 141 -8.25 -10.94 36.56
C THR F 141 -7.01 -10.39 37.25
N LEU F 142 -5.92 -10.26 36.47
CA LEU F 142 -4.66 -9.65 36.87
C LEU F 142 -4.67 -8.24 36.37
N VAL F 143 -4.21 -7.30 37.18
CA VAL F 143 -4.23 -5.89 36.83
C VAL F 143 -2.82 -5.36 36.78
N CYS F 144 -2.50 -4.64 35.70
CA CYS F 144 -1.21 -3.98 35.58
C CYS F 144 -1.39 -2.49 35.76
N LEU F 145 -0.44 -1.87 36.49
CA LEU F 145 -0.46 -0.45 36.75
C LEU F 145 0.86 0.21 36.33
N ALA F 146 0.79 1.19 35.44
CA ALA F 146 1.96 1.95 34.99
C ALA F 146 1.77 3.42 35.41
N THR F 147 2.40 3.81 36.53
CA THR F 147 2.22 5.14 37.11
C THR F 147 3.48 6.00 37.00
N GLY F 148 3.27 7.32 37.13
CA GLY F 148 4.30 8.36 37.11
C GLY F 148 5.12 8.53 35.86
N PHE F 149 4.59 8.12 34.67
CA PHE F 149 5.32 8.27 33.42
C PHE F 149 4.96 9.56 32.70
N PHE F 150 5.92 10.21 32.05
CA PHE F 150 5.71 11.43 31.26
C PHE F 150 6.77 11.59 30.18
N PRO F 151 6.47 11.81 28.89
CA PRO F 151 5.12 11.92 28.30
C PRO F 151 4.49 10.56 28.00
N ASP F 152 3.20 10.58 27.58
CA ASP F 152 2.33 9.41 27.33
C ASP F 152 2.71 8.50 26.13
N HIS F 153 3.95 8.55 25.61
CA HIS F 153 4.38 7.68 24.51
C HIS F 153 4.72 6.27 25.03
N VAL F 154 3.69 5.49 25.42
CA VAL F 154 3.95 4.14 25.95
C VAL F 154 3.09 3.07 25.27
N GLU F 155 3.64 1.85 25.19
CA GLU F 155 2.98 0.66 24.67
C GLU F 155 3.02 -0.41 25.76
N LEU F 156 1.84 -0.81 26.26
CA LEU F 156 1.70 -1.80 27.32
C LEU F 156 1.38 -3.19 26.71
N SER F 157 2.05 -4.24 27.22
CA SER F 157 1.84 -5.62 26.76
C SER F 157 1.83 -6.61 27.92
N TRP F 158 1.16 -7.76 27.72
CA TRP F 158 1.07 -8.86 28.68
C TRP F 158 1.81 -10.09 28.14
N TRP F 159 2.66 -10.71 28.97
CA TRP F 159 3.46 -11.87 28.58
C TRP F 159 3.17 -13.05 29.47
N VAL F 160 2.68 -14.17 28.89
CA VAL F 160 2.44 -15.38 29.68
C VAL F 160 3.36 -16.50 29.14
N ASN F 161 4.23 -17.02 30.02
CA ASN F 161 5.23 -18.07 29.79
C ASN F 161 6.24 -17.72 28.67
N GLY F 162 6.60 -16.43 28.58
CA GLY F 162 7.60 -15.94 27.64
C GLY F 162 7.07 -15.34 26.35
N LYS F 163 5.84 -15.72 25.95
CA LYS F 163 5.21 -15.25 24.71
C LYS F 163 4.03 -14.31 24.99
N GLU F 164 3.84 -13.27 24.13
CA GLU F 164 2.81 -12.24 24.29
C GLU F 164 1.39 -12.80 24.07
N VAL F 165 0.42 -12.24 24.81
CA VAL F 165 -0.98 -12.60 24.75
C VAL F 165 -1.84 -11.37 24.46
N HIS F 166 -3.01 -11.61 23.84
CA HIS F 166 -4.01 -10.61 23.48
C HIS F 166 -5.40 -11.07 23.95
N SER F 167 -5.60 -12.39 24.08
CA SER F 167 -6.85 -12.99 24.56
C SER F 167 -7.07 -12.62 26.03
N GLY F 168 -8.22 -12.02 26.31
CA GLY F 168 -8.60 -11.58 27.66
C GLY F 168 -7.84 -10.37 28.17
N VAL F 169 -7.09 -9.68 27.28
CA VAL F 169 -6.30 -8.48 27.57
C VAL F 169 -7.06 -7.27 27.11
N CYS F 170 -7.09 -6.23 27.95
CA CYS F 170 -7.71 -4.96 27.63
C CYS F 170 -7.04 -3.84 28.44
N THR F 171 -6.55 -2.82 27.73
CA THR F 171 -5.84 -1.67 28.28
C THR F 171 -6.64 -0.38 28.00
N ASP F 172 -6.56 0.59 28.92
CA ASP F 172 -7.25 1.89 28.79
C ASP F 172 -6.81 2.60 27.50
N PRO F 173 -7.73 3.12 26.66
CA PRO F 173 -7.29 3.79 25.42
C PRO F 173 -6.41 5.00 25.73
N GLN F 174 -6.87 5.86 26.65
CA GLN F 174 -6.15 7.05 27.06
C GLN F 174 -5.66 6.92 28.50
N PRO F 175 -4.43 7.37 28.81
CA PRO F 175 -3.96 7.32 30.20
C PRO F 175 -4.63 8.41 31.04
N LEU F 176 -4.56 8.28 32.37
CA LEU F 176 -5.08 9.28 33.33
C LEU F 176 -4.00 10.27 33.69
N LYS F 177 -4.40 11.43 34.20
CA LYS F 177 -3.49 12.46 34.69
C LYS F 177 -3.41 12.32 36.22
N GLU F 178 -2.20 12.14 36.78
CA GLU F 178 -2.04 12.01 38.23
C GLU F 178 -2.42 13.33 38.94
N GLN F 179 -2.16 14.47 38.28
CA GLN F 179 -2.50 15.82 38.74
C GLN F 179 -3.35 16.50 37.64
N PRO F 180 -4.68 16.22 37.55
CA PRO F 180 -5.50 16.78 36.46
C PRO F 180 -5.40 18.30 36.22
N ALA F 181 -5.09 19.09 37.27
CA ALA F 181 -4.95 20.56 37.19
C ALA F 181 -3.65 21.01 36.51
N LEU F 182 -2.59 20.20 36.60
CA LEU F 182 -1.27 20.48 36.01
C LEU F 182 -1.28 20.12 34.52
N ASN F 183 -0.60 20.92 33.68
CA ASN F 183 -0.53 20.67 32.23
C ASN F 183 0.68 19.77 31.90
N ASP F 184 1.68 19.73 32.79
CA ASP F 184 2.90 18.91 32.67
C ASP F 184 2.80 17.70 33.63
N SER F 185 1.57 17.32 34.01
CA SER F 185 1.27 16.23 34.93
C SER F 185 1.66 14.86 34.39
N ARG F 186 2.24 14.04 35.28
CA ARG F 186 2.65 12.67 35.00
C ARG F 186 1.41 11.81 34.84
N TYR F 187 1.49 10.80 33.96
CA TYR F 187 0.38 9.93 33.64
C TYR F 187 0.41 8.59 34.35
N ALA F 188 -0.76 7.95 34.38
CA ALA F 188 -1.01 6.61 34.91
C ALA F 188 -1.84 5.83 33.89
N LEU F 189 -1.53 4.55 33.68
CA LEU F 189 -2.26 3.72 32.71
C LEU F 189 -2.45 2.31 33.26
N SER F 190 -3.67 1.75 33.13
CA SER F 190 -3.93 0.40 33.64
C SER F 190 -4.40 -0.60 32.56
N SER F 191 -4.03 -1.86 32.76
CA SER F 191 -4.44 -2.94 31.88
C SER F 191 -4.93 -4.12 32.70
N ARG F 192 -5.75 -4.98 32.08
CA ARG F 192 -6.30 -6.16 32.71
C ARG F 192 -6.05 -7.37 31.86
N LEU F 193 -5.69 -8.50 32.48
CA LEU F 193 -5.54 -9.78 31.80
C LEU F 193 -6.40 -10.78 32.55
N ARG F 194 -7.33 -11.43 31.83
CA ARG F 194 -8.18 -12.42 32.48
C ARG F 194 -7.90 -13.81 31.96
N VAL F 195 -7.72 -14.75 32.89
CA VAL F 195 -7.47 -16.17 32.61
C VAL F 195 -8.44 -17.02 33.44
N SER F 196 -8.59 -18.30 33.10
CA SER F 196 -9.45 -19.21 33.86
C SER F 196 -8.84 -19.46 35.24
N ALA F 197 -9.70 -19.67 36.28
CA ALA F 197 -9.26 -19.90 37.66
C ALA F 197 -8.19 -20.98 37.75
N THR F 198 -8.35 -22.04 36.94
CA THR F 198 -7.43 -23.18 36.86
C THR F 198 -6.08 -22.74 36.31
N PHE F 199 -6.07 -21.95 35.20
CA PHE F 199 -4.83 -21.47 34.57
C PHE F 199 -4.01 -20.66 35.57
N TRP F 200 -4.63 -19.69 36.28
CA TRP F 200 -3.95 -18.88 37.28
C TRP F 200 -3.44 -19.73 38.44
N GLN F 201 -4.23 -20.74 38.89
CA GLN F 201 -3.89 -21.63 39.99
C GLN F 201 -2.65 -22.50 39.71
N ASN F 202 -2.30 -22.72 38.43
CA ASN F 202 -1.11 -23.50 38.04
C ASN F 202 0.15 -22.68 38.36
N PRO F 203 1.01 -23.16 39.30
CA PRO F 203 2.23 -22.39 39.64
C PRO F 203 3.30 -22.41 38.55
N ARG F 204 3.19 -23.37 37.60
CA ARG F 204 4.10 -23.52 36.46
C ARG F 204 3.95 -22.36 35.45
N ASN F 205 2.86 -21.57 35.58
CA ASN F 205 2.59 -20.44 34.69
C ASN F 205 3.17 -19.14 35.22
N HIS F 206 3.85 -18.40 34.33
CA HIS F 206 4.50 -17.12 34.65
C HIS F 206 3.77 -15.97 33.92
N PHE F 207 3.37 -14.93 34.70
CA PHE F 207 2.66 -13.76 34.18
C PHE F 207 3.52 -12.52 34.32
N ARG F 208 3.66 -11.76 33.24
CA ARG F 208 4.48 -10.56 33.21
C ARG F 208 3.76 -9.43 32.46
N CYS F 209 3.95 -8.20 32.95
CA CYS F 209 3.42 -7.01 32.31
C CYS F 209 4.58 -6.08 32.02
N GLN F 210 4.86 -5.82 30.74
CA GLN F 210 5.93 -4.91 30.40
C GLN F 210 5.40 -3.74 29.60
N VAL F 211 5.99 -2.57 29.85
CA VAL F 211 5.63 -1.30 29.22
C VAL F 211 6.84 -0.76 28.46
N GLN F 212 6.66 -0.46 27.17
CA GLN F 212 7.70 0.15 26.36
C GLN F 212 7.52 1.66 26.49
N PHE F 213 8.50 2.33 27.10
CA PHE F 213 8.49 3.78 27.30
C PHE F 213 9.39 4.42 26.28
N TYR F 214 8.89 5.45 25.57
CA TYR F 214 9.67 6.21 24.61
C TYR F 214 10.10 7.49 25.33
N GLY F 215 11.39 7.59 25.63
CA GLY F 215 11.96 8.72 26.35
C GLY F 215 13.03 9.45 25.58
N LEU F 216 14.03 9.96 26.31
CA LEU F 216 15.14 10.74 25.75
C LEU F 216 16.09 9.90 24.90
N SER F 217 16.62 10.51 23.83
CA SER F 217 17.58 9.89 22.90
C SER F 217 18.99 9.82 23.52
N GLU F 218 19.91 9.07 22.87
CA GLU F 218 21.30 8.86 23.31
C GLU F 218 22.13 10.15 23.29
N ASN F 219 21.81 11.09 22.35
CA ASN F 219 22.50 12.37 22.16
C ASN F 219 21.90 13.50 23.02
N ASP F 220 20.72 13.28 23.64
CA ASP F 220 20.05 14.26 24.51
C ASP F 220 20.85 14.46 25.79
N GLU F 221 21.07 15.73 26.21
CA GLU F 221 21.85 16.08 27.40
C GLU F 221 21.06 15.81 28.68
N TRP F 222 21.76 15.34 29.72
CA TRP F 222 21.20 15.05 31.04
C TRP F 222 22.23 15.34 32.11
N THR F 223 21.86 16.19 33.08
CA THR F 223 22.78 16.60 34.15
C THR F 223 22.20 16.36 35.57
N GLN F 224 21.01 15.75 35.67
CA GLN F 224 20.37 15.48 36.96
C GLN F 224 20.99 14.24 37.66
N ASP F 225 20.89 14.22 39.01
CA ASP F 225 21.43 13.17 39.88
C ASP F 225 20.72 11.81 39.69
N ARG F 226 19.45 11.81 39.23
CA ARG F 226 18.70 10.57 38.98
C ARG F 226 19.04 10.03 37.59
N ALA F 227 18.70 8.76 37.33
CA ALA F 227 18.95 8.09 36.05
C ALA F 227 18.22 8.77 34.89
N LYS F 228 18.95 8.94 33.77
CA LYS F 228 18.44 9.54 32.54
C LYS F 228 17.18 8.78 32.06
N PRO F 229 16.07 9.48 31.78
CA PRO F 229 14.86 8.79 31.34
C PRO F 229 14.89 8.48 29.84
N VAL F 230 15.71 7.50 29.48
CA VAL F 230 15.89 7.04 28.09
C VAL F 230 14.74 6.13 27.65
N THR F 231 14.65 5.82 26.33
CA THR F 231 13.68 4.90 25.77
C THR F 231 14.01 3.52 26.39
N GLN F 232 13.08 2.93 27.16
CA GLN F 232 13.33 1.70 27.91
C GLN F 232 12.10 0.82 28.14
N ILE F 233 12.33 -0.41 28.64
CA ILE F 233 11.28 -1.35 29.00
C ILE F 233 11.30 -1.52 30.50
N VAL F 234 10.14 -1.26 31.13
CA VAL F 234 9.92 -1.44 32.56
C VAL F 234 8.87 -2.55 32.67
N SER F 235 9.12 -3.54 33.53
CA SER F 235 8.22 -4.67 33.67
C SER F 235 8.07 -5.12 35.12
N ALA F 236 6.93 -5.77 35.40
CA ALA F 236 6.56 -6.38 36.67
C ALA F 236 6.08 -7.81 36.37
N GLU F 237 6.31 -8.75 37.29
CA GLU F 237 5.91 -10.15 37.06
C GLU F 237 5.31 -10.81 38.31
N ALA F 238 4.61 -11.94 38.09
CA ALA F 238 3.97 -12.77 39.12
C ALA F 238 3.73 -14.20 38.60
N TRP F 239 4.00 -15.21 39.43
CA TRP F 239 3.80 -16.63 39.10
C TRP F 239 2.42 -17.11 39.59
N GLY F 240 2.02 -18.30 39.16
CA GLY F 240 0.77 -18.91 39.58
C GLY F 240 0.74 -19.29 41.05
N ARG F 241 -0.43 -19.12 41.69
CA ARG F 241 -0.63 -19.39 43.11
C ARG F 241 -1.82 -20.34 43.30
N ALA F 242 -1.60 -21.46 44.01
CA ALA F 242 -2.63 -22.46 44.29
C ALA F 242 -3.64 -21.96 45.32
N ASP G 3 9.31 -31.06 4.60
CA ASP G 3 9.32 -29.69 4.07
C ASP G 3 7.91 -29.23 3.67
N GLN G 4 6.90 -30.13 3.81
CA GLN G 4 5.51 -29.93 3.40
C GLN G 4 4.66 -29.19 4.45
N VAL G 5 3.56 -28.59 3.95
CA VAL G 5 2.55 -27.84 4.70
C VAL G 5 1.16 -28.35 4.24
N THR G 6 0.25 -28.61 5.20
CA THR G 6 -1.05 -29.23 4.96
C THR G 6 -2.16 -28.51 5.71
N GLN G 7 -3.23 -28.17 5.00
CA GLN G 7 -4.40 -27.48 5.56
C GLN G 7 -5.62 -28.39 5.61
N SER G 8 -6.28 -28.44 6.78
CA SER G 8 -7.46 -29.25 7.01
C SER G 8 -8.57 -28.46 7.73
N PRO G 9 -9.86 -28.57 7.30
CA PRO G 9 -10.35 -29.33 6.13
C PRO G 9 -10.02 -28.63 4.82
N GLU G 10 -10.22 -29.32 3.69
CA GLU G 10 -9.94 -28.75 2.37
C GLU G 10 -10.96 -27.65 2.07
N ALA G 11 -12.20 -27.87 2.53
CA ALA G 11 -13.34 -26.98 2.42
C ALA G 11 -14.20 -27.13 3.66
N LEU G 12 -14.84 -26.03 4.10
CA LEU G 12 -15.68 -26.02 5.30
C LEU G 12 -16.99 -25.24 5.07
N ARG G 13 -18.09 -25.83 5.56
CA ARG G 13 -19.45 -25.30 5.50
C ARG G 13 -19.89 -24.98 6.91
N LEU G 14 -20.15 -23.70 7.20
CA LEU G 14 -20.57 -23.27 8.52
C LEU G 14 -21.84 -22.43 8.48
N GLN G 15 -22.52 -22.35 9.63
CA GLN G 15 -23.73 -21.56 9.81
C GLN G 15 -23.36 -20.26 10.51
N GLU G 16 -24.08 -19.15 10.21
CA GLU G 16 -23.81 -17.85 10.81
C GLU G 16 -23.72 -17.98 12.33
N GLY G 17 -22.56 -17.65 12.89
CA GLY G 17 -22.30 -17.75 14.31
C GLY G 17 -21.57 -18.99 14.79
N GLU G 18 -21.60 -20.08 13.99
CA GLU G 18 -20.96 -21.37 14.34
C GLU G 18 -19.43 -21.27 14.27
N SER G 19 -18.80 -20.94 15.42
CA SER G 19 -17.35 -20.81 15.56
C SER G 19 -16.63 -22.14 15.25
N SER G 20 -15.56 -22.05 14.45
CA SER G 20 -14.73 -23.20 14.07
C SER G 20 -13.26 -22.80 14.00
N SER G 21 -12.38 -23.78 13.76
CA SER G 21 -10.94 -23.53 13.68
C SER G 21 -10.34 -24.20 12.48
N LEU G 22 -9.52 -23.44 11.74
CA LEU G 22 -8.80 -23.92 10.56
C LEU G 22 -7.41 -24.36 10.96
N ASN G 23 -7.02 -25.58 10.58
CA ASN G 23 -5.72 -26.14 10.93
C ASN G 23 -4.71 -26.01 9.79
N CYS G 24 -3.44 -25.76 10.15
CA CYS G 24 -2.34 -25.71 9.21
C CYS G 24 -1.14 -26.44 9.79
N SER G 25 -0.98 -27.71 9.43
CA SER G 25 0.11 -28.55 9.90
C SER G 25 1.33 -28.42 8.99
N TYR G 26 2.53 -28.44 9.58
CA TYR G 26 3.79 -28.32 8.85
C TYR G 26 4.82 -29.28 9.42
N THR G 27 5.71 -29.80 8.56
CA THR G 27 6.76 -30.73 8.96
C THR G 27 8.13 -30.26 8.49
N VAL G 28 8.21 -28.99 8.06
CA VAL G 28 9.45 -28.35 7.59
C VAL G 28 10.34 -28.05 8.83
N SER G 29 11.67 -27.93 8.63
CA SER G 29 12.62 -27.67 9.73
C SER G 29 13.17 -26.24 9.72
N GLY G 30 13.33 -25.67 10.93
CA GLY G 30 13.88 -24.34 11.15
C GLY G 30 12.99 -23.19 10.72
N LEU G 31 11.72 -23.20 11.18
CA LEU G 31 10.74 -22.18 10.84
C LEU G 31 11.13 -20.79 11.34
N ARG G 32 10.97 -19.77 10.48
CA ARG G 32 11.26 -18.37 10.82
C ARG G 32 10.04 -17.45 10.57
N GLY G 33 8.95 -18.01 10.06
CA GLY G 33 7.72 -17.29 9.82
C GLY G 33 6.59 -18.15 9.32
N LEU G 34 5.38 -17.94 9.84
CA LEU G 34 4.13 -18.59 9.41
C LEU G 34 3.16 -17.48 9.06
N PHE G 35 2.56 -17.57 7.87
CA PHE G 35 1.70 -16.53 7.34
C PHE G 35 0.32 -17.05 6.97
N TRP G 36 -0.70 -16.30 7.38
CA TRP G 36 -2.11 -16.56 7.09
C TRP G 36 -2.62 -15.48 6.15
N TYR G 37 -3.33 -15.91 5.10
CA TYR G 37 -3.93 -15.04 4.08
C TYR G 37 -5.39 -15.37 3.89
N ARG G 38 -6.13 -14.38 3.38
CA ARG G 38 -7.54 -14.46 3.01
C ARG G 38 -7.61 -14.23 1.51
N GLN G 39 -8.21 -15.17 0.74
CA GLN G 39 -8.31 -14.97 -0.70
C GLN G 39 -9.74 -15.11 -1.19
N ASP G 40 -10.20 -14.11 -1.96
CA ASP G 40 -11.52 -14.10 -2.59
C ASP G 40 -11.38 -14.53 -4.07
N PRO G 41 -12.44 -15.06 -4.74
CA PRO G 41 -12.26 -15.50 -6.15
C PRO G 41 -11.84 -14.38 -7.09
N GLY G 42 -10.79 -14.66 -7.87
CA GLY G 42 -10.22 -13.74 -8.86
C GLY G 42 -9.34 -12.63 -8.32
N LYS G 43 -9.43 -12.39 -7.00
CA LYS G 43 -8.69 -11.36 -6.29
C LYS G 43 -7.37 -11.92 -5.74
N GLY G 44 -6.46 -11.02 -5.39
CA GLY G 44 -5.16 -11.37 -4.83
C GLY G 44 -5.24 -11.71 -3.35
N PRO G 45 -4.29 -12.56 -2.84
CA PRO G 45 -4.32 -12.92 -1.40
C PRO G 45 -4.11 -11.70 -0.48
N GLU G 46 -5.05 -11.51 0.44
CA GLU G 46 -5.10 -10.44 1.42
C GLU G 46 -4.39 -10.91 2.69
N PHE G 47 -3.30 -10.21 3.08
CA PHE G 47 -2.50 -10.57 4.25
C PHE G 47 -3.29 -10.44 5.55
N LEU G 48 -3.13 -11.44 6.44
CA LEU G 48 -3.82 -11.47 7.74
C LEU G 48 -2.84 -11.43 8.93
N PHE G 49 -2.07 -12.51 9.15
CA PHE G 49 -1.16 -12.61 10.29
C PHE G 49 0.19 -13.20 9.94
N THR G 50 1.22 -12.84 10.74
CA THR G 50 2.57 -13.39 10.72
C THR G 50 2.87 -13.91 12.13
N LEU G 51 3.43 -15.11 12.23
CA LEU G 51 3.84 -15.66 13.51
C LEU G 51 5.28 -16.14 13.34
N TYR G 52 6.21 -15.55 14.10
CA TYR G 52 7.66 -15.79 13.99
C TYR G 52 8.20 -16.99 14.83
N SER G 53 7.43 -17.51 15.83
CA SER G 53 7.87 -18.62 16.71
C SER G 53 6.70 -19.32 17.44
N ALA G 54 6.92 -20.55 17.92
CA ALA G 54 5.92 -21.30 18.66
C ALA G 54 5.60 -20.61 19.99
N GLY G 55 4.31 -20.53 20.32
CA GLY G 55 3.82 -19.88 21.53
C GLY G 55 3.17 -18.54 21.24
N GLU G 56 3.51 -17.95 20.07
CA GLU G 56 2.96 -16.68 19.60
C GLU G 56 1.47 -16.83 19.30
N GLU G 57 0.77 -15.71 19.44
CA GLU G 57 -0.66 -15.58 19.26
C GLU G 57 -0.93 -14.15 18.84
N LYS G 58 -1.66 -13.99 17.73
CA LYS G 58 -2.02 -12.69 17.21
C LYS G 58 -3.53 -12.63 17.05
N GLU G 59 -4.11 -11.42 17.13
CA GLU G 59 -5.56 -11.23 17.05
C GLU G 59 -5.95 -10.06 16.14
N LYS G 60 -7.07 -10.21 15.42
CA LYS G 60 -7.65 -9.22 14.51
C LYS G 60 -9.15 -9.43 14.48
N GLU G 61 -9.85 -8.73 15.40
CA GLU G 61 -11.30 -8.78 15.61
C GLU G 61 -11.74 -10.21 15.95
N ARG G 62 -12.52 -10.88 15.06
CA ARG G 62 -13.05 -12.22 15.28
C ARG G 62 -12.10 -13.35 14.83
N LEU G 63 -10.85 -12.99 14.45
CA LEU G 63 -9.82 -13.96 14.04
C LEU G 63 -8.71 -14.08 15.09
N LYS G 64 -8.17 -15.30 15.29
CA LYS G 64 -7.08 -15.55 16.22
C LYS G 64 -6.12 -16.59 15.65
N ALA G 65 -4.90 -16.16 15.32
CA ALA G 65 -3.87 -17.04 14.79
C ALA G 65 -2.84 -17.39 15.88
N THR G 66 -2.64 -18.68 16.11
CA THR G 66 -1.71 -19.21 17.11
C THR G 66 -0.74 -20.15 16.41
N LEU G 67 0.51 -20.20 16.88
CA LEU G 67 1.54 -21.07 16.32
C LEU G 67 2.12 -21.97 17.42
N THR G 68 2.27 -23.26 17.08
CA THR G 68 2.86 -24.29 17.94
C THR G 68 3.93 -25.03 17.08
N LYS G 69 4.82 -25.79 17.72
CA LYS G 69 5.93 -26.53 17.08
C LYS G 69 5.46 -27.50 15.97
N LYS G 70 4.17 -27.92 16.01
CA LYS G 70 3.59 -28.88 15.07
C LYS G 70 2.66 -28.24 14.05
N GLU G 71 1.87 -27.23 14.46
CA GLU G 71 0.86 -26.61 13.58
C GLU G 71 0.49 -25.17 13.99
N SER G 72 -0.43 -24.57 13.22
CA SER G 72 -1.00 -23.25 13.46
C SER G 72 -2.50 -23.30 13.29
N PHE G 73 -3.23 -22.65 14.20
CA PHE G 73 -4.69 -22.60 14.15
C PHE G 73 -5.19 -21.22 13.87
N LEU G 74 -6.15 -21.11 12.93
CA LEU G 74 -6.80 -19.84 12.64
C LEU G 74 -8.23 -19.94 13.19
N HIS G 75 -8.42 -19.49 14.43
CA HIS G 75 -9.69 -19.53 15.13
C HIS G 75 -10.57 -18.40 14.66
N ILE G 76 -11.65 -18.75 13.98
CA ILE G 76 -12.65 -17.81 13.47
C ILE G 76 -13.89 -17.96 14.39
N THR G 77 -14.18 -16.89 15.16
CA THR G 77 -15.26 -16.90 16.15
C THR G 77 -16.50 -16.15 15.61
N ALA G 78 -17.71 -16.71 15.84
CA ALA G 78 -19.02 -16.21 15.39
C ALA G 78 -18.95 -15.74 13.91
N PRO G 79 -18.67 -16.65 12.95
CA PRO G 79 -18.48 -16.18 11.57
C PRO G 79 -19.76 -15.72 10.90
N LYS G 80 -19.61 -14.70 10.08
CA LYS G 80 -20.64 -14.05 9.28
C LYS G 80 -20.45 -14.44 7.81
N PRO G 81 -21.47 -14.34 6.93
CA PRO G 81 -21.28 -14.70 5.50
C PRO G 81 -20.19 -13.89 4.80
N GLU G 82 -19.76 -12.75 5.39
CA GLU G 82 -18.68 -11.88 4.89
C GLU G 82 -17.33 -12.58 4.95
N ASP G 83 -17.18 -13.52 5.89
CA ASP G 83 -15.94 -14.27 6.11
C ASP G 83 -15.77 -15.43 5.13
N SER G 84 -16.67 -15.57 4.14
CA SER G 84 -16.59 -16.62 3.14
C SER G 84 -15.48 -16.30 2.12
N ALA G 85 -14.34 -17.02 2.27
CA ALA G 85 -13.15 -16.90 1.42
C ALA G 85 -12.29 -18.17 1.52
N THR G 86 -11.16 -18.23 0.80
CA THR G 86 -10.22 -19.35 0.86
C THR G 86 -9.02 -18.89 1.70
N TYR G 87 -8.90 -19.45 2.92
CA TYR G 87 -7.85 -19.06 3.85
C TYR G 87 -6.58 -19.85 3.61
N LEU G 88 -5.55 -19.15 3.12
CA LEU G 88 -4.25 -19.72 2.76
C LEU G 88 -3.24 -19.64 3.89
N CYS G 89 -2.40 -20.68 4.00
CA CYS G 89 -1.35 -20.80 5.01
C CYS G 89 0.00 -21.04 4.34
N ALA G 90 1.03 -20.26 4.72
CA ALA G 90 2.36 -20.42 4.15
C ALA G 90 3.42 -20.58 5.24
N VAL G 91 4.56 -21.17 4.90
CA VAL G 91 5.68 -21.38 5.82
C VAL G 91 7.00 -20.94 5.18
N GLN G 92 7.84 -20.24 5.95
CA GLN G 92 9.17 -19.78 5.55
C GLN G 92 10.17 -20.35 6.56
N ALA G 93 10.97 -21.38 6.15
CA ALA G 93 11.91 -22.12 7.01
C ALA G 93 13.22 -22.52 6.31
N SER G 94 14.27 -22.83 7.11
CA SER G 94 15.60 -23.27 6.67
C SER G 94 15.54 -24.52 5.79
N GLY G 95 14.57 -25.40 6.10
CA GLY G 95 14.31 -26.63 5.36
C GLY G 95 13.93 -26.35 3.93
N GLY G 96 13.04 -25.39 3.73
CA GLY G 96 12.56 -24.98 2.41
C GLY G 96 13.29 -23.81 1.80
N SER G 97 14.57 -23.60 2.21
CA SER G 97 15.48 -22.52 1.77
C SER G 97 14.84 -21.11 1.89
N TYR G 98 13.79 -20.99 2.73
CA TYR G 98 12.98 -19.81 3.06
C TYR G 98 12.04 -19.38 1.90
N ILE G 99 11.93 -20.19 0.83
CA ILE G 99 11.00 -19.96 -0.28
C ILE G 99 9.59 -20.26 0.27
N PRO G 100 8.59 -19.36 0.14
CA PRO G 100 7.28 -19.60 0.79
C PRO G 100 6.56 -20.80 0.22
N THR G 101 6.22 -21.76 1.11
CA THR G 101 5.51 -22.98 0.74
C THR G 101 4.07 -22.83 1.22
N PHE G 102 3.14 -22.66 0.26
CA PHE G 102 1.73 -22.46 0.55
C PHE G 102 0.94 -23.76 0.59
N GLY G 103 -0.05 -23.81 1.47
CA GLY G 103 -0.99 -24.91 1.58
C GLY G 103 -2.06 -24.78 0.50
N ARG G 104 -2.91 -25.80 0.33
CA ARG G 104 -3.97 -25.79 -0.69
C ARG G 104 -5.22 -24.97 -0.26
N GLY G 105 -5.14 -24.31 0.90
CA GLY G 105 -6.21 -23.48 1.45
C GLY G 105 -7.43 -24.22 1.96
N THR G 106 -8.26 -23.50 2.75
CA THR G 106 -9.54 -24.01 3.26
C THR G 106 -10.63 -23.11 2.71
N SER G 107 -11.46 -23.68 1.82
CA SER G 107 -12.56 -22.91 1.23
C SER G 107 -13.66 -22.77 2.27
N LEU G 108 -13.84 -21.56 2.80
CA LEU G 108 -14.86 -21.29 3.81
C LEU G 108 -16.10 -20.71 3.17
N ILE G 109 -17.27 -21.19 3.64
CA ILE G 109 -18.58 -20.71 3.22
C ILE G 109 -19.47 -20.66 4.47
N VAL G 110 -19.90 -19.43 4.83
CA VAL G 110 -20.74 -19.16 5.99
C VAL G 110 -22.15 -18.84 5.50
N HIS G 111 -23.11 -19.74 5.80
CA HIS G 111 -24.51 -19.60 5.42
C HIS G 111 -25.22 -18.63 6.39
N PRO G 112 -26.03 -17.68 5.86
CA PRO G 112 -26.67 -16.70 6.75
C PRO G 112 -27.78 -17.28 7.63
N TYR G 113 -28.26 -16.48 8.58
CA TYR G 113 -29.36 -16.89 9.41
C TYR G 113 -30.61 -16.23 8.88
N ILE G 114 -31.63 -17.03 8.58
CA ILE G 114 -32.90 -16.52 8.08
C ILE G 114 -33.88 -16.53 9.25
N GLN G 115 -34.24 -15.31 9.71
CA GLN G 115 -35.17 -15.08 10.82
C GLN G 115 -36.58 -15.63 10.46
N ASN G 116 -37.12 -15.25 9.28
CA ASN G 116 -38.44 -15.68 8.86
C ASN G 116 -38.41 -16.27 7.45
N PRO G 117 -38.22 -17.60 7.32
CA PRO G 117 -38.21 -18.20 5.99
C PRO G 117 -39.62 -18.33 5.42
N ASP G 118 -39.75 -18.05 4.11
CA ASP G 118 -40.99 -18.12 3.35
C ASP G 118 -40.68 -18.78 1.97
N PRO G 119 -40.16 -20.04 1.94
CA PRO G 119 -39.78 -20.65 0.66
C PRO G 119 -40.91 -20.68 -0.36
N ALA G 120 -40.60 -20.24 -1.59
CA ALA G 120 -41.56 -20.16 -2.69
C ALA G 120 -40.88 -20.16 -4.06
N VAL G 121 -41.57 -20.70 -5.08
CA VAL G 121 -41.09 -20.73 -6.45
C VAL G 121 -42.05 -19.87 -7.28
N TYR G 122 -41.53 -18.77 -7.85
CA TYR G 122 -42.33 -17.82 -8.62
C TYR G 122 -41.96 -17.79 -10.11
N GLN G 123 -42.96 -17.57 -10.98
CA GLN G 123 -42.79 -17.44 -12.43
C GLN G 123 -42.67 -15.94 -12.76
N LEU G 124 -41.49 -15.51 -13.24
CA LEU G 124 -41.25 -14.10 -13.59
C LEU G 124 -41.87 -13.74 -14.95
N ARG G 125 -42.12 -12.43 -15.17
CA ARG G 125 -42.71 -11.89 -16.39
C ARG G 125 -41.74 -12.05 -17.57
N ASP G 126 -42.19 -12.81 -18.59
CA ASP G 126 -41.45 -13.11 -19.81
C ASP G 126 -40.99 -11.83 -20.53
N SER G 127 -39.69 -11.75 -20.86
CA SER G 127 -39.13 -10.60 -21.57
C SER G 127 -39.63 -10.58 -23.02
N LYS G 128 -39.75 -9.39 -23.62
CA LYS G 128 -40.22 -9.24 -25.00
C LYS G 128 -39.10 -9.54 -26.00
N SER G 129 -37.84 -9.48 -25.54
CA SER G 129 -36.65 -9.75 -26.35
C SER G 129 -36.17 -11.21 -26.22
N SER G 130 -36.13 -11.75 -24.99
CA SER G 130 -35.63 -13.10 -24.70
C SER G 130 -36.67 -14.20 -24.98
N ASP G 131 -36.15 -15.37 -25.42
CA ASP G 131 -36.91 -16.60 -25.71
C ASP G 131 -36.90 -17.55 -24.48
N LYS G 132 -36.45 -17.04 -23.31
CA LYS G 132 -36.33 -17.78 -22.05
C LYS G 132 -37.45 -17.48 -21.07
N SER G 133 -37.84 -18.50 -20.28
CA SER G 133 -38.80 -18.41 -19.18
C SER G 133 -38.02 -18.57 -17.88
N VAL G 134 -38.26 -17.70 -16.89
CA VAL G 134 -37.51 -17.74 -15.62
C VAL G 134 -38.43 -18.03 -14.42
N CYS G 135 -37.96 -18.93 -13.54
CA CYS G 135 -38.55 -19.28 -12.24
C CYS G 135 -37.53 -18.89 -11.19
N LEU G 136 -37.99 -18.56 -9.97
CA LEU G 136 -37.11 -18.16 -8.88
C LEU G 136 -37.52 -18.81 -7.55
N PHE G 137 -36.59 -19.57 -6.98
CA PHE G 137 -36.73 -20.22 -5.68
C PHE G 137 -36.12 -19.25 -4.69
N THR G 138 -36.94 -18.62 -3.85
CA THR G 138 -36.46 -17.59 -2.92
C THR G 138 -37.07 -17.74 -1.51
N ASP G 139 -36.45 -17.04 -0.52
CA ASP G 139 -36.82 -16.91 0.89
C ASP G 139 -36.75 -18.24 1.68
N PHE G 140 -36.02 -19.24 1.16
CA PHE G 140 -35.83 -20.51 1.87
C PHE G 140 -34.69 -20.36 2.90
N ASP G 141 -34.68 -21.21 3.95
CA ASP G 141 -33.63 -21.16 4.99
C ASP G 141 -32.31 -21.74 4.45
N SER G 142 -31.20 -21.46 5.14
CA SER G 142 -29.84 -21.87 4.75
C SER G 142 -29.57 -23.40 4.81
N GLN G 143 -30.46 -24.16 5.46
CA GLN G 143 -30.32 -25.62 5.56
C GLN G 143 -30.73 -26.30 4.23
N THR G 144 -31.48 -25.58 3.36
CA THR G 144 -31.93 -26.09 2.05
C THR G 144 -30.79 -25.99 1.03
N ASN G 145 -30.46 -27.12 0.37
CA ASN G 145 -29.40 -27.22 -0.64
C ASN G 145 -30.00 -27.35 -2.05
N VAL G 146 -29.56 -26.45 -2.95
CA VAL G 146 -30.03 -26.40 -4.33
C VAL G 146 -29.03 -27.13 -5.24
N SER G 147 -29.56 -27.94 -6.18
CA SER G 147 -28.76 -28.72 -7.12
C SER G 147 -29.24 -28.49 -8.57
N GLN G 148 -28.31 -28.66 -9.53
CA GLN G 148 -28.55 -28.47 -10.97
C GLN G 148 -29.66 -29.37 -11.49
N SER G 149 -30.37 -28.90 -12.54
CA SER G 149 -31.43 -29.66 -13.18
C SER G 149 -30.86 -30.87 -13.94
N LYS G 150 -31.67 -31.93 -14.09
CA LYS G 150 -31.27 -33.11 -14.86
C LYS G 150 -31.93 -33.06 -16.24
N ASP G 151 -32.85 -32.08 -16.42
CA ASP G 151 -33.64 -31.87 -17.64
C ASP G 151 -32.88 -31.06 -18.68
N SER G 152 -32.88 -31.57 -19.93
CA SER G 152 -32.20 -30.96 -21.08
C SER G 152 -32.68 -29.52 -21.33
N ASP G 153 -31.70 -28.60 -21.56
CA ASP G 153 -31.85 -27.17 -21.81
C ASP G 153 -32.43 -26.38 -20.60
N VAL G 154 -32.40 -26.97 -19.39
CA VAL G 154 -32.86 -26.33 -18.16
C VAL G 154 -31.60 -26.03 -17.32
N TYR G 155 -31.44 -24.77 -16.86
CA TYR G 155 -30.26 -24.32 -16.11
C TYR G 155 -30.65 -23.70 -14.77
N ILE G 156 -30.04 -24.21 -13.68
CA ILE G 156 -30.27 -23.72 -12.31
C ILE G 156 -28.95 -23.19 -11.73
N THR G 157 -29.02 -22.05 -11.02
CA THR G 157 -27.89 -21.39 -10.35
C THR G 157 -27.88 -21.79 -8.87
N ASP G 158 -26.73 -21.64 -8.22
CA ASP G 158 -26.59 -21.99 -6.81
C ASP G 158 -27.19 -20.88 -5.91
N LYS G 159 -27.42 -21.17 -4.60
CA LYS G 159 -27.93 -20.22 -3.58
C LYS G 159 -27.17 -18.92 -3.61
N CYS G 160 -27.88 -17.82 -3.54
CA CYS G 160 -27.28 -16.50 -3.56
C CYS G 160 -28.06 -15.63 -2.59
N VAL G 161 -27.35 -15.12 -1.55
CA VAL G 161 -27.93 -14.28 -0.50
C VAL G 161 -27.75 -12.79 -0.83
N LEU G 162 -28.86 -12.04 -0.77
CA LEU G 162 -28.88 -10.60 -0.99
C LEU G 162 -29.33 -9.87 0.29
N ASP G 163 -28.68 -8.74 0.60
CA ASP G 163 -29.00 -7.97 1.79
C ASP G 163 -29.75 -6.68 1.46
N MET G 164 -30.87 -6.48 2.17
CA MET G 164 -31.74 -5.30 2.05
C MET G 164 -31.64 -4.53 3.38
N ARG G 165 -30.45 -3.94 3.63
CA ARG G 165 -30.07 -3.20 4.85
C ARG G 165 -31.08 -2.13 5.28
N SER G 166 -31.93 -1.62 4.36
CA SER G 166 -32.96 -0.64 4.67
C SER G 166 -34.02 -1.26 5.59
N MET G 167 -34.23 -2.59 5.49
CA MET G 167 -35.23 -3.33 6.26
C MET G 167 -34.60 -4.42 7.18
N ASP G 168 -33.25 -4.39 7.35
CA ASP G 168 -32.45 -5.35 8.15
C ASP G 168 -32.87 -6.79 7.80
N PHE G 169 -33.07 -7.04 6.49
CA PHE G 169 -33.53 -8.26 5.84
C PHE G 169 -32.45 -8.86 4.94
N LYS G 170 -32.49 -10.19 4.74
CA LYS G 170 -31.60 -10.95 3.85
C LYS G 170 -32.32 -12.21 3.39
N SER G 171 -32.09 -12.66 2.14
CA SER G 171 -32.75 -13.84 1.61
C SER G 171 -31.89 -14.60 0.59
N ASN G 172 -32.06 -15.93 0.55
CA ASN G 172 -31.41 -16.84 -0.40
C ASN G 172 -32.28 -17.02 -1.63
N SER G 173 -31.67 -17.20 -2.81
CA SER G 173 -32.41 -17.40 -4.07
C SER G 173 -31.62 -18.15 -5.13
N ALA G 174 -32.31 -19.06 -5.83
CA ALA G 174 -31.79 -19.81 -6.97
C ALA G 174 -32.65 -19.48 -8.19
N VAL G 175 -32.01 -19.26 -9.34
CA VAL G 175 -32.69 -18.90 -10.58
C VAL G 175 -32.69 -20.12 -11.51
N ALA G 176 -33.85 -20.43 -12.11
CA ALA G 176 -34.04 -21.52 -13.06
C ALA G 176 -34.64 -21.02 -14.37
N TRP G 177 -33.96 -21.27 -15.50
CA TRP G 177 -34.46 -20.86 -16.80
C TRP G 177 -34.27 -21.94 -17.87
N SER G 178 -35.06 -21.84 -18.96
CA SER G 178 -35.06 -22.72 -20.13
C SER G 178 -35.84 -22.09 -21.27
N ASN G 179 -35.43 -22.36 -22.52
CA ASN G 179 -36.15 -21.86 -23.70
C ASN G 179 -37.18 -22.89 -24.18
N LYS G 180 -37.20 -24.08 -23.54
CA LYS G 180 -38.13 -25.18 -23.84
C LYS G 180 -39.57 -24.76 -23.54
N SER G 181 -40.53 -25.21 -24.39
CA SER G 181 -41.95 -24.89 -24.31
C SER G 181 -42.61 -25.49 -23.04
N ASP G 182 -42.31 -26.76 -22.74
CA ASP G 182 -42.86 -27.49 -21.59
C ASP G 182 -42.14 -27.12 -20.26
N PHE G 183 -41.55 -25.91 -20.17
CA PHE G 183 -40.86 -25.50 -18.96
C PHE G 183 -41.85 -24.88 -17.98
N ALA G 184 -42.11 -25.62 -16.87
CA ALA G 184 -43.02 -25.20 -15.80
C ALA G 184 -42.26 -25.10 -14.49
N CYS G 185 -42.62 -24.13 -13.65
CA CYS G 185 -41.97 -23.89 -12.37
C CYS G 185 -42.24 -25.02 -11.37
N ALA G 186 -43.47 -25.57 -11.38
CA ALA G 186 -43.96 -26.64 -10.49
C ALA G 186 -43.02 -27.87 -10.39
N ASN G 187 -42.17 -28.10 -11.41
CA ASN G 187 -41.24 -29.23 -11.45
C ASN G 187 -39.82 -28.79 -11.89
N ALA G 188 -39.49 -27.50 -11.75
CA ALA G 188 -38.20 -26.93 -12.12
C ALA G 188 -37.08 -27.34 -11.17
N PHE G 189 -37.34 -27.33 -9.86
CA PHE G 189 -36.35 -27.69 -8.83
C PHE G 189 -36.60 -29.12 -8.30
N ASN G 190 -37.11 -29.99 -9.18
CA ASN G 190 -37.42 -31.41 -8.91
C ASN G 190 -36.21 -32.20 -8.38
N ASN G 191 -34.98 -31.86 -8.86
CA ASN G 191 -33.73 -32.51 -8.45
C ASN G 191 -33.21 -31.97 -7.11
N SER G 192 -33.82 -30.88 -6.60
CA SER G 192 -33.46 -30.28 -5.32
C SER G 192 -34.44 -30.70 -4.24
N ILE G 193 -33.95 -30.89 -3.00
CA ILE G 193 -34.81 -31.24 -1.86
C ILE G 193 -35.33 -29.90 -1.30
N ILE G 194 -36.52 -29.52 -1.76
CA ILE G 194 -37.18 -28.27 -1.38
C ILE G 194 -38.03 -28.47 -0.11
N PRO G 195 -38.23 -27.42 0.72
CA PRO G 195 -39.06 -27.59 1.94
C PRO G 195 -40.47 -28.07 1.61
N GLU G 196 -40.95 -29.09 2.35
CA GLU G 196 -42.25 -29.74 2.16
C GLU G 196 -43.43 -28.77 2.00
N ASP G 197 -43.37 -27.56 2.59
CA ASP G 197 -44.44 -26.59 2.46
C ASP G 197 -43.93 -25.29 1.80
N THR G 198 -43.52 -25.41 0.52
CA THR G 198 -43.06 -24.33 -0.35
C THR G 198 -44.28 -23.80 -1.10
N PHE G 199 -44.42 -22.46 -1.17
CA PHE G 199 -45.54 -21.79 -1.82
C PHE G 199 -45.40 -21.87 -3.34
N PHE G 200 -46.39 -22.53 -3.98
CA PHE G 200 -46.45 -22.70 -5.43
C PHE G 200 -47.70 -22.00 -5.98
N PRO G 201 -47.59 -20.69 -6.35
CA PRO G 201 -48.76 -19.97 -6.87
C PRO G 201 -49.23 -20.48 -8.25
N SER G 202 -50.45 -20.07 -8.68
CA SER G 202 -51.07 -20.47 -9.95
C SER G 202 -50.32 -19.87 -11.15
N GLY H 2 -0.99 -1.53 -2.20
CA GLY H 2 0.45 -1.72 -2.07
C GLY H 2 1.09 -2.21 -3.34
N VAL H 3 1.00 -3.53 -3.61
CA VAL H 3 1.57 -4.16 -4.81
C VAL H 3 0.56 -4.03 -5.94
N THR H 4 0.99 -3.44 -7.07
CA THR H 4 0.13 -3.24 -8.23
C THR H 4 0.54 -4.18 -9.37
N GLN H 5 -0.42 -4.51 -10.27
CA GLN H 5 -0.22 -5.42 -11.40
C GLN H 5 -1.03 -5.00 -12.62
N THR H 6 -0.40 -5.07 -13.82
CA THR H 6 -1.00 -4.71 -15.10
C THR H 6 -0.68 -5.76 -16.19
N PRO H 7 -1.64 -6.18 -17.05
CA PRO H 7 -3.08 -5.79 -17.06
C PRO H 7 -3.88 -6.63 -16.05
N LYS H 8 -5.19 -6.34 -15.93
CA LYS H 8 -6.08 -7.08 -15.03
C LYS H 8 -6.58 -8.34 -15.76
N HIS H 9 -7.05 -8.16 -17.01
CA HIS H 9 -7.58 -9.20 -17.88
C HIS H 9 -6.72 -9.32 -19.13
N LEU H 10 -6.51 -10.57 -19.59
CA LEU H 10 -5.71 -10.83 -20.77
C LEU H 10 -6.26 -12.04 -21.53
N ILE H 11 -6.95 -11.76 -22.64
CA ILE H 11 -7.50 -12.79 -23.52
C ILE H 11 -6.55 -12.84 -24.72
N THR H 12 -6.00 -14.03 -25.00
CA THR H 12 -5.03 -14.21 -26.07
C THR H 12 -5.22 -15.58 -26.81
N ALA H 13 -4.44 -15.81 -27.88
CA ALA H 13 -4.46 -17.05 -28.67
C ALA H 13 -3.23 -17.92 -28.37
N THR H 14 -3.28 -19.21 -28.74
CA THR H 14 -2.16 -20.14 -28.57
C THR H 14 -1.03 -19.77 -29.54
N GLY H 15 0.20 -19.78 -29.04
CA GLY H 15 1.38 -19.43 -29.83
C GLY H 15 1.83 -17.99 -29.65
N GLN H 16 0.95 -17.15 -29.07
CA GLN H 16 1.22 -15.74 -28.78
C GLN H 16 2.23 -15.56 -27.65
N ARG H 17 2.70 -14.31 -27.50
CA ARG H 17 3.65 -13.88 -26.47
C ARG H 17 3.00 -12.76 -25.68
N VAL H 18 3.03 -12.85 -24.36
CA VAL H 18 2.45 -11.83 -23.50
C VAL H 18 3.48 -11.39 -22.48
N THR H 19 3.34 -10.15 -22.01
CA THR H 19 4.24 -9.59 -21.02
C THR H 19 3.40 -9.05 -19.86
N LEU H 20 3.72 -9.50 -18.64
CA LEU H 20 3.03 -9.09 -17.42
C LEU H 20 3.91 -8.17 -16.61
N ARG H 21 3.33 -7.11 -16.05
CA ARG H 21 4.07 -6.14 -15.26
C ARG H 21 3.61 -6.15 -13.81
N CYS H 22 4.52 -5.73 -12.90
CA CYS H 22 4.28 -5.66 -11.46
C CYS H 22 5.18 -4.61 -10.84
N SER H 23 4.56 -3.63 -10.15
CA SER H 23 5.26 -2.59 -9.41
C SER H 23 5.15 -2.94 -7.92
N PRO H 24 6.28 -3.20 -7.23
CA PRO H 24 6.20 -3.57 -5.81
C PRO H 24 5.98 -2.39 -4.88
N ARG H 25 5.84 -2.69 -3.56
CA ARG H 25 5.70 -1.69 -2.49
C ARG H 25 6.96 -0.83 -2.43
N SER H 26 6.79 0.48 -2.18
CA SER H 26 7.94 1.38 -2.06
C SER H 26 8.67 1.00 -0.76
N GLY H 27 9.95 0.62 -0.90
CA GLY H 27 10.78 0.18 0.22
C GLY H 27 11.16 -1.27 0.13
N ASP H 28 10.37 -2.04 -0.64
CA ASP H 28 10.56 -3.46 -0.90
C ASP H 28 11.52 -3.64 -2.07
N LEU H 29 12.51 -4.52 -1.87
CA LEU H 29 13.53 -4.78 -2.88
C LEU H 29 13.46 -6.20 -3.43
N SER H 30 12.45 -6.98 -3.00
CA SER H 30 12.26 -8.36 -3.46
C SER H 30 10.89 -8.55 -4.13
N VAL H 31 10.88 -9.22 -5.29
CA VAL H 31 9.65 -9.50 -6.04
C VAL H 31 9.59 -11.01 -6.38
N TYR H 32 8.41 -11.62 -6.15
CA TYR H 32 8.12 -13.04 -6.39
C TYR H 32 7.01 -13.17 -7.40
N TRP H 33 7.05 -14.21 -8.25
CA TRP H 33 6.00 -14.47 -9.24
C TRP H 33 5.33 -15.81 -8.97
N TYR H 34 3.99 -15.85 -9.03
CA TYR H 34 3.20 -17.05 -8.74
C TYR H 34 2.15 -17.34 -9.80
N GLN H 35 1.96 -18.64 -10.10
CA GLN H 35 0.92 -19.08 -11.02
C GLN H 35 -0.12 -19.85 -10.25
N GLN H 36 -1.37 -19.39 -10.26
CA GLN H 36 -2.47 -20.06 -9.59
C GLN H 36 -3.49 -20.60 -10.60
N SER H 37 -3.64 -21.92 -10.59
CA SER H 37 -4.58 -22.71 -11.40
C SER H 37 -5.40 -23.60 -10.46
N LEU H 38 -6.51 -24.17 -10.96
CA LEU H 38 -7.43 -25.02 -10.17
C LEU H 38 -6.77 -26.32 -9.69
N ASP H 39 -6.04 -27.02 -10.58
CA ASP H 39 -5.42 -28.33 -10.32
C ASP H 39 -3.98 -28.28 -9.75
N GLN H 40 -3.35 -27.09 -9.65
CA GLN H 40 -1.98 -27.01 -9.13
C GLN H 40 -1.80 -26.04 -7.95
N GLY H 41 -2.80 -25.18 -7.68
CA GLY H 41 -2.75 -24.23 -6.58
C GLY H 41 -1.76 -23.10 -6.80
N LEU H 42 -1.36 -22.42 -5.71
CA LEU H 42 -0.42 -21.29 -5.76
C LEU H 42 1.04 -21.78 -5.88
N GLN H 43 1.54 -21.85 -7.12
CA GLN H 43 2.89 -22.35 -7.43
C GLN H 43 3.87 -21.23 -7.79
N PHE H 44 4.99 -21.19 -7.07
CA PHE H 44 6.07 -20.22 -7.22
C PHE H 44 6.81 -20.41 -8.54
N LEU H 45 6.99 -19.31 -9.29
CA LEU H 45 7.66 -19.36 -10.57
C LEU H 45 9.12 -18.89 -10.49
N ILE H 46 9.36 -17.64 -10.06
CA ILE H 46 10.71 -17.05 -9.98
C ILE H 46 10.74 -15.86 -8.97
N GLN H 47 11.93 -15.55 -8.43
CA GLN H 47 12.10 -14.46 -7.48
C GLN H 47 13.31 -13.58 -7.83
N TYR H 48 13.19 -12.29 -7.50
CA TYR H 48 14.21 -11.27 -7.75
C TYR H 48 14.53 -10.45 -6.50
N TYR H 49 15.77 -9.97 -6.41
CA TYR H 49 16.24 -9.07 -5.36
C TYR H 49 17.19 -8.04 -5.94
N ASN H 50 16.80 -6.75 -5.82
CA ASN H 50 17.51 -5.56 -6.26
C ASN H 50 18.06 -5.67 -7.71
N GLY H 51 17.25 -6.26 -8.60
CA GLY H 51 17.55 -6.39 -10.03
C GLY H 51 18.25 -7.67 -10.47
N GLU H 52 18.50 -8.61 -9.54
CA GLU H 52 19.18 -9.87 -9.83
C GLU H 52 18.31 -11.08 -9.46
N GLU H 53 18.48 -12.20 -10.18
CA GLU H 53 17.74 -13.44 -9.93
C GLU H 53 18.18 -14.05 -8.61
N ARG H 54 17.20 -14.46 -7.78
CA ARG H 54 17.44 -15.00 -6.46
C ARG H 54 17.04 -16.49 -6.37
N ALA H 55 15.87 -16.85 -6.91
CA ALA H 55 15.36 -18.21 -6.85
C ALA H 55 14.52 -18.56 -8.06
N LYS H 56 14.61 -19.83 -8.50
CA LYS H 56 13.87 -20.40 -9.61
C LYS H 56 12.97 -21.53 -9.11
N GLY H 57 11.71 -21.52 -9.50
CA GLY H 57 10.76 -22.56 -9.13
C GLY H 57 10.63 -23.55 -10.27
N ASN H 58 9.45 -24.21 -10.38
CA ASN H 58 9.17 -25.14 -11.49
C ASN H 58 8.59 -24.32 -12.66
N ILE H 59 9.42 -23.35 -13.12
CA ILE H 59 9.18 -22.42 -14.21
C ILE H 59 9.55 -23.13 -15.53
N LEU H 60 8.88 -22.74 -16.62
CA LEU H 60 9.12 -23.33 -17.94
C LEU H 60 10.21 -22.52 -18.70
N GLU H 61 10.71 -23.07 -19.82
CA GLU H 61 11.73 -22.42 -20.64
C GLU H 61 11.14 -21.18 -21.35
N ARG H 62 9.86 -21.27 -21.75
CA ARG H 62 9.10 -20.21 -22.43
C ARG H 62 8.89 -19.00 -21.52
N PHE H 63 8.73 -19.24 -20.20
CA PHE H 63 8.56 -18.20 -19.20
C PHE H 63 9.91 -17.59 -18.84
N SER H 64 10.01 -16.26 -18.92
CA SER H 64 11.20 -15.48 -18.58
C SER H 64 10.80 -14.29 -17.72
N ALA H 65 11.70 -13.81 -16.87
CA ALA H 65 11.41 -12.68 -16.00
C ALA H 65 12.61 -11.74 -15.91
N GLN H 66 12.41 -10.56 -15.29
CA GLN H 66 13.43 -9.51 -15.15
C GLN H 66 12.98 -8.46 -14.13
N GLN H 67 13.94 -7.93 -13.34
CA GLN H 67 13.69 -6.85 -12.39
C GLN H 67 14.56 -5.67 -12.80
N PHE H 68 13.92 -4.56 -13.14
CA PHE H 68 14.55 -3.32 -13.62
C PHE H 68 15.16 -2.50 -12.47
N PRO H 69 15.98 -1.43 -12.75
CA PRO H 69 16.55 -0.63 -11.65
C PRO H 69 15.50 0.12 -10.82
N ASP H 70 14.31 0.37 -11.41
CA ASP H 70 13.18 1.01 -10.74
C ASP H 70 12.45 -0.01 -9.80
N LEU H 71 13.01 -1.23 -9.69
CA LEU H 71 12.60 -2.39 -8.88
C LEU H 71 11.27 -3.05 -9.33
N HIS H 72 10.68 -2.59 -10.44
CA HIS H 72 9.46 -3.21 -10.97
C HIS H 72 9.86 -4.49 -11.75
N SER H 73 8.91 -5.43 -11.93
CA SER H 73 9.21 -6.70 -12.57
C SER H 73 8.36 -6.97 -13.80
N GLU H 74 8.91 -7.77 -14.74
CA GLU H 74 8.26 -8.18 -15.96
C GLU H 74 8.32 -9.70 -16.17
N LEU H 75 7.13 -10.35 -16.24
CA LEU H 75 7.03 -11.78 -16.51
C LEU H 75 6.57 -11.96 -17.96
N ASN H 76 7.49 -12.39 -18.83
CA ASN H 76 7.26 -12.61 -20.25
C ASN H 76 6.91 -14.09 -20.49
N LEU H 77 5.74 -14.36 -21.07
CA LEU H 77 5.24 -15.70 -21.37
C LEU H 77 5.14 -15.89 -22.89
N SER H 78 5.97 -16.77 -23.46
CA SER H 78 5.98 -17.01 -24.91
C SER H 78 5.35 -18.36 -25.27
N SER H 79 5.11 -18.59 -26.60
CA SER H 79 4.51 -19.79 -27.21
C SER H 79 3.41 -20.37 -26.30
N LEU H 80 2.42 -19.52 -25.95
CA LEU H 80 1.32 -19.81 -25.03
C LEU H 80 0.52 -21.04 -25.43
N GLU H 81 0.12 -21.81 -24.42
CA GLU H 81 -0.67 -23.04 -24.53
C GLU H 81 -1.96 -22.86 -23.76
N LEU H 82 -2.98 -23.69 -24.02
CA LEU H 82 -4.28 -23.60 -23.34
C LEU H 82 -4.14 -23.75 -21.81
N GLY H 83 -3.17 -24.57 -21.40
CA GLY H 83 -2.86 -24.82 -19.99
C GLY H 83 -2.32 -23.62 -19.23
N ASP H 84 -1.73 -22.65 -19.94
CA ASP H 84 -1.20 -21.41 -19.35
C ASP H 84 -2.32 -20.51 -18.80
N SER H 85 -3.60 -20.80 -19.15
CA SER H 85 -4.76 -20.06 -18.64
C SER H 85 -4.85 -20.27 -17.12
N ALA H 86 -4.43 -19.23 -16.38
CA ALA H 86 -4.37 -19.19 -14.92
C ALA H 86 -4.30 -17.76 -14.42
N LEU H 87 -4.30 -17.60 -13.07
CA LEU H 87 -4.16 -16.32 -12.38
C LEU H 87 -2.70 -16.12 -12.07
N TYR H 88 -2.11 -15.01 -12.52
CA TYR H 88 -0.69 -14.80 -12.30
C TYR H 88 -0.50 -13.70 -11.30
N PHE H 89 -0.16 -14.09 -10.06
CA PHE H 89 0.03 -13.17 -8.96
C PHE H 89 1.48 -12.79 -8.80
N CYS H 90 1.69 -11.56 -8.37
CA CYS H 90 2.98 -11.00 -8.08
C CYS H 90 3.03 -10.70 -6.60
N ALA H 91 4.20 -10.86 -6.00
CA ALA H 91 4.37 -10.62 -4.57
C ALA H 91 5.59 -9.77 -4.34
N SER H 92 5.57 -8.99 -3.26
CA SER H 92 6.65 -8.10 -2.90
C SER H 92 7.08 -8.32 -1.45
N SER H 93 8.41 -8.33 -1.22
CA SER H 93 9.02 -8.51 0.11
C SER H 93 10.13 -7.47 0.32
N ASN H 94 10.36 -7.06 1.59
CA ASN H 94 11.35 -6.04 1.96
C ASN H 94 12.79 -6.43 1.55
N ARG H 95 13.34 -7.52 2.11
CA ARG H 95 14.72 -7.94 1.84
C ARG H 95 14.79 -9.36 1.24
N GLY H 96 13.66 -10.05 1.21
CA GLY H 96 13.56 -11.42 0.71
C GLY H 96 14.29 -12.41 1.61
N LEU H 97 14.27 -12.17 2.94
CA LEU H 97 14.86 -13.02 3.98
C LEU H 97 13.76 -13.80 4.72
N GLY H 98 14.17 -14.76 5.55
CA GLY H 98 13.27 -15.65 6.28
C GLY H 98 12.11 -15.07 7.05
N THR H 99 12.30 -13.88 7.65
CA THR H 99 11.31 -13.22 8.51
C THR H 99 10.47 -12.16 7.76
N ASP H 100 10.77 -11.92 6.47
CA ASP H 100 10.03 -10.95 5.66
C ASP H 100 8.65 -11.46 5.27
N THR H 101 7.64 -10.59 5.41
CA THR H 101 6.25 -10.92 5.07
C THR H 101 6.00 -10.57 3.59
N GLN H 102 5.40 -11.50 2.85
CA GLN H 102 5.04 -11.31 1.46
C GLN H 102 3.75 -10.50 1.35
N TYR H 103 3.66 -9.66 0.35
CA TYR H 103 2.48 -8.87 0.09
C TYR H 103 2.15 -9.05 -1.37
N PHE H 104 0.95 -9.56 -1.65
CA PHE H 104 0.53 -9.86 -3.01
C PHE H 104 -0.12 -8.69 -3.74
N GLY H 105 -0.16 -8.85 -5.06
CA GLY H 105 -0.78 -7.94 -6.01
C GLY H 105 -2.15 -8.43 -6.40
N PRO H 106 -2.94 -7.64 -7.18
CA PRO H 106 -4.30 -8.08 -7.54
C PRO H 106 -4.32 -9.20 -8.57
N GLY H 107 -3.21 -9.36 -9.28
CA GLY H 107 -3.02 -10.43 -10.25
C GLY H 107 -3.63 -10.19 -11.60
N THR H 108 -2.88 -10.61 -12.63
CA THR H 108 -3.29 -10.61 -14.02
C THR H 108 -4.02 -11.93 -14.26
N ARG H 109 -5.14 -11.88 -14.98
CA ARG H 109 -5.90 -13.09 -15.30
C ARG H 109 -5.76 -13.37 -16.80
N LEU H 110 -5.04 -14.44 -17.11
CA LEU H 110 -4.75 -14.87 -18.48
C LEU H 110 -5.74 -15.93 -18.96
N THR H 111 -6.17 -15.80 -20.22
CA THR H 111 -7.03 -16.77 -20.88
C THR H 111 -6.50 -16.98 -22.29
N VAL H 112 -5.97 -18.19 -22.51
CA VAL H 112 -5.37 -18.65 -23.77
C VAL H 112 -6.41 -19.52 -24.47
N LEU H 113 -6.81 -19.11 -25.69
CA LEU H 113 -7.78 -19.84 -26.51
C LEU H 113 -7.09 -20.39 -27.75
N GLU H 114 -7.68 -21.44 -28.36
CA GLU H 114 -7.14 -22.05 -29.57
C GLU H 114 -7.17 -21.03 -30.72
N ASP H 115 -8.31 -20.36 -30.89
CA ASP H 115 -8.48 -19.30 -31.89
C ASP H 115 -9.42 -18.24 -31.31
N LEU H 116 -9.41 -17.02 -31.85
CA LEU H 116 -10.25 -15.94 -31.36
C LEU H 116 -11.68 -16.02 -31.94
N LYS H 117 -11.93 -16.99 -32.85
CA LYS H 117 -13.20 -17.25 -33.54
C LYS H 117 -14.34 -17.64 -32.58
N ASN H 118 -14.01 -18.31 -31.45
CA ASN H 118 -14.99 -18.81 -30.48
C ASN H 118 -15.45 -17.75 -29.47
N VAL H 119 -14.87 -16.53 -29.53
CA VAL H 119 -15.21 -15.43 -28.63
C VAL H 119 -16.60 -14.88 -28.97
N PHE H 120 -17.47 -14.80 -27.95
CA PHE H 120 -18.82 -14.29 -28.10
C PHE H 120 -19.16 -13.33 -26.97
N PRO H 121 -19.83 -12.21 -27.25
CA PRO H 121 -20.23 -11.30 -26.16
C PRO H 121 -21.55 -11.80 -25.50
N PRO H 122 -21.98 -11.25 -24.35
CA PRO H 122 -23.22 -11.77 -23.72
C PRO H 122 -24.52 -11.26 -24.34
N GLU H 123 -25.62 -11.98 -24.04
CA GLU H 123 -27.00 -11.64 -24.39
C GLU H 123 -27.69 -11.29 -23.08
N VAL H 124 -27.79 -9.99 -22.76
CA VAL H 124 -28.38 -9.52 -21.51
C VAL H 124 -29.91 -9.41 -21.65
N ALA H 125 -30.65 -10.00 -20.68
CA ALA H 125 -32.10 -9.98 -20.63
C ALA H 125 -32.61 -9.76 -19.19
N VAL H 126 -33.47 -8.74 -19.00
CA VAL H 126 -34.09 -8.40 -17.72
C VAL H 126 -35.46 -9.09 -17.68
N PHE H 127 -35.82 -9.63 -16.52
CA PHE H 127 -37.11 -10.29 -16.30
C PHE H 127 -37.79 -9.59 -15.13
N GLU H 128 -38.97 -9.03 -15.39
CA GLU H 128 -39.76 -8.25 -14.42
C GLU H 128 -40.30 -9.16 -13.28
N PRO H 129 -40.48 -8.62 -12.05
CA PRO H 129 -40.94 -9.48 -10.94
C PRO H 129 -42.32 -10.10 -11.12
N SER H 130 -42.53 -11.24 -10.45
CA SER H 130 -43.78 -11.98 -10.44
C SER H 130 -44.83 -11.22 -9.64
N GLU H 131 -46.08 -11.17 -10.14
CA GLU H 131 -47.18 -10.51 -9.43
C GLU H 131 -47.51 -11.29 -8.15
N ALA H 132 -47.18 -12.60 -8.13
CA ALA H 132 -47.37 -13.53 -7.02
C ALA H 132 -46.45 -13.18 -5.85
N GLU H 133 -45.16 -12.84 -6.14
CA GLU H 133 -44.15 -12.48 -5.13
C GLU H 133 -44.53 -11.16 -4.45
N ILE H 134 -44.93 -10.16 -5.25
CA ILE H 134 -45.37 -8.83 -4.81
C ILE H 134 -46.58 -8.96 -3.89
N SER H 135 -47.54 -9.83 -4.26
CA SER H 135 -48.77 -10.07 -3.48
C SER H 135 -48.51 -10.92 -2.22
N HIS H 136 -47.37 -11.64 -2.14
CA HIS H 136 -47.07 -12.52 -1.01
C HIS H 136 -46.08 -11.94 0.00
N THR H 137 -45.05 -11.20 -0.46
CA THR H 137 -44.01 -10.66 0.42
C THR H 137 -43.92 -9.14 0.43
N GLN H 138 -44.53 -8.46 -0.57
CA GLN H 138 -44.51 -7.01 -0.80
C GLN H 138 -43.08 -6.59 -1.16
N LYS H 139 -42.33 -7.56 -1.72
CA LYS H 139 -40.97 -7.47 -2.20
C LYS H 139 -40.96 -7.95 -3.65
N ALA H 140 -40.22 -7.25 -4.51
CA ALA H 140 -40.16 -7.52 -5.94
C ALA H 140 -38.72 -7.80 -6.39
N THR H 141 -38.48 -8.98 -7.02
CA THR H 141 -37.18 -9.42 -7.51
C THR H 141 -37.09 -9.34 -9.03
N LEU H 142 -36.11 -8.57 -9.52
CA LEU H 142 -35.77 -8.43 -10.94
C LEU H 142 -34.62 -9.35 -11.23
N VAL H 143 -34.79 -10.27 -12.18
CA VAL H 143 -33.74 -11.22 -12.54
C VAL H 143 -33.08 -10.77 -13.83
N CYS H 144 -31.74 -10.77 -13.85
CA CYS H 144 -30.96 -10.48 -15.05
C CYS H 144 -30.26 -11.73 -15.50
N LEU H 145 -30.38 -12.02 -16.79
CA LEU H 145 -29.74 -13.17 -17.40
C LEU H 145 -28.77 -12.71 -18.48
N ALA H 146 -27.52 -13.14 -18.37
CA ALA H 146 -26.46 -12.87 -19.34
C ALA H 146 -26.03 -14.21 -19.90
N THR H 147 -26.35 -14.47 -21.18
CA THR H 147 -26.08 -15.77 -21.78
C THR H 147 -25.21 -15.73 -23.04
N GLY H 148 -24.69 -16.90 -23.42
CA GLY H 148 -23.90 -17.17 -24.61
C GLY H 148 -22.59 -16.44 -24.78
N PHE H 149 -21.96 -15.97 -23.69
CA PHE H 149 -20.68 -15.27 -23.78
C PHE H 149 -19.50 -16.21 -23.56
N PHE H 150 -18.39 -15.93 -24.23
CA PHE H 150 -17.15 -16.69 -24.06
C PHE H 150 -15.95 -15.81 -24.37
N PRO H 151 -14.92 -15.72 -23.52
CA PRO H 151 -14.77 -16.37 -22.20
C PRO H 151 -15.49 -15.62 -21.07
N ASP H 152 -15.21 -15.98 -19.80
CA ASP H 152 -15.89 -15.49 -18.59
C ASP H 152 -15.31 -14.20 -17.95
N HIS H 153 -14.70 -13.31 -18.74
CA HIS H 153 -14.20 -12.03 -18.22
C HIS H 153 -15.34 -11.01 -18.24
N VAL H 154 -16.29 -11.14 -17.31
CA VAL H 154 -17.44 -10.22 -17.27
C VAL H 154 -17.65 -9.58 -15.89
N GLU H 155 -18.29 -8.41 -15.89
CA GLU H 155 -18.67 -7.65 -14.70
C GLU H 155 -20.13 -7.20 -14.90
N LEU H 156 -21.03 -7.73 -14.04
CA LEU H 156 -22.46 -7.44 -14.09
C LEU H 156 -22.83 -6.38 -13.04
N SER H 157 -23.68 -5.42 -13.43
CA SER H 157 -24.14 -4.36 -12.54
C SER H 157 -25.61 -3.96 -12.79
N TRP H 158 -26.29 -3.59 -11.68
CA TRP H 158 -27.69 -3.13 -11.65
C TRP H 158 -27.72 -1.62 -11.52
N TRP H 159 -28.59 -0.95 -12.30
CA TRP H 159 -28.69 0.51 -12.34
C TRP H 159 -30.11 1.00 -12.17
N VAL H 160 -30.41 1.67 -11.04
CA VAL H 160 -31.75 2.25 -10.84
C VAL H 160 -31.63 3.78 -11.00
N ASN H 161 -32.37 4.31 -11.98
CA ASN H 161 -32.46 5.72 -12.37
C ASN H 161 -31.06 6.34 -12.67
N GLY H 162 -30.30 5.64 -13.51
CA GLY H 162 -28.99 6.07 -13.98
C GLY H 162 -27.81 5.94 -13.03
N LYS H 163 -28.03 5.39 -11.81
CA LYS H 163 -26.99 5.24 -10.78
C LYS H 163 -26.91 3.78 -10.35
N GLU H 164 -25.69 3.31 -10.01
CA GLU H 164 -25.47 1.91 -9.64
C GLU H 164 -26.02 1.60 -8.25
N VAL H 165 -26.49 0.36 -8.07
CA VAL H 165 -27.04 -0.13 -6.80
C VAL H 165 -26.36 -1.43 -6.38
N HIS H 166 -26.25 -1.61 -5.06
CA HIS H 166 -25.66 -2.78 -4.44
C HIS H 166 -26.67 -3.39 -3.44
N SER H 167 -27.51 -2.55 -2.81
CA SER H 167 -28.57 -2.96 -1.88
C SER H 167 -29.58 -3.86 -2.60
N GLY H 168 -29.85 -5.04 -2.03
CA GLY H 168 -30.76 -6.03 -2.59
C GLY H 168 -30.27 -6.68 -3.88
N VAL H 169 -28.94 -6.62 -4.14
CA VAL H 169 -28.31 -7.16 -5.35
C VAL H 169 -27.39 -8.32 -5.00
N CYS H 170 -27.47 -9.41 -5.77
CA CYS H 170 -26.57 -10.55 -5.62
C CYS H 170 -26.38 -11.25 -6.99
N THR H 171 -25.13 -11.40 -7.39
CA THR H 171 -24.71 -12.03 -8.65
C THR H 171 -24.02 -13.36 -8.30
N ASP H 172 -24.14 -14.36 -9.19
CA ASP H 172 -23.51 -15.66 -9.00
C ASP H 172 -21.98 -15.50 -8.97
N PRO H 173 -21.28 -16.11 -8.00
CA PRO H 173 -19.81 -15.92 -7.93
C PRO H 173 -19.08 -16.51 -9.13
N GLN H 174 -19.68 -17.58 -9.72
CA GLN H 174 -19.16 -18.29 -10.87
C GLN H 174 -20.25 -18.52 -11.91
N PRO H 175 -19.94 -18.34 -13.21
CA PRO H 175 -20.96 -18.58 -14.25
C PRO H 175 -21.17 -20.07 -14.48
N LEU H 176 -22.28 -20.41 -15.17
CA LEU H 176 -22.62 -21.79 -15.57
C LEU H 176 -22.04 -22.06 -16.96
N LYS H 177 -21.90 -23.34 -17.31
CA LYS H 177 -21.49 -23.74 -18.65
C LYS H 177 -22.76 -24.14 -19.41
N GLU H 178 -23.03 -23.49 -20.57
CA GLU H 178 -24.21 -23.77 -21.40
C GLU H 178 -24.16 -25.23 -21.93
N GLN H 179 -22.96 -25.72 -22.27
CA GLN H 179 -22.71 -27.10 -22.73
C GLN H 179 -21.62 -27.69 -21.80
N PRO H 180 -21.97 -28.15 -20.56
CA PRO H 180 -20.92 -28.62 -19.62
C PRO H 180 -19.91 -29.67 -20.12
N ALA H 181 -20.22 -30.38 -21.22
CA ALA H 181 -19.34 -31.40 -21.80
C ALA H 181 -18.23 -30.78 -22.69
N LEU H 182 -18.39 -29.52 -23.10
CA LEU H 182 -17.43 -28.80 -23.94
C LEU H 182 -16.43 -28.04 -23.08
N ASN H 183 -15.14 -28.11 -23.46
CA ASN H 183 -14.07 -27.40 -22.74
C ASN H 183 -14.08 -25.91 -23.11
N ASP H 184 -14.59 -25.59 -24.31
CA ASP H 184 -14.70 -24.24 -24.87
C ASP H 184 -16.17 -23.79 -24.88
N SER H 185 -16.96 -24.25 -23.91
CA SER H 185 -18.39 -23.95 -23.79
C SER H 185 -18.65 -22.50 -23.48
N ARG H 186 -19.74 -21.95 -24.06
CA ARG H 186 -20.19 -20.58 -23.81
C ARG H 186 -20.78 -20.56 -22.40
N TYR H 187 -20.74 -19.40 -21.72
CA TYR H 187 -21.19 -19.29 -20.34
C TYR H 187 -22.53 -18.56 -20.20
N ALA H 188 -23.15 -18.77 -19.04
CA ALA H 188 -24.39 -18.12 -18.61
C ALA H 188 -24.22 -17.60 -17.16
N LEU H 189 -24.79 -16.42 -16.87
CA LEU H 189 -24.68 -15.80 -15.55
C LEU H 189 -25.99 -15.12 -15.16
N SER H 190 -26.43 -15.31 -13.92
CA SER H 190 -27.66 -14.70 -13.42
C SER H 190 -27.38 -13.75 -12.24
N SER H 191 -28.25 -12.74 -12.09
CA SER H 191 -28.18 -11.77 -11.00
C SER H 191 -29.58 -11.35 -10.60
N ARG H 192 -29.74 -10.96 -9.34
CA ARG H 192 -31.05 -10.54 -8.84
C ARG H 192 -30.99 -9.13 -8.23
N LEU H 193 -32.06 -8.32 -8.43
CA LEU H 193 -32.22 -7.01 -7.80
C LEU H 193 -33.57 -6.99 -7.11
N ARG H 194 -33.55 -6.96 -5.78
CA ARG H 194 -34.77 -6.96 -4.98
C ARG H 194 -35.03 -5.58 -4.39
N VAL H 195 -36.26 -5.11 -4.59
CA VAL H 195 -36.77 -3.82 -4.12
C VAL H 195 -38.15 -4.04 -3.52
N SER H 196 -38.69 -3.04 -2.80
CA SER H 196 -40.04 -3.14 -2.24
C SER H 196 -41.07 -3.10 -3.37
N ALA H 197 -42.27 -3.68 -3.13
CA ALA H 197 -43.34 -3.72 -4.13
C ALA H 197 -43.68 -2.30 -4.61
N THR H 198 -43.79 -1.35 -3.66
CA THR H 198 -44.12 0.06 -3.89
C THR H 198 -43.05 0.73 -4.79
N PHE H 199 -41.75 0.42 -4.60
CA PHE H 199 -40.67 1.00 -5.41
C PHE H 199 -40.80 0.53 -6.86
N TRP H 200 -41.03 -0.78 -7.08
CA TRP H 200 -41.22 -1.34 -8.43
C TRP H 200 -42.53 -0.82 -9.06
N GLN H 201 -43.59 -0.61 -8.24
CA GLN H 201 -44.90 -0.14 -8.71
C GLN H 201 -44.85 1.28 -9.31
N ASN H 202 -43.84 2.11 -8.93
CA ASN H 202 -43.66 3.46 -9.46
C ASN H 202 -43.17 3.40 -10.92
N PRO H 203 -43.97 3.91 -11.90
CA PRO H 203 -43.55 3.83 -13.31
C PRO H 203 -42.44 4.81 -13.68
N ARG H 204 -42.14 5.78 -12.78
CA ARG H 204 -41.09 6.79 -12.95
C ARG H 204 -39.71 6.19 -12.60
N ASN H 205 -39.68 4.91 -12.16
CA ASN H 205 -38.44 4.22 -11.80
C ASN H 205 -37.91 3.39 -12.96
N HIS H 206 -36.67 3.68 -13.39
CA HIS H 206 -36.00 2.99 -14.50
C HIS H 206 -34.92 2.02 -13.99
N PHE H 207 -35.05 0.74 -14.36
CA PHE H 207 -34.15 -0.34 -13.99
C PHE H 207 -33.36 -0.81 -15.21
N ARG H 208 -32.04 -1.01 -15.05
CA ARG H 208 -31.19 -1.45 -16.14
C ARG H 208 -30.09 -2.38 -15.63
N CYS H 209 -29.93 -3.53 -16.30
CA CYS H 209 -28.87 -4.49 -16.00
C CYS H 209 -27.85 -4.42 -17.12
N GLN H 210 -26.60 -4.10 -16.80
CA GLN H 210 -25.56 -4.04 -17.83
C GLN H 210 -24.41 -4.94 -17.46
N VAL H 211 -23.81 -5.55 -18.48
CA VAL H 211 -22.67 -6.44 -18.36
C VAL H 211 -21.51 -5.89 -19.17
N GLN H 212 -20.37 -5.67 -18.52
CA GLN H 212 -19.14 -5.27 -19.18
C GLN H 212 -18.44 -6.56 -19.63
N PHE H 213 -18.24 -6.69 -20.94
CA PHE H 213 -17.58 -7.84 -21.53
C PHE H 213 -16.17 -7.46 -21.96
N TYR H 214 -15.19 -8.30 -21.63
CA TYR H 214 -13.81 -8.12 -22.04
C TYR H 214 -13.54 -9.07 -23.20
N GLY H 215 -13.14 -8.52 -24.34
CA GLY H 215 -12.88 -9.29 -25.54
C GLY H 215 -11.62 -8.90 -26.27
N LEU H 216 -11.67 -8.94 -27.61
CA LEU H 216 -10.53 -8.63 -28.48
C LEU H 216 -10.38 -7.13 -28.66
N SER H 217 -9.13 -6.65 -28.73
CA SER H 217 -8.84 -5.23 -28.92
C SER H 217 -8.86 -4.86 -30.42
N GLU H 218 -8.80 -3.54 -30.73
CA GLU H 218 -8.82 -2.98 -32.09
C GLU H 218 -7.69 -3.55 -32.99
N ASN H 219 -6.55 -3.94 -32.40
CA ASN H 219 -5.38 -4.47 -33.11
C ASN H 219 -5.54 -5.95 -33.55
N ASP H 220 -6.52 -6.69 -32.96
CA ASP H 220 -6.77 -8.10 -33.28
C ASP H 220 -7.47 -8.24 -34.65
N GLU H 221 -7.30 -9.39 -35.33
CA GLU H 221 -7.89 -9.63 -36.66
C GLU H 221 -9.29 -10.24 -36.59
N TRP H 222 -10.14 -9.87 -37.57
CA TRP H 222 -11.52 -10.36 -37.70
C TRP H 222 -11.95 -10.30 -39.17
N THR H 223 -12.45 -11.44 -39.68
CA THR H 223 -12.89 -11.60 -41.07
C THR H 223 -14.28 -12.26 -41.18
N GLN H 224 -14.83 -12.73 -40.05
CA GLN H 224 -16.16 -13.38 -40.01
C GLN H 224 -17.30 -12.36 -40.26
N ASP H 225 -18.43 -12.88 -40.80
CA ASP H 225 -19.62 -12.09 -41.17
C ASP H 225 -20.26 -11.39 -39.95
N ARG H 226 -20.22 -12.02 -38.75
CA ARG H 226 -20.75 -11.41 -37.53
C ARG H 226 -19.78 -10.33 -37.02
N ALA H 227 -20.33 -9.34 -36.28
CA ALA H 227 -19.56 -8.24 -35.71
C ALA H 227 -18.49 -8.73 -34.76
N LYS H 228 -17.30 -8.13 -34.84
CA LYS H 228 -16.15 -8.43 -34.00
C LYS H 228 -16.55 -8.36 -32.52
N PRO H 229 -16.24 -9.41 -31.74
CA PRO H 229 -16.61 -9.41 -30.32
C PRO H 229 -15.60 -8.62 -29.48
N VAL H 230 -15.59 -7.32 -29.70
CA VAL H 230 -14.74 -6.36 -28.99
C VAL H 230 -15.18 -6.23 -27.53
N THR H 231 -14.30 -5.71 -26.65
CA THR H 231 -14.66 -5.47 -25.25
C THR H 231 -15.77 -4.39 -25.31
N GLN H 232 -16.98 -4.73 -24.86
CA GLN H 232 -18.15 -3.88 -25.00
C GLN H 232 -19.10 -3.97 -23.81
N ILE H 233 -20.18 -3.16 -23.83
CA ILE H 233 -21.22 -3.17 -22.82
C ILE H 233 -22.51 -3.60 -23.50
N VAL H 234 -23.14 -4.65 -22.95
CA VAL H 234 -24.43 -5.17 -23.40
C VAL H 234 -25.40 -4.92 -22.25
N SER H 235 -26.60 -4.37 -22.54
CA SER H 235 -27.56 -4.05 -21.47
C SER H 235 -29.01 -4.28 -21.89
N ALA H 236 -29.83 -4.54 -20.86
CA ALA H 236 -31.28 -4.72 -20.93
C ALA H 236 -31.92 -3.82 -19.87
N GLU H 237 -33.08 -3.23 -20.18
CA GLU H 237 -33.74 -2.30 -19.25
C GLU H 237 -35.24 -2.58 -19.10
N ALA H 238 -35.84 -2.06 -18.00
CA ALA H 238 -37.27 -2.19 -17.69
C ALA H 238 -37.77 -1.05 -16.78
N TRP H 239 -38.98 -0.55 -17.07
CA TRP H 239 -39.64 0.52 -16.30
C TRP H 239 -40.65 -0.10 -15.33
N GLY H 240 -40.99 0.65 -14.28
CA GLY H 240 -41.97 0.21 -13.28
C GLY H 240 -43.38 0.04 -13.82
N ARG H 241 -44.10 -0.99 -13.34
CA ARG H 241 -45.47 -1.29 -13.77
C ARG H 241 -46.51 -0.93 -12.69
N ALA H 242 -47.75 -0.67 -13.13
CA ALA H 242 -48.89 -0.33 -12.27
C ALA H 242 -49.35 -1.54 -11.47
N GLY I 1 -18.67 26.77 -11.53
CA GLY I 1 -19.39 26.92 -12.79
C GLY I 1 -19.27 25.69 -13.67
N PRO I 2 -18.71 25.83 -14.89
CA PRO I 2 -18.55 24.65 -15.77
C PRO I 2 -17.54 23.65 -15.21
N GLN I 3 -17.82 22.34 -15.41
CA GLN I 3 -16.96 21.27 -14.94
C GLN I 3 -16.03 20.79 -16.02
N GLN I 4 -14.81 20.42 -15.63
CA GLN I 4 -13.79 19.96 -16.58
C GLN I 4 -13.51 18.45 -16.44
N SER I 5 -13.10 17.84 -17.56
CA SER I 5 -12.69 16.45 -17.61
C SER I 5 -11.22 16.38 -17.15
N PHE I 6 -10.93 15.56 -16.12
CA PHE I 6 -9.58 15.42 -15.54
C PHE I 6 -8.75 14.34 -16.25
N PRO I 7 -7.54 14.70 -16.74
CA PRO I 7 -6.71 13.71 -17.43
C PRO I 7 -6.05 12.71 -16.49
N GLU I 8 -5.86 11.49 -16.98
CA GLU I 8 -5.17 10.45 -16.20
C GLU I 8 -3.65 10.57 -16.43
N GLN I 9 -2.89 10.17 -15.41
CA GLN I 9 -1.44 10.26 -15.35
C GLN I 9 -0.72 8.95 -15.73
N GLU I 10 0.37 9.10 -16.48
CA GLU I 10 1.24 8.02 -16.96
C GLU I 10 2.27 7.59 -15.90
N ALA I 11 2.79 6.34 -16.04
CA ALA I 11 3.81 5.74 -15.15
C ALA I 11 5.14 6.49 -15.20
N GLY J 1 19.42 -26.47 11.13
CA GLY J 1 20.17 -26.53 12.38
C GLY J 1 20.39 -25.17 13.03
N PRO J 2 21.55 -24.50 12.78
CA PRO J 2 21.78 -23.17 13.39
C PRO J 2 20.98 -22.07 12.70
N GLN J 3 20.46 -21.13 13.49
CA GLN J 3 19.68 -19.99 12.99
C GLN J 3 20.53 -18.73 12.92
N GLN J 4 20.16 -17.80 12.03
CA GLN J 4 20.93 -16.57 11.87
C GLN J 4 20.09 -15.29 12.06
N SER J 5 20.78 -14.19 12.38
CA SER J 5 20.20 -12.85 12.50
C SER J 5 20.15 -12.23 11.10
N PHE J 6 18.97 -11.69 10.70
CA PHE J 6 18.74 -11.11 9.38
C PHE J 6 18.89 -9.57 9.45
N PRO J 7 19.81 -8.97 8.66
CA PRO J 7 20.03 -7.52 8.77
C PRO J 7 18.95 -6.71 8.10
N GLU J 8 18.53 -5.64 8.78
CA GLU J 8 17.52 -4.73 8.25
C GLU J 8 18.10 -3.89 7.14
N GLN J 9 17.26 -3.58 6.15
CA GLN J 9 17.58 -2.85 4.94
C GLN J 9 17.44 -1.32 5.08
N GLU J 10 18.40 -0.58 4.50
CA GLU J 10 18.40 0.88 4.46
C GLU J 10 17.43 1.38 3.38
N ALA J 11 17.12 2.70 3.37
CA ALA J 11 16.22 3.37 2.44
C ALA J 11 16.77 3.36 1.00
C1 NAG K . 48.74 -9.04 -1.22
C2 NAG K . 48.81 -7.54 -1.47
C3 NAG K . 48.33 -7.28 -2.89
C4 NAG K . 49.19 -8.05 -3.89
C5 NAG K . 49.20 -9.55 -3.54
C6 NAG K . 50.19 -10.35 -4.35
C7 NAG K . 48.47 -6.05 0.48
C8 NAG K . 47.48 -5.63 1.53
N2 NAG K . 47.98 -6.84 -0.49
O3 NAG K . 48.37 -5.89 -3.17
O4 NAG K . 48.67 -7.83 -5.21
O5 NAG K . 49.58 -9.71 -2.16
O6 NAG K . 49.69 -10.67 -5.64
O7 NAG K . 49.64 -5.71 0.52
C1 NAG K . 49.56 -7.37 -6.22
C2 NAG K . 48.89 -7.54 -7.59
C3 NAG K . 49.88 -7.07 -8.66
C4 NAG K . 50.33 -5.64 -8.39
C5 NAG K . 50.90 -5.52 -6.98
C6 NAG K . 51.25 -4.10 -6.58
C7 NAG K . 47.26 -9.40 -7.72
C8 NAG K . 47.09 -10.86 -8.02
N2 NAG K . 48.53 -8.92 -7.81
O3 NAG K . 49.25 -7.15 -9.94
O4 NAG K . 51.31 -5.26 -9.35
O5 NAG K . 49.93 -5.99 -6.03
O6 NAG K . 52.40 -3.63 -7.28
O7 NAG K . 46.32 -8.68 -7.41
C1 NAG L . 7.22 34.44 -34.82
C2 NAG L . 8.20 33.40 -35.37
C3 NAG L . 9.43 33.37 -34.46
C4 NAG L . 10.05 34.75 -34.36
C5 NAG L . 9.01 35.75 -33.85
C6 NAG L . 9.49 37.19 -33.84
C7 NAG L . 7.39 31.39 -36.57
C8 NAG L . 6.64 30.11 -36.45
N2 NAG L . 7.57 32.08 -35.43
O3 NAG L . 10.38 32.43 -34.95
O4 NAG L . 11.18 34.72 -33.49
O5 NAG L . 7.85 35.72 -34.70
O6 NAG L . 9.70 37.70 -35.15
O7 NAG L . 7.80 31.80 -37.66
C1 NAG L . 12.45 35.09 -34.01
C2 NAG L . 13.28 35.70 -32.89
C3 NAG L . 14.79 35.49 -33.05
C4 NAG L . 15.19 35.33 -34.52
C5 NAG L . 14.34 34.29 -35.26
C6 NAG L . 15.07 32.98 -35.51
C7 NAG L . 12.32 37.58 -31.61
C8 NAG L . 12.11 39.06 -31.57
N2 NAG L . 12.97 37.11 -32.69
O3 NAG L . 15.22 34.39 -32.28
O4 NAG L . 15.16 36.57 -35.22
O5 NAG L . 13.15 33.96 -34.53
O6 NAG L . 15.26 32.23 -34.31
O7 NAG L . 11.92 36.85 -30.71
C1 NAG M . 27.55 16.12 3.65
C2 NAG M . 27.25 16.25 5.15
C3 NAG M . 26.09 17.23 5.27
C4 NAG M . 26.47 18.60 4.70
C5 NAG M . 26.98 18.46 3.26
C6 NAG M . 27.63 19.72 2.75
C7 NAG M . 27.79 14.36 6.62
C8 NAG M . 27.24 13.16 7.34
N2 NAG M . 26.94 15.00 5.80
O3 NAG M . 25.72 17.38 6.64
O4 NAG M . 25.36 19.48 4.74
O5 NAG M . 27.97 17.41 3.17
O6 NAG M . 28.09 19.60 1.41
O7 NAG M . 28.95 14.73 6.78
C1 NAG N . 22.09 -17.82 39.13
C2 NAG N . 21.73 -16.71 40.12
C3 NAG N . 21.10 -17.39 41.34
C4 NAG N . 19.77 -18.03 40.93
C5 NAG N . 19.91 -18.94 39.71
C6 NAG N . 18.97 -18.61 38.57
C7 NAG N . 24.05 -16.26 40.99
C8 NAG N . 25.06 -15.18 41.24
N2 NAG N . 22.85 -15.85 40.52
O3 NAG N . 20.89 -16.47 42.40
O4 NAG N . 19.23 -18.76 42.03
O5 NAG N . 21.26 -19.00 39.19
O6 NAG N . 18.76 -19.75 37.76
O7 NAG N . 24.31 -17.45 41.21
C1 NAG O . 11.98 2.43 -30.25
C2 NAG O . 11.31 2.13 -31.60
C3 NAG O . 10.31 0.98 -31.44
C4 NAG O . 10.99 -0.26 -30.84
C5 NAG O . 11.65 0.11 -29.51
C6 NAG O . 12.48 -1.02 -28.94
C7 NAG O . 10.41 3.57 -33.41
C8 NAG O . 9.65 4.83 -33.71
N2 NAG O . 10.62 3.31 -32.11
O3 NAG O . 9.74 0.63 -32.71
O4 NAG O . 10.03 -1.28 -30.64
O5 NAG O . 12.55 1.22 -29.71
O6 NAG O . 13.19 -0.62 -27.78
O7 NAG O . 10.80 2.82 -34.30
C1 NAG P . -36.35 12.13 -30.19
C2 NAG P . -36.80 10.78 -30.75
C3 NAG P . -38.19 10.50 -30.20
C4 NAG P . -38.15 10.44 -28.68
C5 NAG P . -37.67 11.75 -28.08
C6 NAG P . -36.65 11.59 -26.98
C7 NAG P . -35.97 10.11 -32.99
C8 NAG P . -36.28 10.11 -34.45
N2 NAG P . -36.83 10.81 -32.21
O3 NAG P . -38.71 9.27 -30.73
O4 NAG P . -39.45 10.13 -28.17
O5 NAG P . -37.13 12.64 -29.08
O6 NAG P . -36.45 12.82 -26.28
O7 NAG P . -35.01 9.50 -32.53
#